data_9CTJ
#
_entry.id   9CTJ
#
_cell.length_a   1.00
_cell.length_b   1.00
_cell.length_c   1.00
_cell.angle_alpha   90.00
_cell.angle_beta   90.00
_cell.angle_gamma   90.00
#
_symmetry.space_group_name_H-M   'P 1'
#
loop_
_entity.id
_entity.type
_entity.pdbx_description
1 polymer 'Gamma-aminobutyric acid receptor subunit beta-2'
2 polymer 'Gamma-aminobutyric acid receptor subunit alpha-1'
3 polymer 'Gamma-aminobutyric acid receptor subunit beta-3'
4 polymer 'Gamma-aminobutyric acid receptor subunit alpha-2'
5 polymer 'Gamma-aminobutyric acid receptor subunit gamma-2'
6 polymer 'Kappa Fab_1F4 Light Chain'
7 polymer 'IgG2b Fab_1F4 Heavy Chain'
8 branched beta-D-mannopyranose-(1-4)-2-acetamido-2-deoxy-beta-D-glucopyranose-(1-4)-2-acetamido-2-deoxy-beta-D-glucopyranose
9 branched alpha-D-mannopyranose-(1-2)-alpha-D-mannopyranose-(1-3)-[alpha-D-mannopyranose-(1-3)-alpha-D-mannopyranose-(1-6)]beta-D-mannopyranose-(1-4)-2-acetamido-2-deoxy-beta-D-glucopyranose-(1-4)-2-acetamido-2-deoxy-beta-D-glucopyranose
10 branched 2-acetamido-2-deoxy-beta-D-glucopyranose-(1-4)-2-acetamido-2-deoxy-beta-D-glucopyranose
11 non-polymer 2-acetamido-2-deoxy-beta-D-glucopyranose
#
loop_
_entity_poly.entity_id
_entity_poly.type
_entity_poly.pdbx_seq_one_letter_code
_entity_poly.pdbx_strand_id
1 'polypeptide(L)'
;QSVNDPSNMSLVKETVDRLLKGYDIRLRPDFGGPPVAVGMNIDIASIDMVSEVNMDYTLTMYFQQAWRDKRLSYNVIPLN
LTLDNRVADQLWVPDTYFLNDKKSFVHGVTVKNRMIRLHPDGTVLYGLRITTTAACMMDLRRYPLDEQNCTLEIESYGYT
TDDIEFYWRGDDNAVTGVTKIELPQFSIVDYKLITKKVVFSTGSYPRLSLSFKLKRNIGYFILQTYMPSILITILSWVSF
WINYDASAARVALGITTVLTMTTINTHLRETLPKIPYVKAIDMYLMGCFVFVFMALLEYALVNYIFFGRGPQRQKKAAEK
AASANNEKMRLDVNKIFYKDIKQNGTQYRSLWDPTGNLSPTRRTTNYDFSLYTMDPHENILLSTLEIKNEMATSEAVMGL
GDPRSTMLAYDASSIQYRKAGLPRHSFGRNALERHVAQKKSRLRRRASQLKITIPDLTDVNAIDRWSRIFFPVVFSFFNI
VYWLYYVN
;
A
2 'polypeptide(L)'
;QPSLQDELKDNTTVFTRILDRLLDGYDNRLRPGLGERVTEVKTDIFVTSFGPVSDHDMEYTIDVFFRQSWKDERLKFKGP
MTVLRLNNLMASKIWTPDTFFHNGKKSVAHNMTMPNKLLRITEDGTLLYTMRLTVRAECPMHLEDFPMDAHACPLKFGSY
AYTRAEVVYEWTREPARSVVVAEDGSRLNQYDLLGQTVDSGIVQSSTGEYVVMTTHFHLKRKIGYFVIQTYLPCIMTVIL
SQVSFWLNRESVPARTVFGVTTVLTMTTLSISARNSLPKVAYATAMDWFIAVCYAFVFSALIEFATVNYFTKRGYAWDGK
SVVPEKPKKVKDPLIKKNNTYAPTATSYTPNLARGDPGLATIAKSATIEPKEVKPETKPPEPKKTFNSVSKIDRLSRIAF
PLLFGIFNLVYWATYLNREPQLKAPTPHQ
;
B
3 'polypeptide(L)'
;QSVNDPGNMSFVKETVDKLLKGYDIRLRPDFGGPPVCVGMNIDIASIDMVSEVNMDYTLTMYFQQYWRDKRLAYSGIPLN
LTLDNRVADQLWVPDTYFLNDKKSFVHGVTVKNRMIRLHPDGTVLYGLRITTTAACMMDLRRYPLDEQNCTLEIESYGYT
TDDIEFYWRGGDKAVTGVERIELPQFSIVEHRLVSRNVVFATGAYPRLSLSFRLKRNIGYFILQTYMPSILITILSWVSF
WINYDASAARVALGITTVLTMTTINTHLRETLPKIPYVKAIDMYLMGCFVFVFLALLEYAFVNYIFFGRGPQRQKKLAEK
TAKAKNDRSKSESNRVDAHGNILLTSLEVHNEMNEVSGGIGDTRNSAISFDNSGIQYRKQSMPREGHGRFLGDRSLPHKK
THLRRRSSQLKIKIPDLTDVNAIDRWSRIVFPFTFSLFNLVYWLYYVN
;
C
4 'polypeptide(L)'
;NIQEDEAKNNITIFTRILDRLLDGYDNRLRPGLGDSITEVFTNIYVTSFGPVSDTDMEYTIDVFFRQKWKDERLKFKGPM
NILRLNNLMASKIWTPDTFFHNGKKSVAHNMTMPNKLLRIQDDGTLLYTMRLTVQAECPMHLEDFPMDAHSCPLKFGSYA
YTTSEVTYIWTYNASDSVQVAPDGSRLNQYDLLGQSIGKETIKSSTGEYTVMTAHFHLKRKIGYFVIQTYLPCIMTVILS
QVSFWLNRESVPARTVFGVTTVLTMTTLSISARNSLPKVAYATAMDWFIAVCYAFVFSALIEFATVNYFTKRGWAWDGKS
VVNDKKKEKASVMIQNNAYAVAVANYAPNLSKDPVLSTISKSATTPEPNKKPENKPAEAKKTFNSVSKIDRMSRIVFPVL
FGTFNLVYWATYLNREPVLGVSP
;
D
5 'polypeptide(L)'
;QKSDDDYEDYASNKTWVLTPKVPEGDVTVILNNLLEGYDNKLRPDIGVKPTLIHTDMYVNSIGPVNAINMEYTIDIFFAQ
TWYDRRLKFNSTIKVLRLNSNMVGKIWIPDTFFRNSKKADAHWITTPNRMLRIWNDGRVLYTLRLTIDAECQLQLHNFPM
DEHSCPLEFSSYGYPREEIVYQWKRSSVEVGDTRSWRLYQFSFVGLRNTTEVVKTTSGDYVVMSVYFDLSRRMGYFTIQT
YIPCTLIVVLSWVSFWINKDAVPARTSLGITTVLTMTTLSTIARKSLPKVSYVTAMDLFVSVCFIFVFSALVEYGTLHYF
VSNRKPSKDKDKKKKNPLLRMFSFKAPTIDIRPRSATIQMNNATHLQERDEEYGYECLDGKDCASFFCCFEDCRTGAWRH
GRIHIRIAKMDSYARIFFPTAFCLFNLVYWVSYLYL
;
E
6 'polypeptide(L)'
;NIVMTQSPKSMSMSVGERVTLSCKASEYVGTYVSWYQQKPEQSPKLLIYGASNRYTGVPDRFTGSGSATDFTLTIGSVQA
EDLADYHCGQSYSYPTFGAGTKLELKRADAAPTVSIFPPSSEQLTSGGASVVCFLNNFYPKDINVKWKIDGSERQNGVLN
SWTDQDSKDSTYSMSSTLTLTKDEYERHNSYTCEATHKTSTSPIVKSFNRNEC
;
I
7 'polypeptide(L)'
;EVQLQQSGAELVKPGASVKLSCTASGFNIKDTYMYWVKQRPEQGLEWIGRIDPANGDTKYDPKFQGKATITTDTFSNTAY
LQLSSLTSEDTAVYYCARKGLRWAMDYWGQGTSVTVSTAKTTPPSVYPLAPGCGDTTGSSVTLGCLVKGYFPESVTVTWN
SGSLSSSVHTFPALLQSGLYTMSSSVTVPSSTWPSQTVTCSVAHPASSTTVDKKLEPSGPISTINPCPPCKECHKCPAPN
LEGGPSVFIFPPNIKDVLMISLTPKVTCVVVDVSEDDPDVQISWFVNNVEVHTAQTQTHREDYNSTIRVVSTLPIQHQDW
MSGKEFKCKVNNKDLPSPIERTISKIKGLVRAPQVYILPPPAEQLSRKDVSLTCLVVGFNPGDISVEWTSNGHTEENYKD
TAPVLDSDGSYFIYSKLNMKTSKWEKTDSFSCNVRHEGLKNYYLKKTISRSPGK
;
J
#
loop_
_chem_comp.id
_chem_comp.type
_chem_comp.name
_chem_comp.formula
BMA D-saccharide, beta linking beta-D-mannopyranose 'C6 H12 O6'
MAN D-saccharide, alpha linking alpha-D-mannopyranose 'C6 H12 O6'
NAG D-saccharide, beta linking 2-acetamido-2-deoxy-beta-D-glucopyranose 'C8 H15 N O6'
#
# COMPACT_ATOMS: atom_id res chain seq x y z
N ASN A 8 32.65 31.95 29.80
CA ASN A 8 31.55 30.96 29.70
C ASN A 8 31.43 30.42 28.28
N MET A 9 31.61 31.25 27.25
CA MET A 9 31.38 30.67 25.90
C MET A 9 32.45 29.61 25.64
N SER A 10 33.72 29.99 25.69
CA SER A 10 34.74 28.98 25.34
C SER A 10 34.49 27.78 26.25
N LEU A 11 33.97 28.02 27.45
CA LEU A 11 33.73 26.93 28.41
C LEU A 11 32.73 25.96 27.80
N VAL A 12 31.46 26.37 27.71
CA VAL A 12 30.41 25.43 27.21
C VAL A 12 30.85 24.89 25.86
N LYS A 13 31.84 25.52 25.21
CA LYS A 13 32.32 24.91 23.95
C LYS A 13 33.26 23.74 24.26
N GLU A 14 34.50 24.05 24.60
CA GLU A 14 35.49 22.97 24.84
C GLU A 14 34.82 21.86 25.61
N THR A 15 33.89 22.22 26.48
CA THR A 15 33.34 21.12 27.26
C THR A 15 32.57 20.14 26.38
N VAL A 16 31.73 20.66 25.48
CA VAL A 16 31.00 19.79 24.55
C VAL A 16 31.95 19.09 23.58
N ASP A 17 32.99 19.80 23.11
CA ASP A 17 34.00 19.20 22.25
C ASP A 17 34.79 18.12 22.98
N ARG A 18 35.01 18.30 24.29
CA ARG A 18 35.67 17.25 25.07
C ARG A 18 34.76 16.04 25.24
N LEU A 19 33.47 16.26 25.49
CA LEU A 19 32.54 15.17 25.71
C LEU A 19 32.33 14.33 24.45
N LEU A 20 32.28 14.99 23.29
CA LEU A 20 32.05 14.27 22.03
C LEU A 20 33.33 13.72 21.41
N LYS A 21 34.46 13.93 22.07
CA LYS A 21 35.70 13.33 21.53
C LYS A 21 35.94 12.00 22.24
N GLY A 22 36.38 11.01 21.48
CA GLY A 22 36.59 9.68 22.04
C GLY A 22 35.31 8.99 22.44
N TYR A 23 34.18 9.38 21.86
CA TYR A 23 32.88 8.81 22.17
C TYR A 23 32.61 7.68 21.19
N ASP A 24 32.47 6.46 21.70
CA ASP A 24 32.16 5.30 20.86
C ASP A 24 30.66 5.09 20.89
N ILE A 25 30.00 5.48 19.79
CA ILE A 25 28.54 5.35 19.68
C ILE A 25 28.14 3.89 19.50
N ARG A 26 29.06 3.04 19.04
CA ARG A 26 28.74 1.63 18.80
C ARG A 26 28.58 0.86 20.11
N LEU A 27 29.13 1.38 21.20
CA LEU A 27 29.10 0.71 22.49
C LEU A 27 28.07 1.39 23.40
N ARG A 28 27.27 0.57 24.09
CA ARG A 28 26.33 1.09 25.06
C ARG A 28 27.07 1.58 26.31
N PRO A 29 26.43 2.42 27.13
CA PRO A 29 27.01 2.75 28.43
C PRO A 29 27.17 1.51 29.31
N ASP A 30 28.30 1.40 30.00
CA ASP A 30 28.58 0.17 30.80
C ASP A 30 28.47 -1.04 29.88
N PHE A 31 28.97 -0.93 28.64
CA PHE A 31 28.84 -2.02 27.65
C PHE A 31 29.18 -3.38 28.27
N GLY A 32 30.34 -3.48 28.93
CA GLY A 32 30.77 -4.77 29.49
C GLY A 32 30.45 -4.88 30.97
N GLY A 33 29.35 -4.25 31.42
CA GLY A 33 29.02 -4.26 32.85
C GLY A 33 27.51 -4.37 33.10
N PRO A 34 26.99 -3.75 34.17
CA PRO A 34 25.56 -3.85 34.51
C PRO A 34 24.68 -3.25 33.43
N PRO A 35 23.41 -3.64 33.34
CA PRO A 35 22.52 -3.04 32.35
C PRO A 35 22.25 -1.58 32.66
N VAL A 36 21.98 -0.81 31.61
CA VAL A 36 21.66 0.60 31.76
C VAL A 36 20.16 0.76 31.96
N ALA A 37 19.79 1.54 32.97
CA ALA A 37 18.38 1.75 33.31
C ALA A 37 17.82 2.92 32.52
N VAL A 38 16.75 2.68 31.77
CA VAL A 38 16.15 3.67 30.90
C VAL A 38 14.72 3.93 31.36
N GLY A 39 14.44 5.15 31.76
CA GLY A 39 13.12 5.53 32.23
C GLY A 39 12.36 6.27 31.14
N MET A 40 11.05 6.00 31.06
CA MET A 40 10.26 6.43 29.93
C MET A 40 9.08 7.28 30.38
N ASN A 41 8.91 8.43 29.72
CA ASN A 41 7.79 9.33 29.91
C ASN A 41 7.08 9.50 28.58
N ILE A 42 5.75 9.47 28.60
CA ILE A 42 4.94 9.70 27.40
C ILE A 42 3.90 10.75 27.74
N ASP A 43 3.82 11.79 26.91
CA ASP A 43 2.73 12.77 27.00
C ASP A 43 1.83 12.55 25.80
N ILE A 44 0.68 11.90 26.06
CA ILE A 44 -0.28 11.58 24.98
C ILE A 44 -0.93 12.89 24.53
N ALA A 45 -0.44 13.45 23.43
CA ALA A 45 -0.96 14.74 22.95
C ALA A 45 -2.33 14.52 22.30
N SER A 46 -2.74 13.27 22.07
CA SER A 46 -3.97 13.04 21.32
C SER A 46 -4.10 11.56 21.02
N ILE A 47 -5.33 11.15 20.72
CA ILE A 47 -5.62 9.86 20.11
C ILE A 47 -6.34 10.19 18.81
N ASP A 48 -5.69 9.88 17.69
CA ASP A 48 -6.04 10.52 16.44
C ASP A 48 -7.26 9.86 15.81
N MET A 49 -7.15 8.60 15.42
CA MET A 49 -8.20 7.96 14.63
C MET A 49 -8.29 6.50 15.04
N VAL A 50 -9.43 6.13 15.63
CA VAL A 50 -9.66 4.76 16.06
C VAL A 50 -10.42 4.08 14.93
N SER A 51 -9.69 3.30 14.12
CA SER A 51 -10.32 2.65 12.94
C SER A 51 -10.46 1.14 13.19
N GLU A 52 -11.64 0.58 12.88
CA GLU A 52 -11.84 -0.89 13.02
C GLU A 52 -11.72 -1.54 11.63
N VAL A 53 -11.91 -0.75 10.57
CA VAL A 53 -11.75 -1.27 9.22
C VAL A 53 -10.41 -1.96 9.06
N ASN A 54 -9.34 -1.30 9.54
CA ASN A 54 -7.99 -1.83 9.44
C ASN A 54 -7.45 -2.33 10.77
N MET A 55 -8.26 -2.28 11.84
CA MET A 55 -7.92 -2.74 13.19
C MET A 55 -6.66 -2.09 13.75
N ASP A 56 -6.66 -0.76 13.79
CA ASP A 56 -5.51 -0.01 14.31
C ASP A 56 -6.01 1.34 14.83
N TYR A 57 -5.13 2.01 15.56
CA TYR A 57 -5.40 3.36 16.06
C TYR A 57 -4.17 4.22 15.84
N THR A 58 -4.38 5.52 15.66
CA THR A 58 -3.29 6.46 15.45
C THR A 58 -3.07 7.27 16.72
N LEU A 59 -1.82 7.32 17.17
CA LEU A 59 -1.47 7.94 18.45
C LEU A 59 -0.32 8.90 18.27
N THR A 60 -0.52 10.15 18.69
CA THR A 60 0.51 11.18 18.67
C THR A 60 0.97 11.42 20.09
N MET A 61 2.28 11.43 20.32
CA MET A 61 2.78 11.47 21.68
C MET A 61 4.13 12.18 21.73
N TYR A 62 4.48 12.64 22.93
CA TYR A 62 5.81 13.16 23.22
C TYR A 62 6.58 12.08 23.97
N PHE A 63 7.11 11.14 23.20
CA PHE A 63 7.83 10.02 23.75
C PHE A 63 9.19 10.47 24.27
N GLN A 64 9.46 10.21 25.56
CA GLN A 64 10.73 10.70 26.16
C GLN A 64 11.47 9.53 26.84
N GLN A 65 12.80 9.51 26.75
CA GLN A 65 13.61 8.43 27.38
C GLN A 65 14.68 9.06 28.28
N ALA A 66 14.98 8.44 29.42
CA ALA A 66 15.98 8.99 30.37
C ALA A 66 16.93 7.90 30.84
N TRP A 67 18.23 8.05 30.57
CA TRP A 67 19.24 7.06 31.04
C TRP A 67 20.52 7.83 31.42
N ARG A 68 21.43 7.20 32.17
CA ARG A 68 22.64 7.92 32.64
C ARG A 68 23.87 7.46 31.85
N ASP A 69 24.50 8.37 31.10
CA ASP A 69 25.73 8.06 30.38
C ASP A 69 26.88 8.75 31.11
N LYS A 70 27.72 7.96 31.77
CA LYS A 70 28.81 8.51 32.56
C LYS A 70 29.93 9.12 31.72
N ARG A 71 29.97 8.82 30.42
CA ARG A 71 30.89 9.51 29.52
C ARG A 71 30.49 10.97 29.31
N LEU A 72 29.19 11.26 29.36
CA LEU A 72 28.69 12.63 29.15
C LEU A 72 28.50 13.34 30.48
N SER A 73 29.57 13.39 31.28
CA SER A 73 29.48 14.04 32.61
C SER A 73 30.34 15.31 32.62
N TYR A 74 29.69 16.46 32.80
CA TYR A 74 30.43 17.75 32.82
C TYR A 74 30.13 18.48 34.14
N ASN A 75 31.19 18.89 34.86
CA ASN A 75 31.01 19.60 36.16
C ASN A 75 31.36 21.07 35.97
N VAL A 76 32.13 21.40 34.93
CA VAL A 76 32.55 22.81 34.68
C VAL A 76 31.29 23.68 34.52
N ILE A 77 30.27 23.17 33.83
CA ILE A 77 28.99 23.92 33.69
C ILE A 77 27.94 23.27 34.61
N PRO A 78 27.48 23.98 35.65
CA PRO A 78 26.50 23.41 36.59
C PRO A 78 25.09 23.33 35.98
N LEU A 79 24.73 24.29 35.12
CA LEU A 79 23.36 24.32 34.54
C LEU A 79 23.19 23.22 33.50
N ASN A 80 21.95 22.94 33.11
CA ASN A 80 21.66 21.83 32.18
C ASN A 80 21.97 22.27 30.74
N LEU A 81 22.31 21.34 29.84
CA LEU A 81 22.79 21.75 28.50
C LEU A 81 21.87 21.24 27.39
N THR A 82 20.85 22.02 27.00
CA THR A 82 20.04 21.62 25.87
C THR A 82 20.83 21.80 24.58
N LEU A 83 21.12 20.71 23.91
CA LEU A 83 21.88 20.74 22.67
C LEU A 83 20.93 20.67 21.49
N ASP A 84 21.50 20.89 20.30
CA ASP A 84 20.73 20.81 19.08
C ASP A 84 20.32 19.37 18.82
N ASN A 85 19.27 19.18 18.02
CA ASN A 85 18.79 17.82 17.78
C ASN A 85 19.68 17.02 16.83
N ARG A 86 20.71 17.64 16.25
CA ARG A 86 21.64 16.96 15.36
C ARG A 86 22.80 16.30 16.10
N VAL A 87 22.85 16.39 17.43
CA VAL A 87 23.88 15.67 18.19
C VAL A 87 23.39 14.28 18.57
N ALA A 88 22.08 14.01 18.43
CA ALA A 88 21.54 12.69 18.69
C ALA A 88 22.05 11.64 17.71
N ASP A 89 22.53 12.06 16.54
CA ASP A 89 23.23 11.18 15.63
C ASP A 89 24.66 10.91 16.05
N GLN A 90 25.17 11.64 17.05
CA GLN A 90 26.52 11.44 17.56
C GLN A 90 26.54 10.75 18.92
N LEU A 91 25.42 10.69 19.61
CA LEU A 91 25.33 10.09 20.94
C LEU A 91 24.65 8.73 20.87
N TRP A 92 24.97 7.87 21.83
CA TRP A 92 24.27 6.60 21.95
C TRP A 92 22.86 6.83 22.46
N VAL A 93 21.88 6.28 21.76
CA VAL A 93 20.49 6.30 22.19
C VAL A 93 20.00 4.86 22.18
N PRO A 94 19.00 4.55 23.05
CA PRO A 94 18.48 3.20 23.16
C PRO A 94 17.66 2.82 21.93
N ASP A 95 17.53 1.52 21.63
CA ASP A 95 16.83 1.03 20.42
C ASP A 95 15.33 0.87 20.63
N THR A 96 14.74 1.59 21.57
CA THR A 96 13.33 1.33 21.86
C THR A 96 12.56 1.27 20.55
N TYR A 97 11.87 0.16 20.29
CA TYR A 97 11.02 0.06 19.07
C TYR A 97 9.61 -0.35 19.50
N PHE A 98 8.60 0.12 18.76
CA PHE A 98 7.19 -0.22 19.09
C PHE A 98 6.82 -1.50 18.34
N LEU A 99 6.36 -2.52 19.07
CA LEU A 99 6.05 -3.83 18.44
C LEU A 99 4.75 -3.70 17.64
N ASN A 100 3.69 -3.17 18.25
CA ASN A 100 2.37 -3.11 17.56
C ASN A 100 2.43 -2.01 16.49
N ASP A 101 3.60 -1.64 16.00
CA ASP A 101 3.72 -0.50 15.12
C ASP A 101 3.54 -0.92 13.66
N LYS A 102 2.79 -0.11 12.92
CA LYS A 102 2.58 -0.35 11.50
C LYS A 102 3.21 0.72 10.62
N LYS A 103 3.07 1.99 11.00
CA LYS A 103 3.72 3.08 10.28
C LYS A 103 3.88 4.26 11.24
N SER A 104 5.09 4.76 11.38
CA SER A 104 5.39 5.85 12.29
C SER A 104 6.35 6.83 11.65
N PHE A 105 6.38 8.04 12.20
CA PHE A 105 7.31 9.05 11.77
C PHE A 105 7.51 10.06 12.88
N VAL A 106 8.71 10.61 12.96
CA VAL A 106 9.00 11.77 13.80
C VAL A 106 8.85 13.01 12.93
N HIS A 107 8.07 13.98 13.41
CA HIS A 107 7.70 15.14 12.61
C HIS A 107 8.92 16.02 12.33
N GLY A 108 9.06 16.44 11.08
CA GLY A 108 10.26 17.12 10.66
C GLY A 108 10.04 18.55 10.20
N VAL A 109 9.19 19.29 10.90
CA VAL A 109 8.96 20.71 10.64
C VAL A 109 9.10 21.47 11.96
N THR A 110 9.93 22.51 11.96
CA THR A 110 10.77 23.01 10.88
C THR A 110 12.10 22.28 10.88
N VAL A 111 12.40 21.63 12.00
CA VAL A 111 13.52 20.70 12.11
C VAL A 111 12.93 19.38 12.57
N LYS A 112 13.76 18.36 12.76
CA LYS A 112 13.32 17.08 13.29
C LYS A 112 12.94 17.28 14.75
N ASN A 113 11.72 16.88 15.11
CA ASN A 113 11.20 17.12 16.46
C ASN A 113 11.90 16.21 17.45
N ARG A 114 12.97 16.72 18.06
CA ARG A 114 13.88 15.90 18.84
C ARG A 114 14.57 16.79 19.87
N MET A 115 14.90 16.22 21.01
CA MET A 115 15.49 16.95 22.12
C MET A 115 16.67 16.17 22.69
N ILE A 116 17.77 16.87 22.91
CA ILE A 116 18.87 16.34 23.70
C ILE A 116 19.20 17.34 24.80
N ARG A 117 19.11 16.91 26.05
CA ARG A 117 19.49 17.73 27.20
C ARG A 117 20.48 16.93 28.04
N LEU A 118 21.65 17.49 28.27
CA LEU A 118 22.70 16.82 29.04
C LEU A 118 22.72 17.44 30.44
N HIS A 119 22.37 16.64 31.43
CA HIS A 119 22.43 17.07 32.82
C HIS A 119 23.84 16.84 33.34
N PRO A 120 24.31 17.64 34.31
CA PRO A 120 25.72 17.59 34.71
C PRO A 120 26.15 16.37 35.49
N ASP A 121 25.32 15.35 35.66
CA ASP A 121 25.77 14.09 36.23
C ASP A 121 25.82 12.96 35.22
N GLY A 122 25.42 13.21 33.97
CA GLY A 122 25.46 12.20 32.94
C GLY A 122 24.10 11.82 32.42
N THR A 123 23.05 12.38 33.01
CA THR A 123 21.68 12.07 32.61
C THR A 123 21.39 12.67 31.25
N VAL A 124 20.72 11.89 30.39
CA VAL A 124 20.42 12.36 29.01
C VAL A 124 18.91 12.46 28.82
N LEU A 125 18.39 13.67 28.60
CA LEU A 125 16.93 13.85 28.37
C LEU A 125 16.65 13.74 26.87
N TYR A 126 16.51 12.51 26.37
CA TYR A 126 16.21 12.28 24.93
C TYR A 126 14.70 12.15 24.75
N GLY A 127 14.11 12.98 23.88
CA GLY A 127 12.67 12.97 23.71
C GLY A 127 12.28 13.25 22.28
N LEU A 128 11.22 12.59 21.83
CA LEU A 128 10.79 12.69 20.44
C LEU A 128 9.27 12.87 20.38
N ARG A 129 8.82 13.52 19.31
CA ARG A 129 7.41 13.69 19.02
C ARG A 129 7.05 12.70 17.92
N ILE A 130 6.32 11.66 18.30
CA ILE A 130 6.10 10.51 17.44
C ILE A 130 4.60 10.36 17.18
N THR A 131 4.23 10.27 15.91
CA THR A 131 2.88 9.85 15.53
C THR A 131 2.98 8.41 15.06
N THR A 132 2.33 7.50 15.78
CA THR A 132 2.42 6.08 15.49
C THR A 132 1.03 5.53 15.17
N THR A 133 1.00 4.52 14.31
CA THR A 133 -0.24 3.83 13.94
C THR A 133 -0.09 2.40 14.44
N ALA A 134 -0.48 2.18 15.69
CA ALA A 134 -0.27 0.89 16.33
C ALA A 134 -1.41 -0.06 16.02
N ALA A 135 -1.08 -1.33 15.81
CA ALA A 135 -2.09 -2.33 15.53
C ALA A 135 -2.82 -2.73 16.79
N CYS A 136 -4.14 -2.78 16.72
CA CYS A 136 -4.97 -3.13 17.86
C CYS A 136 -6.08 -4.03 17.35
N MET A 137 -5.94 -5.33 17.56
CA MET A 137 -6.96 -6.28 17.14
C MET A 137 -8.18 -6.18 18.06
N MET A 138 -9.36 -6.11 17.48
CA MET A 138 -10.58 -5.78 18.20
C MET A 138 -11.51 -6.98 18.24
N ASP A 139 -12.24 -7.11 19.34
CA ASP A 139 -13.28 -8.13 19.49
C ASP A 139 -14.62 -7.46 19.24
N LEU A 140 -15.16 -7.66 18.03
CA LEU A 140 -16.41 -7.03 17.64
C LEU A 140 -17.62 -7.95 17.85
N ARG A 141 -17.56 -8.85 18.82
CA ARG A 141 -18.70 -9.70 19.12
C ARG A 141 -19.86 -8.93 19.74
N ARG A 142 -19.59 -7.81 20.38
CA ARG A 142 -20.62 -7.03 21.06
C ARG A 142 -20.74 -5.63 20.46
N TYR A 143 -20.43 -5.49 19.19
CA TYR A 143 -20.58 -4.22 18.48
C TYR A 143 -22.05 -3.86 18.37
N PRO A 144 -22.44 -2.61 18.65
CA PRO A 144 -21.63 -1.46 19.05
C PRO A 144 -21.58 -1.23 20.55
N LEU A 145 -22.03 -2.19 21.37
CA LEU A 145 -22.06 -2.07 22.81
C LEU A 145 -20.78 -2.60 23.45
N ASP A 146 -19.67 -2.53 22.72
CA ASP A 146 -18.45 -3.26 23.07
C ASP A 146 -17.56 -2.41 23.97
N GLU A 147 -16.36 -2.94 24.24
CA GLU A 147 -15.37 -2.19 25.06
C GLU A 147 -13.98 -2.62 24.60
N GLN A 148 -13.48 -2.04 23.50
CA GLN A 148 -12.19 -2.49 22.92
C GLN A 148 -11.00 -2.02 23.77
N ASN A 149 -9.91 -2.80 23.72
CA ASN A 149 -8.67 -2.55 24.50
C ASN A 149 -7.49 -2.42 23.56
N CYS A 150 -6.82 -1.26 23.54
CA CYS A 150 -5.71 -1.08 22.57
C CYS A 150 -4.41 -0.83 23.32
N THR A 151 -3.31 -1.45 22.86
CA THR A 151 -2.02 -1.30 23.58
C THR A 151 -0.93 -0.64 22.75
N LEU A 152 0.30 -0.54 23.29
CA LEU A 152 1.47 0.04 22.58
C LEU A 152 2.71 -0.60 23.20
N GLU A 153 3.20 -1.70 22.66
CA GLU A 153 4.32 -2.39 23.33
C GLU A 153 5.62 -1.66 22.99
N ILE A 154 6.46 -1.41 23.99
CA ILE A 154 7.69 -0.60 23.80
C ILE A 154 8.88 -1.46 24.19
N GLU A 155 9.38 -2.27 23.28
CA GLU A 155 10.47 -3.20 23.64
C GLU A 155 11.79 -2.73 23.03
N SER A 156 12.93 -3.21 23.54
CA SER A 156 14.24 -2.90 22.94
C SER A 156 14.45 -3.92 21.84
N TYR A 157 15.18 -3.60 20.77
CA TYR A 157 15.30 -4.65 19.73
C TYR A 157 16.47 -5.58 20.02
N GLY A 158 17.69 -5.08 20.07
CA GLY A 158 18.82 -6.01 20.18
C GLY A 158 19.55 -6.06 21.50
N TYR A 159 19.19 -5.23 22.47
CA TYR A 159 19.81 -5.34 23.78
C TYR A 159 18.92 -6.17 24.69
N THR A 160 19.50 -7.18 25.32
CA THR A 160 18.75 -8.10 26.17
C THR A 160 18.61 -7.52 27.57
N THR A 161 18.16 -8.35 28.51
CA THR A 161 17.88 -7.89 29.87
C THR A 161 19.17 -7.61 30.64
N ASP A 162 20.26 -8.30 30.30
CA ASP A 162 21.55 -8.05 30.92
C ASP A 162 22.31 -6.91 30.23
N ASP A 163 21.74 -6.32 29.19
CA ASP A 163 22.32 -5.14 28.56
C ASP A 163 21.52 -3.87 28.75
N ILE A 164 20.22 -3.95 29.01
CA ILE A 164 19.38 -2.77 29.22
C ILE A 164 18.20 -3.20 30.09
N GLU A 165 17.65 -2.25 30.84
CA GLU A 165 16.43 -2.48 31.61
C GLU A 165 15.54 -1.25 31.51
N PHE A 166 14.25 -1.48 31.35
CA PHE A 166 13.27 -0.41 31.14
C PHE A 166 12.43 -0.25 32.40
N TYR A 167 12.03 0.99 32.68
CA TYR A 167 11.09 1.28 33.75
C TYR A 167 10.31 2.53 33.37
N TRP A 168 9.15 2.70 34.02
CA TRP A 168 8.30 3.89 33.76
C TRP A 168 8.76 5.04 34.65
N ARG A 169 9.50 5.99 34.09
CA ARG A 169 10.05 7.10 34.91
C ARG A 169 8.88 7.82 35.59
N GLY A 170 8.95 7.99 36.91
CA GLY A 170 7.86 8.65 37.65
C GLY A 170 6.65 7.73 37.83
N ASP A 171 6.83 6.43 37.57
CA ASP A 171 5.73 5.45 37.75
C ASP A 171 4.53 5.88 36.91
N ASP A 172 3.39 6.16 37.55
CA ASP A 172 2.15 6.55 36.83
C ASP A 172 2.38 7.88 36.09
N ASN A 173 3.26 8.74 36.62
CA ASN A 173 3.52 10.07 36.00
C ASN A 173 4.14 9.88 34.62
N ALA A 174 4.65 8.68 34.32
CA ALA A 174 5.28 8.40 33.02
C ALA A 174 4.32 8.79 31.89
N VAL A 175 3.08 8.32 31.94
CA VAL A 175 2.09 8.61 30.86
C VAL A 175 1.04 9.57 31.39
N THR A 176 0.89 10.73 30.75
CA THR A 176 -0.08 11.76 31.22
C THR A 176 -0.87 12.33 30.04
N GLY A 177 -1.70 13.35 30.29
CA GLY A 177 -2.49 14.00 29.22
C GLY A 177 -3.45 13.02 28.55
N VAL A 178 -4.12 12.18 29.33
CA VAL A 178 -5.04 11.15 28.75
C VAL A 178 -6.49 11.60 28.92
N THR A 179 -6.74 12.52 29.87
CA THR A 179 -8.13 12.94 30.16
C THR A 179 -8.60 13.94 29.11
N LYS A 180 -7.69 14.70 28.49
CA LYS A 180 -8.06 15.77 27.53
C LYS A 180 -8.04 15.24 26.10
N ILE A 181 -8.19 13.92 25.95
CA ILE A 181 -8.21 13.31 24.59
C ILE A 181 -9.65 12.88 24.26
N GLU A 182 -10.37 13.72 23.53
CA GLU A 182 -11.76 13.40 23.13
C GLU A 182 -11.72 12.47 21.92
N LEU A 183 -12.40 11.33 21.99
CA LEU A 183 -12.26 10.31 20.91
C LEU A 183 -13.46 10.43 19.95
N PRO A 184 -13.27 10.19 18.63
CA PRO A 184 -14.36 10.29 17.66
C PRO A 184 -15.66 9.74 18.27
N GLN A 185 -15.60 8.56 18.86
CA GLN A 185 -16.82 7.93 19.45
C GLN A 185 -16.52 7.10 20.69
N PHE A 186 -15.32 7.18 21.25
CA PHE A 186 -14.95 6.29 22.37
C PHE A 186 -14.64 7.07 23.65
N SER A 187 -14.41 6.35 24.76
CA SER A 187 -14.05 7.00 26.04
C SER A 187 -12.95 6.19 26.72
N ILE A 188 -11.83 6.82 27.07
CA ILE A 188 -10.69 6.11 27.71
C ILE A 188 -11.04 5.87 29.18
N VAL A 189 -11.79 4.81 29.47
CA VAL A 189 -12.24 4.54 30.87
C VAL A 189 -11.02 4.36 31.78
N ASP A 190 -10.00 3.63 31.33
CA ASP A 190 -8.85 3.35 32.17
C ASP A 190 -7.62 3.17 31.29
N TYR A 191 -6.46 3.46 31.87
CA TYR A 191 -5.20 3.12 31.23
C TYR A 191 -4.26 2.55 32.28
N LYS A 192 -3.50 1.53 31.89
CA LYS A 192 -2.62 0.82 32.80
C LYS A 192 -1.19 0.84 32.26
N LEU A 193 -0.24 0.72 33.18
CA LEU A 193 1.19 0.73 32.87
C LEU A 193 1.78 -0.57 33.37
N ILE A 194 2.22 -1.42 32.45
CA ILE A 194 2.72 -2.76 32.79
C ILE A 194 4.17 -2.85 32.36
N THR A 195 5.03 -3.32 33.25
CA THR A 195 6.40 -3.65 32.94
C THR A 195 6.63 -5.15 33.11
N LYS A 196 7.16 -5.77 32.04
CA LYS A 196 7.33 -7.24 32.01
C LYS A 196 8.38 -7.60 30.97
N LYS A 197 9.02 -8.76 31.14
CA LYS A 197 10.10 -9.18 30.22
C LYS A 197 9.46 -10.03 29.14
N VAL A 198 10.01 -10.04 27.93
CA VAL A 198 9.50 -10.93 26.87
C VAL A 198 10.65 -11.84 26.49
N VAL A 199 10.37 -13.10 26.17
CA VAL A 199 11.48 -14.04 25.92
C VAL A 199 11.37 -14.56 24.50
N PHE A 200 12.02 -13.90 23.55
CA PHE A 200 12.02 -14.40 22.16
C PHE A 200 13.18 -15.39 22.07
N SER A 201 13.38 -16.02 20.92
CA SER A 201 14.40 -17.10 20.82
C SER A 201 15.82 -16.54 20.85
N THR A 202 15.97 -15.24 20.77
CA THR A 202 17.35 -14.69 20.69
C THR A 202 17.77 -14.17 22.07
N GLY A 203 16.91 -14.29 23.07
CA GLY A 203 17.24 -13.84 24.44
C GLY A 203 16.03 -13.23 25.10
N SER A 204 16.21 -12.63 26.28
CA SER A 204 15.05 -12.06 27.02
C SER A 204 15.11 -10.54 26.95
N TYR A 205 14.26 -9.92 26.15
CA TYR A 205 14.36 -8.46 25.97
C TYR A 205 13.44 -7.77 26.99
N PRO A 206 13.66 -6.52 27.43
CA PRO A 206 12.74 -5.89 28.35
C PRO A 206 11.56 -5.28 27.60
N ARG A 207 10.44 -5.00 28.26
CA ARG A 207 9.27 -4.49 27.53
C ARG A 207 8.32 -3.77 28.47
N LEU A 208 8.06 -2.49 28.26
CA LEU A 208 7.04 -1.77 29.06
C LEU A 208 5.74 -2.00 28.31
N SER A 209 4.68 -1.26 28.57
CA SER A 209 3.48 -1.43 27.73
C SER A 209 2.43 -0.42 28.13
N LEU A 210 1.79 0.21 27.14
CA LEU A 210 0.79 1.23 27.40
C LEU A 210 -0.52 0.78 26.81
N SER A 211 -1.51 0.55 27.67
CA SER A 211 -2.81 0.05 27.24
C SER A 211 -3.91 1.02 27.62
N PHE A 212 -5.01 0.98 26.88
CA PHE A 212 -6.19 1.78 27.17
C PHE A 212 -7.41 0.88 27.10
N LYS A 213 -8.50 1.39 27.66
CA LYS A 213 -9.76 0.64 27.63
C LYS A 213 -10.85 1.56 27.08
N LEU A 214 -10.98 1.63 25.77
CA LEU A 214 -12.03 2.46 25.12
C LEU A 214 -13.41 1.81 25.32
N LYS A 215 -14.44 2.59 25.67
CA LYS A 215 -15.83 2.08 25.81
C LYS A 215 -16.66 2.91 24.84
N ARG A 216 -17.20 2.31 23.78
CA ARG A 216 -17.87 2.98 22.67
C ARG A 216 -19.11 3.73 23.16
N ASN A 217 -19.37 4.87 22.53
CA ASN A 217 -20.52 5.69 22.86
C ASN A 217 -21.75 5.25 22.08
N ILE A 218 -22.90 5.36 22.73
CA ILE A 218 -24.11 4.69 22.26
C ILE A 218 -25.12 5.78 21.91
N GLY A 219 -24.64 6.89 21.36
CA GLY A 219 -25.58 7.88 20.85
C GLY A 219 -25.90 7.69 19.38
N TYR A 220 -24.83 7.67 18.57
CA TYR A 220 -24.98 7.62 17.12
C TYR A 220 -25.60 6.30 16.67
N PHE A 221 -25.20 5.19 17.30
CA PHE A 221 -25.73 3.90 16.89
C PHE A 221 -27.18 3.71 17.32
N ILE A 222 -27.59 4.30 18.45
CA ILE A 222 -28.98 4.14 18.84
C ILE A 222 -29.87 5.09 18.04
N LEU A 223 -29.34 6.19 17.50
CA LEU A 223 -30.15 7.04 16.64
C LEU A 223 -30.02 6.69 15.15
N GLN A 224 -29.12 5.78 14.79
CA GLN A 224 -28.92 5.47 13.37
C GLN A 224 -29.31 4.04 13.02
N THR A 225 -29.01 3.09 13.91
CA THR A 225 -29.22 1.68 13.63
C THR A 225 -30.34 1.05 14.46
N TYR A 226 -30.51 1.50 15.71
CA TYR A 226 -31.51 0.88 16.58
C TYR A 226 -32.88 1.48 16.37
N MET A 227 -33.01 2.79 16.55
CA MET A 227 -34.32 3.44 16.42
C MET A 227 -34.93 3.39 15.02
N PRO A 228 -34.21 3.57 13.90
CA PRO A 228 -34.86 3.29 12.60
C PRO A 228 -35.34 1.87 12.42
N SER A 229 -34.61 0.88 12.93
CA SER A 229 -35.07 -0.51 12.85
C SER A 229 -36.31 -0.73 13.70
N ILE A 230 -36.36 -0.10 14.87
CA ILE A 230 -37.52 -0.21 15.76
C ILE A 230 -38.75 0.43 15.10
N LEU A 231 -38.58 1.62 14.52
CA LEU A 231 -39.69 2.30 13.85
C LEU A 231 -40.13 1.58 12.59
N ILE A 232 -39.19 0.94 11.89
CA ILE A 232 -39.53 0.14 10.71
C ILE A 232 -40.34 -1.09 11.11
N THR A 233 -39.99 -1.72 12.23
CA THR A 233 -40.83 -2.83 12.72
C THR A 233 -42.17 -2.33 13.27
N ILE A 234 -42.22 -1.10 13.76
CA ILE A 234 -43.50 -0.49 14.15
C ILE A 234 -44.39 -0.31 12.93
N LEU A 235 -43.81 0.15 11.81
CA LEU A 235 -44.56 0.36 10.58
C LEU A 235 -45.12 -0.94 10.00
N SER A 236 -44.48 -2.07 10.30
CA SER A 236 -44.97 -3.35 9.82
C SER A 236 -46.25 -3.78 10.53
N TRP A 237 -46.50 -3.31 11.75
CA TRP A 237 -47.70 -3.68 12.48
C TRP A 237 -48.91 -2.87 12.07
N VAL A 238 -48.75 -1.87 11.21
CA VAL A 238 -49.89 -1.18 10.61
C VAL A 238 -50.62 -2.13 9.67
N SER A 239 -49.90 -3.09 9.07
CA SER A 239 -50.51 -4.09 8.20
C SER A 239 -51.44 -5.03 8.95
N PHE A 240 -51.28 -5.16 10.27
CA PHE A 240 -52.13 -6.07 11.03
C PHE A 240 -53.53 -5.53 11.21
N TRP A 241 -53.71 -4.21 11.10
CA TRP A 241 -55.01 -3.59 11.38
C TRP A 241 -55.86 -3.42 10.13
N ILE A 242 -55.27 -3.58 8.95
CA ILE A 242 -56.00 -3.35 7.69
C ILE A 242 -56.88 -4.55 7.39
N ASN A 243 -58.05 -4.28 6.81
CA ASN A 243 -58.96 -5.32 6.35
C ASN A 243 -58.29 -6.19 5.28
N TYR A 244 -58.66 -7.48 5.27
CA TYR A 244 -57.98 -8.47 4.44
C TYR A 244 -58.22 -8.29 2.95
N ASP A 245 -59.29 -7.58 2.56
CA ASP A 245 -59.61 -7.47 1.13
C ASP A 245 -58.62 -6.59 0.40
N ALA A 246 -58.11 -5.54 1.05
CA ALA A 246 -57.11 -4.67 0.45
C ALA A 246 -55.77 -5.40 0.42
N SER A 247 -55.54 -6.17 -0.64
CA SER A 247 -54.35 -7.02 -0.72
C SER A 247 -53.09 -6.19 -0.94
N ALA A 248 -53.12 -5.27 -1.90
CA ALA A 248 -51.91 -4.60 -2.35
C ALA A 248 -51.35 -3.65 -1.30
N ALA A 249 -52.20 -3.08 -0.44
CA ALA A 249 -51.72 -2.20 0.62
C ALA A 249 -50.89 -2.95 1.66
N ARG A 250 -51.41 -4.07 2.16
CA ARG A 250 -50.67 -4.85 3.15
C ARG A 250 -49.45 -5.52 2.54
N VAL A 251 -49.58 -6.02 1.30
CA VAL A 251 -48.45 -6.61 0.59
C VAL A 251 -47.35 -5.57 0.36
N ALA A 252 -47.72 -4.35 0.00
CA ALA A 252 -46.74 -3.29 -0.20
C ALA A 252 -46.08 -2.88 1.11
N LEU A 253 -46.85 -2.83 2.20
CA LEU A 253 -46.27 -2.53 3.51
C LEU A 253 -45.27 -3.60 3.93
N GLY A 254 -45.64 -4.86 3.79
CA GLY A 254 -44.75 -5.94 4.19
C GLY A 254 -43.48 -6.01 3.36
N ILE A 255 -43.60 -5.88 2.04
CA ILE A 255 -42.42 -5.97 1.18
C ILE A 255 -41.52 -4.76 1.36
N THR A 256 -42.11 -3.56 1.49
CA THR A 256 -41.28 -2.38 1.72
C THR A 256 -40.58 -2.44 3.07
N THR A 257 -41.22 -3.03 4.08
CA THR A 257 -40.57 -3.17 5.38
C THR A 257 -39.43 -4.19 5.32
N VAL A 258 -39.65 -5.31 4.59
CA VAL A 258 -38.60 -6.30 4.36
C VAL A 258 -37.42 -5.67 3.62
N LEU A 259 -37.71 -4.89 2.57
CA LEU A 259 -36.66 -4.29 1.76
C LEU A 259 -35.88 -3.23 2.53
N THR A 260 -36.55 -2.46 3.38
CA THR A 260 -35.83 -1.50 4.21
C THR A 260 -34.94 -2.20 5.23
N MET A 261 -35.39 -3.33 5.78
CA MET A 261 -34.52 -4.09 6.68
C MET A 261 -33.31 -4.69 5.93
N THR A 262 -33.55 -5.25 4.74
CA THR A 262 -32.47 -5.90 4.01
C THR A 262 -31.53 -4.89 3.37
N THR A 263 -31.94 -3.64 3.26
CA THR A 263 -30.97 -2.62 2.87
C THR A 263 -30.32 -1.96 4.09
N ILE A 264 -30.96 -1.96 5.26
CA ILE A 264 -30.35 -1.29 6.40
C ILE A 264 -29.30 -2.19 7.06
N ASN A 265 -29.38 -3.51 6.89
CA ASN A 265 -28.25 -4.32 7.36
C ASN A 265 -27.05 -4.22 6.43
N THR A 266 -27.30 -4.20 5.12
CA THR A 266 -26.20 -4.14 4.15
C THR A 266 -25.55 -2.76 4.14
N HIS A 267 -26.32 -1.70 4.36
CA HIS A 267 -25.82 -0.34 4.45
C HIS A 267 -25.01 -0.09 5.71
N LEU A 268 -25.19 -0.93 6.73
CA LEU A 268 -24.51 -0.78 8.01
C LEU A 268 -23.27 -1.66 8.11
N ARG A 269 -23.34 -2.92 7.69
CA ARG A 269 -22.17 -3.78 7.86
C ARG A 269 -21.14 -3.61 6.75
N GLU A 270 -21.38 -2.73 5.78
CA GLU A 270 -20.46 -2.56 4.66
C GLU A 270 -19.13 -1.95 5.11
N THR A 271 -19.18 -0.98 6.03
CA THR A 271 -17.95 -0.33 6.48
C THR A 271 -17.20 -1.20 7.49
N LEU A 272 -17.88 -2.16 8.08
CA LEU A 272 -17.23 -3.05 9.04
C LEU A 272 -16.35 -4.05 8.29
N PRO A 273 -15.31 -4.59 8.92
CA PRO A 273 -14.49 -5.60 8.22
C PRO A 273 -15.23 -6.91 8.03
N LYS A 274 -14.64 -7.77 7.21
CA LYS A 274 -15.27 -9.04 6.83
C LYS A 274 -14.98 -10.08 7.92
N ILE A 275 -15.56 -9.85 9.09
CA ILE A 275 -15.40 -10.71 10.25
C ILE A 275 -16.28 -11.95 10.07
N PRO A 276 -15.89 -13.11 10.58
CA PRO A 276 -16.67 -14.33 10.34
C PRO A 276 -17.74 -14.64 11.38
N TYR A 277 -17.93 -13.79 12.37
CA TYR A 277 -18.92 -14.04 13.41
C TYR A 277 -20.04 -13.01 13.30
N VAL A 278 -20.99 -13.09 14.24
CA VAL A 278 -22.18 -12.27 14.24
C VAL A 278 -22.12 -11.31 15.42
N LYS A 279 -22.45 -10.05 15.17
CA LYS A 279 -22.35 -9.00 16.16
C LYS A 279 -23.68 -8.83 16.89
N ALA A 280 -23.71 -7.95 17.88
CA ALA A 280 -24.94 -7.66 18.60
C ALA A 280 -25.95 -6.92 17.75
N ILE A 281 -25.50 -5.94 16.97
CA ILE A 281 -26.40 -5.19 16.09
C ILE A 281 -26.90 -6.10 14.97
N ASP A 282 -26.08 -7.06 14.56
CA ASP A 282 -26.50 -8.04 13.56
C ASP A 282 -27.56 -8.98 14.12
N MET A 283 -27.41 -9.37 15.39
CA MET A 283 -28.44 -10.21 16.02
C MET A 283 -29.75 -9.43 16.21
N TYR A 284 -29.67 -8.15 16.54
CA TYR A 284 -30.87 -7.32 16.67
C TYR A 284 -31.58 -7.17 15.33
N LEU A 285 -30.81 -6.90 14.27
CA LEU A 285 -31.43 -6.71 12.96
C LEU A 285 -31.95 -8.03 12.39
N MET A 286 -31.30 -9.15 12.70
CA MET A 286 -31.78 -10.44 12.25
C MET A 286 -32.91 -10.98 13.12
N GLY A 287 -33.17 -10.38 14.27
CA GLY A 287 -34.40 -10.66 14.98
C GLY A 287 -35.55 -9.81 14.47
N CYS A 288 -35.24 -8.55 14.15
CA CYS A 288 -36.23 -7.64 13.56
C CYS A 288 -36.69 -8.13 12.19
N PHE A 289 -35.78 -8.67 11.38
CA PHE A 289 -36.16 -9.27 10.11
C PHE A 289 -37.02 -10.51 10.28
N VAL A 290 -36.78 -11.31 11.33
CA VAL A 290 -37.65 -12.45 11.61
C VAL A 290 -39.05 -11.97 11.97
N PHE A 291 -39.16 -10.91 12.76
CA PHE A 291 -40.47 -10.34 13.10
C PHE A 291 -41.20 -9.81 11.88
N VAL A 292 -40.47 -9.12 10.99
CA VAL A 292 -41.08 -8.56 9.79
C VAL A 292 -41.49 -9.66 8.80
N PHE A 293 -40.64 -10.67 8.66
CA PHE A 293 -40.96 -11.82 7.80
C PHE A 293 -42.13 -12.61 8.37
N MET A 294 -42.26 -12.66 9.69
CA MET A 294 -43.42 -13.27 10.31
C MET A 294 -44.69 -12.45 10.08
N ALA A 295 -44.59 -11.13 10.02
CA ALA A 295 -45.74 -10.31 9.64
C ALA A 295 -46.18 -10.56 8.20
N LEU A 296 -45.22 -10.65 7.28
CA LEU A 296 -45.53 -10.96 5.89
C LEU A 296 -46.12 -12.36 5.73
N LEU A 297 -45.56 -13.35 6.44
CA LEU A 297 -46.13 -14.69 6.43
C LEU A 297 -47.47 -14.74 7.15
N GLU A 298 -47.72 -13.84 8.10
CA GLU A 298 -49.03 -13.76 8.72
C GLU A 298 -50.07 -13.29 7.72
N TYR A 299 -49.74 -12.29 6.89
CA TYR A 299 -50.70 -11.88 5.87
C TYR A 299 -50.88 -12.97 4.81
N ALA A 300 -49.81 -13.67 4.46
CA ALA A 300 -49.95 -14.80 3.55
C ALA A 300 -50.81 -15.92 4.11
N LEU A 301 -50.68 -16.24 5.39
CA LEU A 301 -51.54 -17.19 6.08
C LEU A 301 -52.99 -16.74 6.16
N VAL A 302 -53.24 -15.45 6.38
CA VAL A 302 -54.60 -14.90 6.39
C VAL A 302 -55.25 -15.00 5.01
N ASN A 303 -54.50 -14.62 3.96
CA ASN A 303 -55.05 -14.67 2.61
C ASN A 303 -55.29 -16.10 2.14
N TYR A 304 -54.40 -17.04 2.50
CA TYR A 304 -54.64 -18.44 2.18
C TYR A 304 -55.84 -19.00 2.92
N ILE A 305 -55.97 -18.68 4.22
CA ILE A 305 -57.06 -19.25 5.00
C ILE A 305 -58.40 -18.59 4.65
N PHE A 306 -58.39 -17.43 4.00
CA PHE A 306 -59.65 -16.91 3.47
C PHE A 306 -59.96 -17.45 2.09
N PHE A 307 -59.09 -17.21 1.11
CA PHE A 307 -59.44 -17.51 -0.27
C PHE A 307 -59.24 -18.99 -0.62
N GLY A 308 -58.15 -19.60 -0.16
CA GLY A 308 -57.87 -20.99 -0.49
C GLY A 308 -58.79 -21.97 0.20
N ARG A 309 -58.74 -21.98 1.54
CA ARG A 309 -59.65 -22.82 2.31
C ARG A 309 -61.01 -22.14 2.47
N VAL A 460 -61.66 -15.25 9.79
CA VAL A 460 -60.43 -14.62 9.34
C VAL A 460 -60.17 -13.33 10.12
N ASN A 461 -61.12 -12.97 10.98
CA ASN A 461 -60.99 -11.79 11.82
C ASN A 461 -60.40 -12.11 13.18
N ALA A 462 -59.98 -13.35 13.42
CA ALA A 462 -59.38 -13.73 14.69
C ALA A 462 -57.86 -13.87 14.62
N ILE A 463 -57.31 -14.18 13.45
CA ILE A 463 -55.86 -14.33 13.32
C ILE A 463 -55.19 -12.96 13.42
N ASP A 464 -55.74 -11.95 12.74
CA ASP A 464 -55.18 -10.61 12.84
C ASP A 464 -55.53 -9.97 14.19
N ARG A 465 -56.59 -10.44 14.82
CA ARG A 465 -56.97 -9.92 16.16
C ARG A 465 -55.86 -10.30 17.15
N TRP A 466 -55.53 -11.60 17.21
CA TRP A 466 -54.47 -12.07 18.14
C TRP A 466 -53.12 -11.45 17.75
N SER A 467 -52.77 -11.47 16.47
CA SER A 467 -51.46 -10.93 16.02
C SER A 467 -51.28 -9.50 16.54
N ARG A 468 -52.36 -8.70 16.51
CA ARG A 468 -52.26 -7.31 16.95
C ARG A 468 -51.80 -7.20 18.39
N ILE A 469 -52.01 -8.25 19.18
CA ILE A 469 -51.57 -8.25 20.57
C ILE A 469 -50.32 -9.11 20.75
N PHE A 470 -50.21 -10.24 20.02
CA PHE A 470 -49.11 -11.18 20.22
C PHE A 470 -47.77 -10.59 19.79
N PHE A 471 -47.73 -9.96 18.61
CA PHE A 471 -46.50 -9.36 18.08
C PHE A 471 -45.92 -8.22 18.94
N PRO A 472 -46.70 -7.29 19.52
CA PRO A 472 -46.08 -6.35 20.47
C PRO A 472 -45.58 -6.98 21.76
N VAL A 473 -46.20 -8.07 22.22
CA VAL A 473 -45.74 -8.72 23.45
C VAL A 473 -44.37 -9.37 23.24
N VAL A 474 -44.22 -10.14 22.15
CA VAL A 474 -42.98 -10.87 21.91
C VAL A 474 -41.84 -9.91 21.55
N PHE A 475 -42.13 -8.85 20.79
CA PHE A 475 -41.10 -7.88 20.45
C PHE A 475 -40.64 -7.09 21.67
N SER A 476 -41.57 -6.75 22.58
CA SER A 476 -41.16 -6.12 23.83
C SER A 476 -40.49 -7.13 24.75
N PHE A 477 -40.83 -8.41 24.63
CA PHE A 477 -40.10 -9.45 25.33
C PHE A 477 -38.71 -9.63 24.74
N PHE A 478 -38.60 -9.49 23.41
CA PHE A 478 -37.31 -9.64 22.74
C PHE A 478 -36.38 -8.49 23.07
N ASN A 479 -36.93 -7.28 22.96
CA ASN A 479 -36.08 -6.10 23.18
C ASN A 479 -35.50 -6.26 24.59
N ILE A 480 -36.35 -6.58 25.56
CA ILE A 480 -35.86 -6.67 26.97
C ILE A 480 -34.73 -7.70 27.02
N VAL A 481 -34.94 -8.96 26.62
CA VAL A 481 -33.81 -9.93 26.75
C VAL A 481 -32.56 -9.38 26.03
N TYR A 482 -32.72 -8.88 24.80
CA TYR A 482 -31.55 -8.42 24.04
C TYR A 482 -30.77 -7.42 24.88
N TRP A 483 -31.43 -6.34 25.26
CA TRP A 483 -30.69 -5.28 25.96
C TRP A 483 -30.13 -5.82 27.27
N LEU A 484 -30.87 -6.64 28.00
CA LEU A 484 -30.25 -7.23 29.22
C LEU A 484 -28.92 -7.90 28.86
N TYR A 485 -28.93 -8.92 28.00
CA TYR A 485 -27.66 -9.63 27.72
C TYR A 485 -26.57 -8.68 27.21
N TYR A 486 -26.90 -7.68 26.38
CA TYR A 486 -25.76 -6.88 25.81
C TYR A 486 -25.39 -5.63 26.63
N VAL A 487 -26.07 -5.40 27.76
CA VAL A 487 -25.69 -4.25 28.62
C VAL A 487 -25.16 -4.78 29.96
N ASN B 11 38.25 2.16 30.42
CA ASN B 11 37.40 1.04 30.76
C ASN B 11 36.75 0.46 29.52
N THR B 12 36.17 1.34 28.69
CA THR B 12 35.53 0.95 27.44
C THR B 12 36.48 1.04 26.26
N THR B 13 37.73 1.42 26.48
CA THR B 13 38.71 1.53 25.41
C THR B 13 39.10 0.16 24.85
N VAL B 14 39.01 -0.89 25.67
CA VAL B 14 39.44 -2.23 25.24
C VAL B 14 38.50 -2.78 24.18
N PHE B 15 37.20 -2.51 24.30
CA PHE B 15 36.26 -2.95 23.29
C PHE B 15 36.32 -2.08 22.03
N THR B 16 36.64 -0.79 22.20
CA THR B 16 36.76 0.11 21.06
C THR B 16 37.92 -0.29 20.16
N ARG B 17 39.06 -0.65 20.75
CA ARG B 17 40.19 -1.09 19.94
C ARG B 17 39.97 -2.49 19.38
N ILE B 18 39.11 -3.29 20.02
CA ILE B 18 38.69 -4.56 19.43
C ILE B 18 37.89 -4.32 18.15
N LEU B 19 36.94 -3.38 18.19
CA LEU B 19 36.16 -3.07 16.99
C LEU B 19 37.03 -2.41 15.91
N ASP B 20 37.99 -1.58 16.33
CA ASP B 20 38.92 -0.97 15.39
C ASP B 20 39.84 -2.00 14.74
N ARG B 21 40.16 -3.05 15.45
CA ARG B 21 41.04 -4.11 14.91
C ARG B 21 40.18 -4.98 14.01
N LEU B 22 38.90 -5.10 14.32
CA LEU B 22 38.01 -5.86 13.44
C LEU B 22 37.82 -5.18 12.10
N LEU B 23 37.54 -3.88 12.10
CA LEU B 23 37.19 -3.19 10.86
C LEU B 23 38.40 -2.61 10.14
N ASP B 24 39.62 -2.89 10.58
CA ASP B 24 40.81 -2.43 9.89
C ASP B 24 41.18 -3.42 8.80
N GLY B 25 41.35 -2.92 7.57
CA GLY B 25 41.62 -3.79 6.45
C GLY B 25 40.43 -4.61 6.03
N TYR B 26 39.22 -4.17 6.35
CA TYR B 26 38.00 -4.89 6.05
C TYR B 26 37.36 -4.29 4.79
N ASP B 27 37.01 -5.15 3.84
CA ASP B 27 36.35 -4.75 2.61
C ASP B 27 34.95 -5.33 2.62
N ASN B 28 33.94 -4.47 2.78
CA ASN B 28 32.56 -4.91 2.81
C ASN B 28 31.98 -5.14 1.43
N ARG B 29 32.73 -4.84 0.37
CA ARG B 29 32.26 -5.13 -0.99
C ARG B 29 32.42 -6.59 -1.37
N LEU B 30 33.18 -7.36 -0.59
CA LEU B 30 33.49 -8.74 -0.90
C LEU B 30 32.80 -9.65 0.09
N ARG B 31 32.12 -10.68 -0.43
CA ARG B 31 31.50 -11.69 0.41
C ARG B 31 32.56 -12.55 1.09
N PRO B 32 32.24 -13.19 2.24
CA PRO B 32 33.24 -14.00 2.93
C PRO B 32 33.65 -15.24 2.15
N GLY B 33 34.94 -15.38 1.90
CA GLY B 33 35.43 -16.47 1.09
C GLY B 33 35.05 -16.30 -0.36
N LEU B 34 35.41 -15.15 -0.94
CA LEU B 34 35.04 -14.85 -2.32
C LEU B 34 35.78 -15.75 -3.30
N GLY B 35 37.06 -16.02 -3.04
CA GLY B 35 37.84 -16.86 -3.91
C GLY B 35 38.10 -18.27 -3.43
N GLU B 36 37.42 -18.73 -2.38
CA GLU B 36 37.72 -20.05 -1.83
C GLU B 36 36.51 -20.96 -1.65
N ARG B 37 35.31 -20.41 -1.42
CA ARG B 37 34.17 -21.26 -1.09
C ARG B 37 32.84 -20.57 -1.35
N VAL B 38 31.76 -21.19 -0.89
CA VAL B 38 30.39 -20.68 -1.04
C VAL B 38 29.92 -20.20 0.33
N THR B 39 29.41 -18.97 0.38
CA THR B 39 28.89 -18.40 1.62
C THR B 39 27.51 -18.99 1.90
N GLU B 40 27.41 -19.81 2.95
CA GLU B 40 26.16 -20.45 3.31
C GLU B 40 25.45 -19.60 4.37
N VAL B 41 24.24 -19.17 4.07
CA VAL B 41 23.47 -18.27 4.93
C VAL B 41 22.36 -19.07 5.58
N LYS B 42 22.35 -19.09 6.90
CA LYS B 42 21.32 -19.82 7.65
C LYS B 42 20.19 -18.87 8.02
N THR B 43 18.96 -19.26 7.69
CA THR B 43 17.81 -18.36 7.75
C THR B 43 16.69 -18.98 8.58
N ASP B 44 16.03 -18.16 9.40
CA ASP B 44 14.77 -18.54 10.00
C ASP B 44 13.89 -17.31 10.14
N ILE B 45 12.58 -17.52 10.13
CA ILE B 45 11.65 -16.35 10.14
C ILE B 45 10.67 -16.47 11.32
N PHE B 46 10.61 -15.45 12.18
CA PHE B 46 9.62 -15.46 13.29
C PHE B 46 8.44 -14.59 12.85
N VAL B 47 7.32 -15.22 12.48
CA VAL B 47 6.11 -14.46 12.04
C VAL B 47 5.49 -13.80 13.27
N THR B 48 5.79 -12.51 13.49
CA THR B 48 5.25 -11.80 14.67
C THR B 48 3.74 -11.64 14.52
N SER B 49 3.26 -11.32 13.32
CA SER B 49 1.81 -11.11 13.09
C SER B 49 1.45 -11.32 11.62
N PHE B 50 0.66 -12.35 11.32
CA PHE B 50 0.21 -12.58 9.95
C PHE B 50 -0.91 -11.60 9.67
N GLY B 51 -0.64 -10.61 8.82
CA GLY B 51 -1.54 -9.51 8.62
C GLY B 51 -2.73 -9.86 7.76
N PRO B 52 -3.55 -8.85 7.45
CA PRO B 52 -4.77 -9.11 6.67
C PRO B 52 -4.45 -9.44 5.23
N VAL B 53 -5.32 -10.25 4.63
CA VAL B 53 -5.18 -10.67 3.24
C VAL B 53 -6.13 -9.84 2.40
N SER B 54 -5.58 -9.10 1.44
CA SER B 54 -6.37 -8.28 0.53
C SER B 54 -6.79 -9.15 -0.65
N ASP B 55 -8.08 -9.42 -0.77
CA ASP B 55 -8.57 -10.24 -1.88
C ASP B 55 -8.56 -9.47 -3.19
N HIS B 56 -8.91 -8.17 -3.14
CA HIS B 56 -9.02 -7.36 -4.35
C HIS B 56 -7.66 -7.16 -5.02
N ASP B 57 -6.60 -6.98 -4.23
CA ASP B 57 -5.27 -6.78 -4.76
C ASP B 57 -4.48 -8.07 -4.91
N MET B 58 -5.05 -9.21 -4.46
CA MET B 58 -4.42 -10.53 -4.46
C MET B 58 -3.05 -10.52 -3.77
N GLU B 59 -3.03 -9.99 -2.55
CA GLU B 59 -1.81 -9.85 -1.77
C GLU B 59 -2.10 -10.15 -0.31
N TYR B 60 -1.03 -10.26 0.47
CA TYR B 60 -1.16 -10.42 1.91
C TYR B 60 -0.01 -9.70 2.59
N THR B 61 -0.21 -9.35 3.86
CA THR B 61 0.77 -8.66 4.66
C THR B 61 1.27 -9.59 5.75
N ILE B 62 2.55 -9.48 6.12
CA ILE B 62 3.15 -10.30 7.16
C ILE B 62 4.25 -9.49 7.84
N ASP B 63 4.27 -9.54 9.18
CA ASP B 63 5.35 -8.85 9.94
C ASP B 63 6.24 -9.95 10.53
N VAL B 64 7.54 -9.95 10.23
CA VAL B 64 8.39 -11.10 10.66
C VAL B 64 9.75 -10.63 11.19
N PHE B 65 10.41 -11.47 12.00
CA PHE B 65 11.78 -11.17 12.48
C PHE B 65 12.78 -11.93 11.62
N PHE B 66 13.06 -11.42 10.42
CA PHE B 66 13.95 -12.14 9.46
C PHE B 66 15.35 -12.28 10.06
N ARG B 67 15.80 -13.52 10.33
CA ARG B 67 17.14 -13.72 10.84
C ARG B 67 18.01 -14.37 9.77
N GLN B 68 19.22 -13.85 9.60
CA GLN B 68 20.21 -14.43 8.71
C GLN B 68 21.49 -14.66 9.48
N SER B 69 22.10 -15.83 9.28
CA SER B 69 23.33 -16.18 9.98
C SER B 69 24.34 -16.73 8.98
N TRP B 70 25.57 -16.25 9.08
CA TRP B 70 26.62 -16.68 8.17
C TRP B 70 27.96 -16.55 8.90
N LYS B 71 28.98 -17.18 8.33
CA LYS B 71 30.29 -17.23 8.95
C LYS B 71 31.24 -16.26 8.22
N ASP B 72 31.85 -15.36 8.98
CA ASP B 72 32.85 -14.42 8.46
C ASP B 72 34.14 -14.62 9.21
N GLU B 73 35.17 -15.10 8.51
CA GLU B 73 36.45 -15.40 9.14
C GLU B 73 37.29 -14.16 9.43
N ARG B 74 36.96 -13.01 8.85
CA ARG B 74 37.69 -11.77 9.11
C ARG B 74 37.22 -11.06 10.37
N LEU B 75 36.21 -11.59 11.05
CA LEU B 75 35.64 -10.99 12.25
C LEU B 75 35.91 -11.85 13.47
N LYS B 76 37.12 -12.38 13.57
CA LYS B 76 37.54 -13.16 14.72
C LYS B 76 38.19 -12.23 15.74
N PHE B 77 37.86 -12.43 17.01
CA PHE B 77 38.44 -11.60 18.07
C PHE B 77 38.63 -12.45 19.32
N LYS B 78 39.62 -12.05 20.12
CA LYS B 78 39.89 -12.65 21.42
C LYS B 78 39.75 -11.55 22.45
N GLY B 79 38.77 -11.68 23.35
CA GLY B 79 38.51 -10.64 24.32
C GLY B 79 37.82 -11.17 25.56
N PRO B 80 37.45 -10.26 26.47
CA PRO B 80 36.75 -10.68 27.69
C PRO B 80 35.29 -11.04 27.48
N MET B 81 34.73 -10.76 26.30
CA MET B 81 33.33 -11.00 26.02
C MET B 81 33.23 -11.93 24.81
N THR B 82 32.41 -12.99 24.93
CA THR B 82 32.29 -13.94 23.84
C THR B 82 31.41 -13.42 22.71
N VAL B 83 30.35 -12.69 23.04
CA VAL B 83 29.39 -12.19 22.06
C VAL B 83 29.40 -10.67 22.13
N LEU B 84 29.56 -10.03 20.97
CA LEU B 84 29.48 -8.57 20.86
C LEU B 84 28.08 -8.22 20.38
N ARG B 85 27.21 -7.89 21.33
CA ARG B 85 25.86 -7.43 20.99
C ARG B 85 25.94 -5.96 20.59
N LEU B 86 25.91 -5.70 19.29
CA LEU B 86 26.14 -4.37 18.75
C LEU B 86 24.86 -3.80 18.16
N ASN B 87 24.92 -2.53 17.80
CA ASN B 87 23.76 -1.79 17.29
C ASN B 87 23.75 -1.83 15.77
N ASN B 88 22.90 -1.00 15.15
CA ASN B 88 22.68 -1.03 13.72
C ASN B 88 23.74 -0.27 12.94
N LEU B 89 24.57 0.53 13.61
CA LEU B 89 25.63 1.26 12.93
C LEU B 89 26.73 0.31 12.45
N MET B 90 26.98 -0.76 13.20
CA MET B 90 27.97 -1.75 12.81
C MET B 90 27.51 -2.60 11.64
N ALA B 91 26.19 -2.69 11.42
CA ALA B 91 25.65 -3.55 10.39
C ALA B 91 25.94 -3.01 8.98
N SER B 92 25.98 -1.70 8.83
CA SER B 92 26.25 -1.12 7.52
C SER B 92 27.74 -1.05 7.21
N LYS B 93 28.60 -1.28 8.18
CA LYS B 93 30.04 -1.25 7.97
C LYS B 93 30.61 -2.61 7.61
N ILE B 94 29.78 -3.65 7.58
CA ILE B 94 30.22 -5.01 7.33
C ILE B 94 29.43 -5.57 6.15
N TRP B 95 29.85 -6.74 5.69
CA TRP B 95 29.14 -7.42 4.62
C TRP B 95 27.88 -8.08 5.16
N THR B 96 26.76 -7.84 4.50
CA THR B 96 25.51 -8.51 4.77
C THR B 96 24.95 -9.05 3.47
N PRO B 97 24.28 -10.20 3.50
CA PRO B 97 23.72 -10.75 2.26
C PRO B 97 22.57 -9.94 1.73
N ASP B 98 22.43 -9.95 0.41
CA ASP B 98 21.46 -9.12 -0.30
C ASP B 98 20.14 -9.86 -0.51
N THR B 99 19.53 -10.27 0.60
CA THR B 99 18.29 -11.03 0.54
C THR B 99 17.14 -10.11 0.17
N PHE B 100 16.36 -10.51 -0.82
CA PHE B 100 15.15 -9.81 -1.23
C PHE B 100 14.03 -10.82 -1.38
N PHE B 101 12.80 -10.34 -1.48
CA PHE B 101 11.65 -11.22 -1.59
C PHE B 101 11.18 -11.26 -3.03
N HIS B 102 11.12 -12.48 -3.58
CA HIS B 102 10.83 -12.68 -5.00
C HIS B 102 9.42 -12.27 -5.37
N ASN B 103 8.44 -12.55 -4.51
CA ASN B 103 7.06 -12.20 -4.77
C ASN B 103 6.60 -11.01 -3.95
N GLY B 104 7.53 -10.24 -3.38
CA GLY B 104 7.15 -9.08 -2.61
C GLY B 104 6.76 -7.92 -3.51
N LYS B 105 5.85 -7.09 -3.01
CA LYS B 105 5.36 -5.93 -3.73
C LYS B 105 5.88 -4.62 -3.16
N LYS B 106 5.70 -4.41 -1.85
CA LYS B 106 6.21 -3.21 -1.19
C LYS B 106 6.38 -3.56 0.28
N SER B 107 7.63 -3.63 0.73
CA SER B 107 7.94 -4.01 2.09
C SER B 107 8.70 -2.90 2.78
N VAL B 108 8.46 -2.74 4.08
CA VAL B 108 9.00 -1.65 4.87
C VAL B 108 9.89 -2.24 5.95
N ALA B 109 11.13 -1.77 6.01
CA ALA B 109 12.02 -2.06 7.14
C ALA B 109 11.82 -0.95 8.16
N HIS B 110 11.25 -1.30 9.31
CA HIS B 110 10.90 -0.32 10.33
C HIS B 110 12.15 0.28 10.97
N ASN B 111 12.09 1.60 11.17
CA ASN B 111 13.24 2.30 11.79
C ASN B 111 12.80 3.24 12.93
N MET B 112 11.59 3.09 13.49
CA MET B 112 11.17 3.91 14.65
C MET B 112 11.31 3.09 15.91
N THR B 113 12.25 3.45 16.78
CA THR B 113 12.73 4.83 16.94
C THR B 113 14.16 4.84 16.40
N MET B 114 14.79 3.67 16.25
CA MET B 114 16.13 3.59 15.63
C MET B 114 16.07 2.37 14.70
N PRO B 115 16.87 2.23 13.61
CA PRO B 115 16.72 1.10 12.72
C PRO B 115 16.48 -0.18 13.53
N ASN B 116 15.35 -0.86 13.32
CA ASN B 116 14.99 -2.10 14.03
C ASN B 116 15.79 -3.27 13.47
N LYS B 117 17.02 -3.46 13.91
CA LYS B 117 17.92 -4.52 13.40
C LYS B 117 18.77 -5.07 14.55
N LEU B 118 19.65 -6.04 14.32
CA LEU B 118 20.39 -6.73 15.34
C LEU B 118 21.68 -7.25 14.73
N LEU B 119 22.75 -7.26 15.53
CA LEU B 119 24.03 -7.77 15.05
C LEU B 119 24.81 -8.29 16.25
N ARG B 120 25.03 -9.61 16.29
CA ARG B 120 25.72 -10.27 17.39
C ARG B 120 26.85 -11.10 16.80
N ILE B 121 28.07 -10.57 16.86
CA ILE B 121 29.25 -11.27 16.38
C ILE B 121 29.79 -12.13 17.52
N THR B 122 29.77 -13.44 17.34
CA THR B 122 30.45 -14.30 18.28
C THR B 122 31.94 -14.33 17.97
N GLU B 123 32.71 -14.97 18.85
CA GLU B 123 34.17 -14.84 18.83
C GLU B 123 34.84 -15.88 17.92
N ASP B 124 34.05 -16.47 17.04
CA ASP B 124 34.60 -17.39 16.05
C ASP B 124 34.32 -16.86 14.65
N GLY B 125 33.32 -15.99 14.53
CA GLY B 125 32.98 -15.42 13.25
C GLY B 125 31.55 -15.63 12.83
N THR B 126 30.74 -16.23 13.70
CA THR B 126 29.33 -16.42 13.41
C THR B 126 28.56 -15.12 13.68
N LEU B 127 27.70 -14.74 12.74
CA LEU B 127 26.91 -13.52 12.87
C LEU B 127 25.44 -13.87 12.94
N LEU B 128 24.65 -12.95 13.49
CA LEU B 128 23.20 -13.05 13.52
C LEU B 128 22.63 -11.69 13.18
N TYR B 129 21.80 -11.63 12.14
CA TYR B 129 21.31 -10.37 11.60
C TYR B 129 19.79 -10.43 11.51
N THR B 130 19.13 -9.94 12.54
CA THR B 130 17.67 -9.95 12.63
C THR B 130 17.15 -8.58 12.21
N MET B 131 15.97 -8.55 11.64
CA MET B 131 15.42 -7.28 11.13
C MET B 131 13.92 -7.38 11.29
N ARG B 132 13.23 -6.29 11.54
CA ARG B 132 11.75 -6.33 11.61
C ARG B 132 11.26 -5.81 10.27
N LEU B 133 10.41 -6.56 9.57
CA LEU B 133 9.98 -6.18 8.21
C LEU B 133 8.48 -6.39 8.08
N THR B 134 7.80 -5.62 7.24
CA THR B 134 6.39 -5.88 6.96
C THR B 134 6.24 -6.08 5.46
N VAL B 135 6.23 -7.34 5.06
CA VAL B 135 6.30 -7.73 3.65
C VAL B 135 4.89 -7.82 3.09
N ARG B 136 4.63 -7.09 2.01
CA ARG B 136 3.42 -7.26 1.21
C ARG B 136 3.80 -8.12 0.02
N ALA B 137 3.36 -9.37 0.03
CA ALA B 137 3.76 -10.34 -0.97
C ALA B 137 2.59 -10.72 -1.87
N GLU B 138 2.93 -11.16 -3.07
CA GLU B 138 1.92 -11.62 -4.02
C GLU B 138 1.41 -13.00 -3.62
N CYS B 139 0.10 -13.11 -3.45
CA CYS B 139 -0.56 -14.39 -3.24
C CYS B 139 -1.54 -14.59 -4.39
N PRO B 140 -1.17 -15.36 -5.42
CA PRO B 140 -2.08 -15.58 -6.54
C PRO B 140 -3.24 -16.47 -6.12
N MET B 141 -4.45 -16.02 -6.45
CA MET B 141 -5.65 -16.66 -5.95
C MET B 141 -6.45 -17.27 -7.10
N HIS B 142 -7.04 -18.43 -6.82
CA HIS B 142 -7.87 -19.19 -7.73
C HIS B 142 -9.27 -19.26 -7.14
N LEU B 143 -10.09 -18.25 -7.46
CA LEU B 143 -11.39 -18.08 -6.81
C LEU B 143 -12.49 -18.75 -7.64
N GLU B 144 -12.29 -20.03 -7.93
CA GLU B 144 -13.37 -20.81 -8.54
C GLU B 144 -14.25 -21.47 -7.50
N ASP B 145 -13.79 -21.59 -6.26
CA ASP B 145 -14.58 -22.15 -5.17
C ASP B 145 -14.91 -21.12 -4.10
N PHE B 146 -14.93 -19.83 -4.44
CA PHE B 146 -15.28 -18.73 -3.54
C PHE B 146 -16.71 -18.90 -3.06
N PRO B 147 -16.99 -18.69 -1.77
CA PRO B 147 -16.08 -18.33 -0.69
C PRO B 147 -15.58 -19.53 0.12
N MET B 148 -15.81 -20.75 -0.32
CA MET B 148 -15.34 -21.93 0.40
C MET B 148 -14.01 -22.43 -0.17
N ASP B 149 -13.03 -21.53 -0.19
CA ASP B 149 -11.75 -21.76 -0.86
C ASP B 149 -10.61 -21.75 0.14
N ALA B 150 -9.54 -22.46 -0.21
CA ALA B 150 -8.33 -22.50 0.60
C ALA B 150 -7.13 -22.24 -0.30
N HIS B 151 -6.31 -21.27 0.08
CA HIS B 151 -5.15 -20.88 -0.70
C HIS B 151 -3.87 -21.23 0.04
N ALA B 152 -2.76 -21.15 -0.70
CA ALA B 152 -1.41 -21.34 -0.16
C ALA B 152 -0.60 -20.12 -0.58
N CYS B 153 -0.63 -19.08 0.25
CA CYS B 153 0.07 -17.85 -0.08
C CYS B 153 1.57 -18.02 0.13
N PRO B 154 2.40 -17.85 -0.89
CA PRO B 154 3.83 -18.12 -0.74
C PRO B 154 4.61 -16.89 -0.27
N LEU B 155 5.78 -17.17 0.31
CA LEU B 155 6.76 -16.14 0.62
C LEU B 155 8.10 -16.65 0.14
N LYS B 156 8.52 -16.21 -1.03
CA LYS B 156 9.75 -16.67 -1.65
C LYS B 156 10.80 -15.59 -1.43
N PHE B 157 12.01 -16.00 -1.04
CA PHE B 157 13.11 -15.07 -0.93
C PHE B 157 14.41 -15.73 -1.40
N GLY B 158 15.41 -14.91 -1.71
CA GLY B 158 16.66 -15.47 -2.27
C GLY B 158 17.85 -14.52 -2.17
N SER B 159 18.65 -14.43 -3.24
CA SER B 159 19.89 -13.58 -3.18
C SER B 159 20.10 -12.81 -4.47
N TYR B 160 19.46 -11.65 -4.64
CA TYR B 160 19.67 -10.80 -5.78
C TYR B 160 21.17 -10.70 -5.97
N ALA B 161 21.66 -11.01 -7.18
CA ALA B 161 23.02 -10.89 -7.69
C ALA B 161 24.00 -11.97 -7.23
N TYR B 162 23.65 -12.72 -6.18
CA TYR B 162 24.61 -13.73 -5.66
C TYR B 162 24.20 -15.11 -6.18
N THR B 163 24.93 -15.63 -7.16
CA THR B 163 24.54 -16.91 -7.81
C THR B 163 24.72 -18.10 -6.87
N ARG B 164 24.23 -19.28 -7.28
CA ARG B 164 24.34 -20.49 -6.48
C ARG B 164 25.79 -20.84 -6.18
N ALA B 165 26.70 -20.51 -7.09
CA ALA B 165 28.12 -20.71 -6.86
C ALA B 165 28.73 -19.72 -5.88
N GLU B 166 27.98 -18.69 -5.47
CA GLU B 166 28.47 -17.70 -4.53
C GLU B 166 27.78 -17.77 -3.17
N VAL B 167 26.46 -17.66 -3.12
CA VAL B 167 25.72 -17.63 -1.86
C VAL B 167 24.59 -18.64 -1.94
N VAL B 168 24.58 -19.58 -1.01
CA VAL B 168 23.47 -20.51 -0.85
C VAL B 168 22.77 -20.22 0.47
N TYR B 169 21.50 -20.56 0.53
CA TYR B 169 20.66 -20.29 1.70
C TYR B 169 20.20 -21.60 2.30
N GLU B 170 20.02 -21.60 3.63
CA GLU B 170 19.62 -22.80 4.34
C GLU B 170 18.82 -22.39 5.57
N TRP B 171 18.03 -23.32 6.11
CA TRP B 171 17.33 -23.12 7.37
C TRP B 171 18.21 -23.53 8.54
N THR B 172 18.28 -22.67 9.56
CA THR B 172 19.18 -22.92 10.68
C THR B 172 18.68 -24.02 11.61
N ARG B 173 17.37 -24.20 11.70
CA ARG B 173 16.77 -25.30 12.43
C ARG B 173 16.28 -26.33 11.44
N GLU B 174 15.53 -27.32 11.91
CA GLU B 174 14.86 -28.23 11.01
C GLU B 174 13.83 -27.46 10.19
N PRO B 175 13.63 -27.84 8.92
CA PRO B 175 12.68 -27.09 8.07
C PRO B 175 11.24 -27.09 8.57
N ALA B 176 10.82 -28.11 9.33
CA ALA B 176 9.50 -28.03 9.93
C ALA B 176 9.45 -27.04 11.08
N ARG B 177 10.61 -26.70 11.66
CA ARG B 177 10.67 -25.84 12.83
C ARG B 177 11.43 -24.55 12.56
N SER B 178 11.54 -24.12 11.31
CA SER B 178 12.33 -22.94 10.98
C SER B 178 11.48 -21.72 10.65
N VAL B 179 10.17 -21.86 10.54
CA VAL B 179 9.26 -20.73 10.47
C VAL B 179 8.30 -20.85 11.63
N VAL B 180 8.35 -19.88 12.55
CA VAL B 180 7.59 -19.91 13.79
C VAL B 180 6.58 -18.77 13.75
N VAL B 181 5.33 -19.10 14.08
CA VAL B 181 4.25 -18.12 14.13
C VAL B 181 3.84 -17.96 15.59
N ALA B 182 3.78 -16.71 16.05
CA ALA B 182 3.39 -16.43 17.43
C ALA B 182 1.92 -16.74 17.65
N GLU B 183 1.58 -17.08 18.89
CA GLU B 183 0.21 -17.48 19.22
C GLU B 183 -0.74 -16.30 19.16
N ASP B 184 -0.32 -15.14 19.67
CA ASP B 184 -1.18 -13.97 19.64
C ASP B 184 -1.13 -13.26 18.30
N GLY B 185 -0.17 -13.60 17.45
CA GLY B 185 0.02 -12.93 16.18
C GLY B 185 -0.84 -13.43 15.04
N SER B 186 -2.12 -13.05 15.04
CA SER B 186 -3.03 -13.39 13.94
C SER B 186 -3.95 -12.20 13.72
N ARG B 187 -3.63 -11.40 12.70
CA ARG B 187 -4.46 -10.27 12.31
C ARG B 187 -5.48 -10.64 11.24
N LEU B 188 -5.61 -11.93 10.92
CA LEU B 188 -6.56 -12.37 9.90
C LEU B 188 -7.98 -12.29 10.44
N ASN B 189 -8.80 -11.45 9.82
CA ASN B 189 -10.20 -11.34 10.20
C ASN B 189 -11.13 -12.07 9.25
N GLN B 190 -10.61 -12.70 8.20
CA GLN B 190 -11.42 -13.44 7.25
C GLN B 190 -10.98 -14.89 7.10
N TYR B 191 -9.69 -15.15 7.15
CA TYR B 191 -9.13 -16.49 6.98
C TYR B 191 -8.73 -17.03 8.35
N ASP B 192 -8.13 -18.22 8.35
CA ASP B 192 -7.39 -18.69 9.52
C ASP B 192 -6.20 -19.50 9.04
N LEU B 193 -5.06 -19.28 9.70
CA LEU B 193 -3.79 -19.85 9.27
C LEU B 193 -3.74 -21.32 9.70
N LEU B 194 -3.81 -22.22 8.73
CA LEU B 194 -3.90 -23.65 9.00
C LEU B 194 -2.55 -24.31 9.18
N GLY B 195 -1.46 -23.62 8.89
CA GLY B 195 -0.13 -24.19 9.05
C GLY B 195 0.86 -23.70 8.00
N GLN B 196 2.13 -23.77 8.35
CA GLN B 196 3.21 -23.31 7.48
C GLN B 196 3.87 -24.49 6.78
N THR B 197 4.62 -24.16 5.73
CA THR B 197 5.20 -25.16 4.83
C THR B 197 6.37 -24.50 4.11
N VAL B 198 7.55 -25.10 4.19
CA VAL B 198 8.73 -24.52 3.57
C VAL B 198 9.24 -25.44 2.47
N ASP B 199 10.08 -24.89 1.60
CA ASP B 199 10.77 -25.64 0.58
C ASP B 199 12.00 -24.83 0.15
N SER B 200 12.95 -25.51 -0.47
CA SER B 200 14.15 -24.87 -0.99
C SER B 200 14.41 -25.37 -2.40
N GLY B 201 14.60 -24.44 -3.33
CA GLY B 201 14.76 -24.78 -4.72
C GLY B 201 15.84 -23.94 -5.39
N ILE B 202 16.05 -24.20 -6.67
CA ILE B 202 17.02 -23.47 -7.48
C ILE B 202 16.28 -22.86 -8.66
N VAL B 203 16.34 -21.55 -8.80
CA VAL B 203 15.60 -20.83 -9.83
C VAL B 203 16.60 -20.30 -10.85
N GLN B 204 16.14 -20.18 -12.10
CA GLN B 204 17.00 -19.73 -13.19
C GLN B 204 16.40 -18.47 -13.81
N SER B 205 17.26 -17.52 -14.13
CA SER B 205 16.85 -16.26 -14.75
C SER B 205 17.85 -15.92 -15.84
N SER B 206 17.81 -14.66 -16.29
CA SER B 206 18.69 -14.23 -17.38
C SER B 206 20.13 -14.12 -16.92
N THR B 207 20.36 -14.04 -15.61
CA THR B 207 21.70 -13.81 -15.09
C THR B 207 22.38 -15.12 -14.70
N GLY B 208 21.68 -16.00 -13.99
CA GLY B 208 22.27 -17.25 -13.57
C GLY B 208 21.32 -18.03 -12.68
N GLU B 209 21.86 -19.06 -12.04
CA GLU B 209 21.10 -19.90 -11.13
C GLU B 209 21.17 -19.32 -9.72
N TYR B 210 20.03 -19.25 -9.05
CA TYR B 210 19.93 -18.71 -7.71
C TYR B 210 19.17 -19.68 -6.82
N VAL B 211 19.59 -19.75 -5.56
CA VAL B 211 18.89 -20.57 -4.56
C VAL B 211 17.74 -19.75 -4.00
N VAL B 212 16.53 -20.28 -4.11
CA VAL B 212 15.33 -19.61 -3.64
C VAL B 212 14.71 -20.45 -2.52
N MET B 213 14.27 -19.78 -1.46
CA MET B 213 13.63 -20.43 -0.32
C MET B 213 12.17 -20.03 -0.29
N THR B 214 11.28 -21.01 -0.41
CA THR B 214 9.85 -20.79 -0.50
C THR B 214 9.22 -21.17 0.83
N THR B 215 8.38 -20.29 1.37
CA THR B 215 7.58 -20.58 2.55
C THR B 215 6.11 -20.42 2.17
N HIS B 216 5.32 -21.47 2.37
CA HIS B 216 3.91 -21.46 2.03
C HIS B 216 3.09 -21.32 3.29
N PHE B 217 2.11 -20.42 3.28
CA PHE B 217 1.18 -20.23 4.38
C PHE B 217 -0.20 -20.69 3.94
N HIS B 218 -0.68 -21.79 4.50
CA HIS B 218 -1.91 -22.43 4.06
C HIS B 218 -3.09 -21.77 4.75
N LEU B 219 -3.86 -21.00 4.00
CA LEU B 219 -5.02 -20.29 4.53
C LEU B 219 -6.30 -21.02 4.14
N LYS B 220 -7.40 -20.59 4.74
CA LYS B 220 -8.71 -21.15 4.44
C LYS B 220 -9.75 -20.11 4.81
N ARG B 221 -10.65 -19.78 3.89
CA ARG B 221 -11.63 -18.76 4.16
C ARG B 221 -12.70 -19.26 5.14
N LYS B 222 -13.15 -18.35 5.99
CA LYS B 222 -14.22 -18.62 6.95
C LYS B 222 -15.50 -18.06 6.35
N ILE B 223 -16.46 -18.94 6.05
CA ILE B 223 -17.72 -18.49 5.48
C ILE B 223 -18.66 -18.15 6.64
N GLY B 224 -18.47 -16.95 7.20
CA GLY B 224 -19.40 -16.44 8.19
C GLY B 224 -19.91 -15.08 7.78
N TYR B 225 -19.08 -14.34 7.06
CA TYR B 225 -19.50 -13.04 6.55
C TYR B 225 -20.47 -13.21 5.39
N PHE B 226 -20.13 -14.12 4.46
CA PHE B 226 -20.92 -14.25 3.21
C PHE B 226 -22.28 -14.93 3.43
N VAL B 227 -22.38 -15.84 4.41
CA VAL B 227 -23.72 -16.44 4.69
C VAL B 227 -24.70 -15.30 4.99
N ILE B 228 -24.31 -14.37 5.87
CA ILE B 228 -25.22 -13.24 6.25
C ILE B 228 -25.20 -12.18 5.15
N GLN B 229 -24.09 -12.05 4.43
CA GLN B 229 -23.96 -10.96 3.42
C GLN B 229 -24.84 -11.25 2.20
N THR B 230 -24.77 -12.47 1.64
CA THR B 230 -25.52 -12.74 0.38
C THR B 230 -26.33 -14.03 0.49
N TYR B 231 -25.70 -15.14 0.88
CA TYR B 231 -26.40 -16.46 0.92
C TYR B 231 -27.77 -16.32 1.60
N LEU B 232 -27.79 -15.96 2.89
CA LEU B 232 -29.05 -15.90 3.61
C LEU B 232 -30.02 -14.82 3.11
N PRO B 233 -29.58 -13.60 2.71
CA PRO B 233 -30.53 -12.71 2.02
C PRO B 233 -31.06 -13.26 0.70
N CYS B 234 -30.25 -14.02 -0.05
CA CYS B 234 -30.76 -14.60 -1.29
C CYS B 234 -31.74 -15.73 -1.02
N ILE B 235 -31.51 -16.50 0.05
CA ILE B 235 -32.46 -17.52 0.46
C ILE B 235 -33.77 -16.89 0.90
N MET B 236 -33.69 -15.80 1.68
CA MET B 236 -34.92 -15.11 2.10
C MET B 236 -35.62 -14.43 0.94
N THR B 237 -34.88 -13.97 -0.07
CA THR B 237 -35.48 -13.41 -1.28
C THR B 237 -36.22 -14.48 -2.06
N VAL B 238 -35.65 -15.69 -2.13
CA VAL B 238 -36.35 -16.80 -2.78
C VAL B 238 -37.61 -17.18 -2.01
N ILE B 239 -37.50 -17.28 -0.68
CA ILE B 239 -38.62 -17.67 0.17
C ILE B 239 -39.74 -16.62 0.12
N LEU B 240 -39.38 -15.35 0.02
CA LEU B 240 -40.39 -14.31 -0.12
C LEU B 240 -41.04 -14.34 -1.51
N SER B 241 -40.33 -14.82 -2.52
CA SER B 241 -40.98 -15.14 -3.79
C SER B 241 -41.73 -16.45 -3.73
N GLN B 242 -41.35 -17.35 -2.82
CA GLN B 242 -42.05 -18.61 -2.64
C GLN B 242 -43.42 -18.42 -1.99
N VAL B 243 -43.60 -17.36 -1.22
CA VAL B 243 -44.85 -17.18 -0.48
C VAL B 243 -45.88 -16.46 -1.32
N SER B 244 -45.51 -16.00 -2.52
CA SER B 244 -46.47 -15.36 -3.42
C SER B 244 -47.45 -16.37 -4.04
N PHE B 245 -47.15 -17.66 -3.97
CA PHE B 245 -48.07 -18.68 -4.49
C PHE B 245 -49.22 -18.96 -3.54
N TRP B 246 -49.16 -18.50 -2.30
CA TRP B 246 -50.23 -18.68 -1.34
C TRP B 246 -51.22 -17.53 -1.33
N LEU B 247 -50.99 -16.53 -2.19
CA LEU B 247 -51.85 -15.30 -2.26
C LEU B 247 -53.09 -15.56 -3.11
N ASN B 248 -53.99 -14.57 -3.17
CA ASN B 248 -55.25 -14.71 -3.95
C ASN B 248 -54.93 -14.78 -5.44
N ARG B 249 -55.69 -15.52 -6.23
CA ARG B 249 -55.32 -15.66 -7.65
C ARG B 249 -55.55 -14.33 -8.37
N GLU B 250 -56.47 -13.52 -7.88
CA GLU B 250 -56.86 -12.30 -8.62
C GLU B 250 -56.12 -11.06 -8.16
N SER B 251 -55.09 -11.19 -7.32
CA SER B 251 -54.40 -9.94 -6.95
C SER B 251 -53.50 -9.55 -8.11
N VAL B 252 -54.07 -9.14 -9.23
CA VAL B 252 -53.21 -8.86 -10.41
C VAL B 252 -52.05 -8.01 -9.93
N PRO B 253 -52.20 -6.94 -9.10
CA PRO B 253 -51.03 -6.13 -8.71
C PRO B 253 -50.22 -6.62 -7.49
N ALA B 254 -50.86 -7.29 -6.52
CA ALA B 254 -50.13 -7.70 -5.30
C ALA B 254 -49.07 -8.75 -5.63
N ARG B 255 -49.47 -9.80 -6.37
CA ARG B 255 -48.47 -10.81 -6.79
C ARG B 255 -47.44 -10.14 -7.70
N THR B 256 -47.84 -9.11 -8.45
CA THR B 256 -46.88 -8.36 -9.30
C THR B 256 -45.80 -7.75 -8.40
N VAL B 257 -46.20 -7.00 -7.37
CA VAL B 257 -45.19 -6.32 -6.50
C VAL B 257 -44.26 -7.39 -5.90
N PHE B 258 -44.80 -8.46 -5.30
CA PHE B 258 -43.90 -9.54 -4.85
C PHE B 258 -42.84 -9.89 -5.88
N GLY B 259 -43.26 -10.16 -7.10
CA GLY B 259 -42.31 -10.61 -8.11
C GLY B 259 -41.30 -9.54 -8.49
N VAL B 260 -41.76 -8.31 -8.66
CA VAL B 260 -40.83 -7.27 -9.11
C VAL B 260 -39.90 -6.84 -7.97
N THR B 261 -40.35 -6.89 -6.72
CA THR B 261 -39.43 -6.55 -5.65
C THR B 261 -38.45 -7.68 -5.36
N THR B 262 -38.86 -8.94 -5.53
CA THR B 262 -37.90 -10.03 -5.43
C THR B 262 -36.87 -9.97 -6.55
N VAL B 263 -37.29 -9.59 -7.76
CA VAL B 263 -36.35 -9.41 -8.86
C VAL B 263 -35.37 -8.27 -8.58
N LEU B 264 -35.88 -7.14 -8.05
CA LEU B 264 -35.01 -6.01 -7.71
C LEU B 264 -34.02 -6.36 -6.61
N THR B 265 -34.48 -7.02 -5.55
CA THR B 265 -33.56 -7.41 -4.47
C THR B 265 -32.58 -8.48 -4.93
N MET B 266 -33.02 -9.39 -5.81
CA MET B 266 -32.13 -10.42 -6.34
C MET B 266 -31.04 -9.82 -7.23
N THR B 267 -31.41 -8.86 -8.09
CA THR B 267 -30.38 -8.28 -8.96
C THR B 267 -29.48 -7.31 -8.20
N THR B 268 -29.98 -6.64 -7.14
CA THR B 268 -29.06 -5.80 -6.37
C THR B 268 -28.17 -6.64 -5.47
N LEU B 269 -28.62 -7.82 -5.04
CA LEU B 269 -27.73 -8.74 -4.34
C LEU B 269 -26.70 -9.33 -5.29
N SER B 270 -27.10 -9.58 -6.55
CA SER B 270 -26.16 -10.08 -7.56
C SER B 270 -25.10 -9.05 -7.89
N ILE B 271 -25.48 -7.77 -7.97
CA ILE B 271 -24.50 -6.71 -8.22
C ILE B 271 -23.60 -6.51 -7.00
N SER B 272 -24.19 -6.46 -5.81
CA SER B 272 -23.42 -6.17 -4.61
C SER B 272 -22.61 -7.36 -4.12
N ALA B 273 -22.85 -8.56 -4.64
CA ALA B 273 -22.04 -9.71 -4.25
C ALA B 273 -20.86 -9.91 -5.19
N ARG B 274 -20.18 -8.83 -5.51
CA ARG B 274 -18.94 -8.89 -6.29
C ARG B 274 -17.91 -7.91 -5.74
N ASN B 275 -18.18 -7.22 -4.64
CA ASN B 275 -17.23 -6.28 -4.08
C ASN B 275 -16.09 -7.01 -3.39
N SER B 276 -14.91 -6.39 -3.44
CA SER B 276 -13.67 -6.74 -2.74
C SER B 276 -12.98 -8.00 -3.25
N LEU B 277 -13.59 -8.72 -4.18
CA LEU B 277 -12.86 -9.77 -4.89
C LEU B 277 -12.64 -9.30 -6.34
N PRO B 278 -11.50 -9.64 -6.95
CA PRO B 278 -11.14 -8.98 -8.21
C PRO B 278 -11.97 -9.46 -9.39
N LYS B 279 -11.90 -8.69 -10.47
CA LYS B 279 -12.75 -8.90 -11.63
C LYS B 279 -12.27 -10.06 -12.48
N VAL B 280 -12.41 -11.29 -11.96
CA VAL B 280 -11.96 -12.47 -12.67
C VAL B 280 -12.92 -12.80 -13.81
N ALA B 281 -12.39 -13.49 -14.82
CA ALA B 281 -13.20 -13.83 -15.99
C ALA B 281 -14.17 -14.97 -15.72
N TYR B 282 -13.84 -15.88 -14.80
CA TYR B 282 -14.68 -17.04 -14.53
C TYR B 282 -15.76 -16.66 -13.52
N ALA B 283 -16.52 -17.66 -13.06
CA ALA B 283 -17.62 -17.45 -12.13
C ALA B 283 -17.37 -18.27 -10.87
N THR B 284 -17.66 -17.68 -9.72
CA THR B 284 -17.44 -18.33 -8.44
C THR B 284 -18.62 -19.25 -8.12
N ALA B 285 -18.49 -19.99 -7.01
CA ALA B 285 -19.60 -20.80 -6.54
C ALA B 285 -20.73 -19.93 -6.02
N MET B 286 -20.40 -18.77 -5.44
CA MET B 286 -21.43 -17.82 -5.01
C MET B 286 -22.19 -17.27 -6.21
N ASP B 287 -21.52 -17.10 -7.35
CA ASP B 287 -22.21 -16.69 -8.57
C ASP B 287 -23.17 -17.75 -9.07
N TRP B 288 -22.83 -19.04 -8.92
CA TRP B 288 -23.75 -20.10 -9.31
C TRP B 288 -24.96 -20.16 -8.38
N PHE B 289 -24.75 -19.92 -7.08
CA PHE B 289 -25.87 -19.82 -6.16
C PHE B 289 -26.76 -18.62 -6.50
N ILE B 290 -26.14 -17.50 -6.86
CA ILE B 290 -26.84 -16.30 -7.32
C ILE B 290 -27.68 -16.61 -8.54
N ALA B 291 -27.11 -17.34 -9.51
CA ALA B 291 -27.81 -17.65 -10.75
C ALA B 291 -28.99 -18.60 -10.54
N VAL B 292 -28.82 -19.61 -9.68
CA VAL B 292 -29.93 -20.54 -9.42
C VAL B 292 -31.04 -19.87 -8.63
N CYS B 293 -30.70 -19.05 -7.63
CA CYS B 293 -31.72 -18.33 -6.88
C CYS B 293 -32.42 -17.28 -7.75
N TYR B 294 -31.67 -16.66 -8.67
CA TYR B 294 -32.21 -15.75 -9.67
C TYR B 294 -33.20 -16.45 -10.60
N ALA B 295 -32.87 -17.66 -11.04
CA ALA B 295 -33.77 -18.44 -11.89
C ALA B 295 -35.04 -18.82 -11.13
N PHE B 296 -34.92 -19.20 -9.85
CA PHE B 296 -36.10 -19.51 -9.06
C PHE B 296 -36.93 -18.28 -8.72
N VAL B 297 -36.34 -17.08 -8.70
CA VAL B 297 -37.11 -15.86 -8.50
C VAL B 297 -37.90 -15.54 -9.78
N PHE B 298 -37.23 -15.58 -10.93
CA PHE B 298 -37.90 -15.31 -12.20
C PHE B 298 -38.92 -16.38 -12.58
N SER B 299 -38.76 -17.59 -12.06
CA SER B 299 -39.74 -18.64 -12.29
C SER B 299 -41.08 -18.31 -11.64
N ALA B 300 -41.04 -17.58 -10.52
CA ALA B 300 -42.26 -17.15 -9.86
C ALA B 300 -43.04 -16.14 -10.71
N LEU B 301 -42.33 -15.21 -11.36
CA LEU B 301 -43.00 -14.29 -12.27
C LEU B 301 -43.48 -14.95 -13.55
N ILE B 302 -42.75 -15.96 -14.04
CA ILE B 302 -43.26 -16.71 -15.19
C ILE B 302 -44.55 -17.46 -14.81
N GLU B 303 -44.59 -18.04 -13.61
CA GLU B 303 -45.78 -18.71 -13.11
C GLU B 303 -46.94 -17.72 -12.92
N PHE B 304 -46.65 -16.53 -12.38
CA PHE B 304 -47.69 -15.52 -12.19
C PHE B 304 -48.19 -14.96 -13.51
N ALA B 305 -47.31 -14.81 -14.50
CA ALA B 305 -47.74 -14.39 -15.83
C ALA B 305 -48.62 -15.45 -16.48
N THR B 306 -48.30 -16.74 -16.27
CA THR B 306 -49.15 -17.82 -16.78
C THR B 306 -50.52 -17.81 -16.11
N VAL B 307 -50.56 -17.61 -14.78
CA VAL B 307 -51.82 -17.58 -14.05
C VAL B 307 -52.66 -16.37 -14.46
N ASN B 308 -52.04 -15.21 -14.60
CA ASN B 308 -52.74 -14.01 -15.03
C ASN B 308 -53.18 -14.10 -16.49
N TYR B 309 -52.46 -14.86 -17.32
CA TYR B 309 -52.94 -15.13 -18.66
C TYR B 309 -54.11 -16.10 -18.66
N PHE B 310 -54.20 -16.92 -17.59
CA PHE B 310 -55.27 -17.94 -17.53
C PHE B 310 -56.38 -17.54 -16.54
N THR B 311 -56.46 -16.28 -16.15
CA THR B 311 -57.61 -15.86 -15.32
C THR B 311 -58.70 -15.41 -16.28
N LYS B 312 -59.90 -15.17 -15.76
CA LYS B 312 -61.04 -14.76 -16.63
C LYS B 312 -61.87 -13.75 -15.84
N THR B 385 -68.95 -18.01 -11.97
CA THR B 385 -69.52 -16.98 -11.07
C THR B 385 -68.42 -16.52 -10.12
N PHE B 386 -67.31 -17.26 -10.09
CA PHE B 386 -66.19 -16.93 -9.17
C PHE B 386 -64.93 -17.61 -9.68
N ASN B 387 -63.82 -16.86 -9.76
CA ASN B 387 -62.54 -17.44 -10.21
C ASN B 387 -62.10 -18.50 -9.20
N SER B 388 -61.56 -19.63 -9.66
CA SER B 388 -61.22 -20.74 -8.73
C SER B 388 -59.71 -20.77 -8.47
N VAL B 389 -59.27 -21.62 -7.53
CA VAL B 389 -57.84 -21.68 -7.23
C VAL B 389 -57.13 -22.38 -8.37
N SER B 390 -56.05 -21.76 -8.86
CA SER B 390 -55.33 -22.29 -10.01
C SER B 390 -54.56 -23.56 -9.66
N LYS B 391 -54.60 -24.53 -10.57
CA LYS B 391 -53.80 -25.74 -10.39
C LYS B 391 -52.31 -25.46 -10.56
N ILE B 392 -51.97 -24.40 -11.31
CA ILE B 392 -50.59 -23.96 -11.40
C ILE B 392 -50.13 -23.41 -10.05
N ASP B 393 -51.02 -22.77 -9.31
CA ASP B 393 -50.69 -22.27 -7.98
C ASP B 393 -50.49 -23.40 -6.98
N ARG B 394 -51.33 -24.45 -7.07
CA ARG B 394 -51.22 -25.55 -6.12
C ARG B 394 -50.01 -26.42 -6.40
N LEU B 395 -49.62 -26.58 -7.66
CA LEU B 395 -48.41 -27.33 -7.97
C LEU B 395 -47.16 -26.53 -7.63
N SER B 396 -47.24 -25.21 -7.68
CA SER B 396 -46.10 -24.37 -7.32
C SER B 396 -45.97 -24.17 -5.83
N ARG B 397 -46.99 -24.54 -5.04
CA ARG B 397 -46.86 -24.47 -3.60
C ARG B 397 -46.06 -25.64 -3.04
N ILE B 398 -45.89 -26.71 -3.81
CA ILE B 398 -45.22 -27.91 -3.35
C ILE B 398 -43.89 -28.12 -4.08
N ALA B 399 -43.90 -28.01 -5.41
CA ALA B 399 -42.70 -28.32 -6.19
C ALA B 399 -41.64 -27.25 -6.03
N PHE B 400 -42.05 -25.98 -6.07
CA PHE B 400 -41.09 -24.87 -5.94
C PHE B 400 -40.34 -24.83 -4.60
N PRO B 401 -40.94 -25.08 -3.42
CA PRO B 401 -40.08 -25.22 -2.23
C PRO B 401 -39.26 -26.50 -2.23
N LEU B 402 -39.74 -27.57 -2.85
CA LEU B 402 -39.00 -28.82 -2.84
C LEU B 402 -37.82 -28.79 -3.80
N LEU B 403 -37.98 -28.16 -4.97
CA LEU B 403 -36.86 -28.06 -5.90
C LEU B 403 -35.79 -27.08 -5.41
N PHE B 404 -36.15 -26.17 -4.50
CA PHE B 404 -35.13 -25.40 -3.81
C PHE B 404 -34.42 -26.24 -2.76
N GLY B 405 -35.15 -27.13 -2.10
CA GLY B 405 -34.54 -27.96 -1.07
C GLY B 405 -33.65 -29.05 -1.63
N ILE B 406 -33.89 -29.45 -2.88
CA ILE B 406 -32.99 -30.39 -3.54
C ILE B 406 -31.67 -29.71 -3.89
N PHE B 407 -31.75 -28.45 -4.38
CA PHE B 407 -30.55 -27.76 -4.85
C PHE B 407 -29.63 -27.39 -3.67
N ASN B 408 -30.21 -26.98 -2.55
CA ASN B 408 -29.39 -26.61 -1.39
C ASN B 408 -28.69 -27.83 -0.78
N LEU B 409 -29.32 -29.00 -0.86
CA LEU B 409 -28.63 -30.21 -0.41
C LEU B 409 -27.57 -30.67 -1.39
N VAL B 410 -27.61 -30.20 -2.64
CA VAL B 410 -26.60 -30.57 -3.61
C VAL B 410 -25.45 -29.56 -3.60
N TYR B 411 -25.79 -28.26 -3.54
CA TYR B 411 -24.77 -27.22 -3.56
C TYR B 411 -23.95 -27.20 -2.26
N TRP B 412 -24.61 -27.42 -1.13
CA TRP B 412 -23.88 -27.41 0.14
C TRP B 412 -23.27 -28.75 0.48
N ALA B 413 -23.31 -29.66 -0.46
CA ALA B 413 -22.52 -30.88 -0.23
C ALA B 413 -21.35 -30.70 -1.17
N THR B 414 -21.65 -30.39 -2.42
CA THR B 414 -20.58 -30.36 -3.42
C THR B 414 -19.36 -29.62 -2.90
N TYR B 415 -19.60 -28.49 -2.27
CA TYR B 415 -18.43 -27.68 -1.88
C TYR B 415 -18.02 -28.01 -0.45
N LEU B 416 -18.95 -27.89 0.49
CA LEU B 416 -18.54 -28.02 1.92
C LEU B 416 -17.91 -29.38 2.19
N ASN B 417 -18.05 -30.34 1.27
CA ASN B 417 -17.54 -31.70 1.58
C ASN B 417 -16.02 -31.71 1.50
N ARG B 418 -15.45 -31.27 0.36
CA ARG B 418 -13.98 -31.35 0.19
C ARG B 418 -13.66 -31.57 -1.29
N GLY C 7 43.87 -16.10 0.13
CA GLY C 7 44.51 -14.94 -0.49
C GLY C 7 43.63 -14.29 -1.55
N ASN C 8 42.56 -14.96 -1.96
CA ASN C 8 41.77 -14.36 -3.06
C ASN C 8 41.01 -13.12 -2.58
N MET C 9 40.42 -13.11 -1.38
CA MET C 9 39.71 -11.85 -1.01
C MET C 9 40.72 -10.84 -0.47
N SER C 10 42.01 -11.15 -0.53
CA SER C 10 43.04 -10.16 -0.14
C SER C 10 43.62 -9.59 -1.43
N PHE C 11 43.49 -10.34 -2.53
CA PHE C 11 43.92 -9.85 -3.87
C PHE C 11 42.74 -9.12 -4.54
N VAL C 12 41.55 -9.66 -4.48
CA VAL C 12 40.38 -8.94 -5.01
C VAL C 12 40.27 -7.55 -4.39
N LYS C 13 40.72 -7.38 -3.14
CA LYS C 13 40.69 -6.06 -2.52
C LYS C 13 41.60 -5.06 -3.24
N GLU C 14 42.85 -5.46 -3.58
CA GLU C 14 43.68 -4.52 -4.32
C GLU C 14 43.21 -4.35 -5.75
N THR C 15 42.57 -5.38 -6.32
CA THR C 15 42.01 -5.24 -7.67
C THR C 15 40.91 -4.19 -7.72
N VAL C 16 39.95 -4.26 -6.80
CA VAL C 16 38.84 -3.30 -6.79
C VAL C 16 39.34 -1.90 -6.36
N ASP C 17 40.28 -1.86 -5.40
CA ASP C 17 40.83 -0.58 -4.97
C ASP C 17 41.64 0.09 -6.07
N LYS C 18 42.30 -0.71 -6.91
CA LYS C 18 43.05 -0.16 -8.03
C LYS C 18 42.11 0.30 -9.14
N LEU C 19 40.99 -0.41 -9.32
CA LEU C 19 40.03 0.01 -10.34
C LEU C 19 39.34 1.31 -9.97
N LEU C 20 38.96 1.47 -8.70
CA LEU C 20 38.19 2.65 -8.31
C LEU C 20 39.02 3.77 -7.69
N LYS C 21 40.31 3.85 -7.99
CA LYS C 21 41.13 4.98 -7.55
C LYS C 21 41.54 5.78 -8.79
N GLY C 22 41.25 7.08 -8.76
CA GLY C 22 41.35 7.91 -9.94
C GLY C 22 40.14 7.84 -10.84
N TYR C 23 39.12 7.09 -10.46
CA TYR C 23 37.90 6.99 -11.25
C TYR C 23 37.13 8.28 -11.21
N ASP C 24 36.67 8.72 -12.39
CA ASP C 24 35.86 9.93 -12.51
C ASP C 24 34.44 9.50 -12.89
N ILE C 25 33.55 9.55 -11.91
CA ILE C 25 32.14 9.22 -12.09
C ILE C 25 31.47 10.31 -12.93
N ARG C 26 32.07 11.50 -12.96
CA ARG C 26 31.53 12.62 -13.72
C ARG C 26 31.71 12.48 -15.22
N LEU C 27 32.58 11.59 -15.67
CA LEU C 27 32.83 11.38 -17.08
C LEU C 27 32.35 9.98 -17.48
N ARG C 28 31.56 9.90 -18.53
CA ARG C 28 31.14 8.63 -19.11
C ARG C 28 32.33 7.99 -19.80
N PRO C 29 32.33 6.67 -20.03
CA PRO C 29 33.43 6.06 -20.80
C PRO C 29 33.47 6.57 -22.23
N ASP C 30 34.70 6.71 -22.73
CA ASP C 30 35.02 7.31 -24.04
C ASP C 30 34.41 8.70 -24.15
N PHE C 31 34.87 9.60 -23.25
CA PHE C 31 34.32 10.99 -23.20
C PHE C 31 34.65 11.75 -24.49
N GLY C 32 35.91 11.72 -24.90
CA GLY C 32 36.28 12.36 -26.15
C GLY C 32 36.28 11.41 -27.33
N GLY C 33 35.23 10.60 -27.46
CA GLY C 33 35.19 9.59 -28.48
C GLY C 33 33.78 9.16 -28.87
N PRO C 34 33.65 7.91 -29.30
CA PRO C 34 32.36 7.42 -29.82
C PRO C 34 31.34 7.27 -28.70
N PRO C 35 30.04 7.24 -29.02
CA PRO C 35 29.03 6.93 -28.00
C PRO C 35 29.18 5.52 -27.47
N VAL C 36 28.87 5.36 -26.19
CA VAL C 36 28.94 4.06 -25.54
C VAL C 36 27.64 3.31 -25.79
N CYS C 37 27.75 2.01 -26.08
CA CYS C 37 26.58 1.20 -26.40
C CYS C 37 26.03 0.62 -25.10
N VAL C 38 24.77 0.95 -24.80
CA VAL C 38 24.11 0.40 -23.59
C VAL C 38 22.99 -0.54 -24.02
N GLY C 39 23.24 -1.85 -24.08
CA GLY C 39 22.19 -2.83 -24.39
C GLY C 39 21.26 -3.05 -23.22
N MET C 40 19.98 -3.23 -23.45
CA MET C 40 19.04 -3.32 -22.32
C MET C 40 18.16 -4.55 -22.46
N ASN C 41 17.76 -5.18 -21.36
CA ASN C 41 16.94 -6.42 -21.38
C ASN C 41 16.02 -6.33 -20.17
N ILE C 42 14.76 -6.69 -20.31
CA ILE C 42 13.83 -6.49 -19.18
C ILE C 42 13.18 -7.81 -18.87
N ASP C 43 13.25 -8.26 -17.64
CA ASP C 43 12.53 -9.44 -17.17
C ASP C 43 11.32 -8.94 -16.39
N ILE C 44 10.14 -9.02 -17.01
CA ILE C 44 8.93 -8.51 -16.40
C ILE C 44 8.47 -9.49 -15.33
N ALA C 45 8.40 -9.01 -14.09
CA ALA C 45 7.92 -9.86 -13.00
C ALA C 45 6.40 -9.99 -13.03
N SER C 46 5.71 -8.86 -12.91
CA SER C 46 4.26 -8.86 -12.91
C SER C 46 3.75 -7.49 -13.31
N ILE C 47 2.78 -7.45 -14.21
CA ILE C 47 2.04 -6.23 -14.49
C ILE C 47 0.91 -6.14 -13.47
N ASP C 48 0.89 -5.07 -12.70
CA ASP C 48 -0.09 -4.86 -11.64
C ASP C 48 -1.32 -4.18 -12.24
N MET C 49 -2.15 -3.58 -11.38
CA MET C 49 -3.46 -3.04 -11.75
C MET C 49 -3.38 -2.00 -12.85
N VAL C 50 -4.21 -2.20 -13.88
CA VAL C 50 -4.32 -1.29 -15.02
C VAL C 50 -5.60 -0.51 -14.81
N SER C 51 -5.48 0.68 -14.22
CA SER C 51 -6.63 1.48 -13.83
C SER C 51 -7.00 2.45 -14.94
N GLU C 52 -8.28 2.45 -15.32
CA GLU C 52 -8.76 3.39 -16.31
C GLU C 52 -9.08 4.76 -15.71
N VAL C 53 -9.26 4.83 -14.38
CA VAL C 53 -9.58 6.09 -13.72
C VAL C 53 -8.39 7.03 -13.77
N ASN C 54 -7.20 6.54 -13.43
CA ASN C 54 -5.98 7.32 -13.51
C ASN C 54 -5.31 7.24 -14.87
N MET C 55 -5.76 6.31 -15.73
CA MET C 55 -5.24 6.07 -17.07
C MET C 55 -3.74 5.77 -17.05
N ASP C 56 -3.39 4.68 -16.38
CA ASP C 56 -2.01 4.24 -16.27
C ASP C 56 -1.99 2.73 -16.04
N TYR C 57 -0.80 2.20 -15.82
CA TYR C 57 -0.63 0.80 -15.47
C TYR C 57 0.65 0.69 -14.64
N THR C 58 0.68 -0.30 -13.75
CA THR C 58 1.90 -0.51 -12.94
C THR C 58 2.62 -1.74 -13.47
N LEU C 59 3.96 -1.70 -13.56
CA LEU C 59 4.75 -2.81 -14.13
C LEU C 59 5.91 -3.05 -13.20
N THR C 60 6.15 -4.29 -12.76
CA THR C 60 7.33 -4.61 -11.93
C THR C 60 8.27 -5.38 -12.82
N MET C 61 9.48 -4.90 -12.96
CA MET C 61 10.40 -5.46 -13.94
C MET C 61 11.76 -5.67 -13.30
N TYR C 62 12.60 -6.44 -13.98
CA TYR C 62 14.01 -6.61 -13.63
C TYR C 62 14.81 -5.92 -14.74
N PHE C 63 14.97 -4.61 -14.59
CA PHE C 63 15.58 -3.78 -15.63
C PHE C 63 17.10 -3.94 -15.58
N GLN C 64 17.63 -4.47 -16.67
CA GLN C 64 19.09 -4.72 -16.73
C GLN C 64 19.67 -3.94 -17.88
N GLN C 65 20.93 -3.54 -17.79
CA GLN C 65 21.59 -2.72 -18.81
C GLN C 65 23.03 -3.19 -18.88
N TYR C 66 23.72 -2.95 -19.96
CA TYR C 66 25.08 -3.50 -20.13
C TYR C 66 25.91 -2.54 -20.96
N TRP C 67 27.11 -2.25 -20.53
CA TRP C 67 27.99 -1.32 -21.25
C TRP C 67 29.41 -1.76 -21.04
N ARG C 68 30.33 -1.12 -21.71
CA ARG C 68 31.74 -1.56 -21.60
C ARG C 68 32.58 -0.36 -21.18
N ASP C 69 32.94 -0.30 -19.91
CA ASP C 69 33.78 0.77 -19.40
C ASP C 69 35.23 0.29 -19.40
N LYS C 70 36.10 0.98 -20.13
CA LYS C 70 37.49 0.56 -20.24
C LYS C 70 38.29 0.83 -18.97
N ARG C 71 37.76 1.62 -18.04
CA ARG C 71 38.45 1.88 -16.78
C ARG C 71 38.20 0.81 -15.74
N LEU C 72 37.38 -0.20 -16.04
CA LEU C 72 37.02 -1.26 -15.11
C LEU C 72 37.47 -2.63 -15.62
N ALA C 73 38.57 -2.67 -16.34
CA ALA C 73 39.09 -3.91 -16.90
C ALA C 73 40.26 -4.40 -16.04
N TYR C 74 40.20 -5.70 -15.70
CA TYR C 74 41.19 -6.29 -14.77
C TYR C 74 41.78 -7.58 -15.33
N SER C 75 43.07 -7.83 -15.05
CA SER C 75 43.77 -8.97 -15.67
C SER C 75 44.08 -10.11 -14.68
N GLY C 76 43.39 -10.16 -13.54
CA GLY C 76 43.70 -11.20 -12.54
C GLY C 76 42.55 -12.16 -12.30
N ILE C 77 41.60 -11.77 -11.45
CA ILE C 77 40.49 -12.68 -11.09
C ILE C 77 39.85 -13.19 -12.37
N PRO C 78 39.69 -14.52 -12.55
CA PRO C 78 39.20 -15.05 -13.81
C PRO C 78 37.68 -15.15 -13.78
N LEU C 79 37.07 -14.85 -12.63
CA LEU C 79 35.59 -14.99 -12.50
C LEU C 79 34.95 -13.61 -12.53
N ASN C 80 33.61 -13.58 -12.66
CA ASN C 80 32.88 -12.29 -12.73
C ASN C 80 32.54 -11.81 -11.32
N LEU C 81 33.32 -10.90 -10.76
CA LEU C 81 33.10 -10.41 -9.37
C LEU C 81 31.71 -9.79 -9.29
N THR C 82 30.82 -10.33 -8.45
CA THR C 82 29.51 -9.67 -8.27
C THR C 82 29.63 -8.76 -7.07
N LEU C 83 29.99 -7.51 -7.27
CA LEU C 83 30.28 -6.63 -6.12
C LEU C 83 29.00 -6.20 -5.42
N ASP C 84 29.07 -6.01 -4.10
CA ASP C 84 27.99 -5.51 -3.27
C ASP C 84 27.34 -4.31 -3.95
N ASN C 85 26.03 -4.14 -3.73
CA ASN C 85 25.25 -3.17 -4.50
C ASN C 85 25.58 -1.72 -4.17
N ARG C 86 26.42 -1.45 -3.16
CA ARG C 86 26.78 -0.09 -2.80
C ARG C 86 27.97 0.45 -3.58
N VAL C 87 28.57 -0.33 -4.49
CA VAL C 87 29.67 0.20 -5.30
C VAL C 87 29.11 0.91 -6.53
N ALA C 88 27.83 0.70 -6.84
CA ALA C 88 27.20 1.32 -8.01
C ALA C 88 27.08 2.83 -7.88
N ASP C 89 27.18 3.37 -6.68
CA ASP C 89 27.21 4.81 -6.46
C ASP C 89 28.60 5.40 -6.69
N GLN C 90 29.61 4.57 -6.91
CA GLN C 90 30.96 5.04 -7.18
C GLN C 90 31.41 4.72 -8.61
N LEU C 91 30.50 4.24 -9.44
CA LEU C 91 30.77 3.98 -10.84
C LEU C 91 29.85 4.83 -11.69
N TRP C 92 30.23 5.05 -12.95
CA TRP C 92 29.33 5.74 -13.87
C TRP C 92 28.23 4.78 -14.30
N VAL C 93 26.99 5.18 -14.07
CA VAL C 93 25.84 4.46 -14.62
C VAL C 93 25.06 5.46 -15.46
N PRO C 94 24.43 5.04 -16.55
CA PRO C 94 23.71 6.01 -17.39
C PRO C 94 22.46 6.53 -16.72
N ASP C 95 22.07 7.74 -17.11
CA ASP C 95 20.91 8.42 -16.53
C ASP C 95 19.63 8.02 -17.27
N THR C 96 19.39 6.70 -17.30
CA THR C 96 18.26 6.14 -18.01
C THR C 96 16.98 6.45 -17.26
N TYR C 97 16.00 7.03 -17.96
CA TYR C 97 14.74 7.38 -17.35
C TYR C 97 13.60 6.88 -18.23
N PHE C 98 12.41 6.86 -17.65
CA PHE C 98 11.20 6.51 -18.35
C PHE C 98 10.35 7.76 -18.55
N LEU C 99 9.97 8.04 -19.80
CA LEU C 99 9.34 9.32 -20.10
C LEU C 99 7.89 9.35 -19.63
N ASN C 100 7.18 8.22 -19.76
CA ASN C 100 5.79 8.16 -19.33
C ASN C 100 5.63 7.71 -17.88
N ASP C 101 6.73 7.81 -17.12
CA ASP C 101 6.73 7.32 -15.71
C ASP C 101 6.02 8.33 -14.81
N LYS C 102 4.74 8.07 -14.46
CA LYS C 102 4.04 8.96 -13.51
C LYS C 102 4.68 8.79 -12.13
N LYS C 103 4.91 7.55 -11.70
CA LYS C 103 5.54 7.28 -10.38
C LYS C 103 6.32 5.96 -10.47
N SER C 104 7.43 5.84 -9.75
CA SER C 104 8.24 4.60 -9.77
C SER C 104 9.10 4.51 -8.50
N PHE C 105 9.64 3.33 -8.21
CA PHE C 105 10.54 3.20 -7.04
C PHE C 105 11.36 1.90 -7.11
N VAL C 106 12.62 1.94 -6.68
CA VAL C 106 13.42 0.74 -6.59
C VAL C 106 13.22 0.16 -5.20
N HIS C 107 13.04 -1.15 -5.17
CA HIS C 107 12.72 -1.82 -3.88
C HIS C 107 13.94 -1.71 -2.97
N GLY C 108 13.74 -1.64 -1.65
CA GLY C 108 14.86 -1.48 -0.73
C GLY C 108 14.83 -2.38 0.48
N VAL C 109 14.29 -3.58 0.33
CA VAL C 109 14.24 -4.58 1.40
C VAL C 109 14.86 -5.86 0.85
N THR C 110 15.86 -6.41 1.56
CA THR C 110 16.43 -5.97 2.83
C THR C 110 17.55 -4.97 2.63
N VAL C 111 18.13 -4.98 1.44
CA VAL C 111 19.00 -3.90 0.99
C VAL C 111 18.36 -3.37 -0.29
N LYS C 112 18.99 -2.38 -0.92
CA LYS C 112 18.52 -1.84 -2.19
C LYS C 112 18.67 -2.89 -3.29
N ASN C 113 17.59 -3.06 -4.06
CA ASN C 113 17.49 -4.17 -5.01
C ASN C 113 18.15 -3.78 -6.33
N ARG C 114 19.48 -3.92 -6.35
CA ARG C 114 20.23 -3.71 -7.58
C ARG C 114 21.40 -4.66 -7.62
N MET C 115 21.83 -5.00 -8.84
CA MET C 115 22.92 -5.91 -9.10
C MET C 115 24.03 -5.16 -9.82
N ILE C 116 25.27 -5.45 -9.42
CA ILE C 116 26.43 -4.92 -10.11
C ILE C 116 27.39 -6.07 -10.36
N ARG C 117 27.90 -6.18 -11.58
CA ARG C 117 28.75 -7.30 -11.97
C ARG C 117 29.73 -6.82 -13.02
N LEU C 118 31.03 -6.85 -12.67
CA LEU C 118 32.07 -6.35 -13.62
C LEU C 118 32.67 -7.52 -14.38
N HIS C 119 33.29 -7.24 -15.53
CA HIS C 119 33.92 -8.31 -16.35
C HIS C 119 35.40 -7.96 -16.53
N PRO C 120 36.29 -8.96 -16.75
CA PRO C 120 37.73 -8.70 -16.87
C PRO C 120 38.06 -7.72 -18.02
N ASP C 121 37.17 -7.63 -19.00
CA ASP C 121 37.38 -6.69 -20.15
C ASP C 121 36.77 -5.34 -19.82
N GLY C 122 36.11 -5.21 -18.66
CA GLY C 122 35.56 -3.90 -18.24
C GLY C 122 34.06 -3.79 -18.44
N THR C 123 33.42 -4.88 -18.89
CA THR C 123 31.96 -4.83 -19.16
C THR C 123 31.23 -4.69 -17.83
N VAL C 124 30.11 -3.95 -17.82
CA VAL C 124 29.39 -3.71 -16.53
C VAL C 124 27.96 -4.26 -16.65
N LEU C 125 27.66 -5.33 -15.92
CA LEU C 125 26.28 -5.87 -15.91
C LEU C 125 25.52 -5.22 -14.75
N TYR C 126 24.83 -4.11 -15.01
CA TYR C 126 24.08 -3.39 -13.95
C TYR C 126 22.59 -3.68 -14.09
N GLY C 127 21.97 -4.22 -13.04
CA GLY C 127 20.55 -4.54 -13.08
C GLY C 127 19.83 -3.92 -11.91
N LEU C 128 18.54 -3.69 -12.10
CA LEU C 128 17.69 -3.05 -11.10
C LEU C 128 16.36 -3.76 -11.06
N ARG C 129 15.63 -3.59 -9.97
CA ARG C 129 14.27 -4.14 -9.85
C ARG C 129 13.41 -2.93 -9.63
N ILE C 130 12.58 -2.56 -10.59
CA ILE C 130 11.84 -1.28 -10.55
C ILE C 130 10.35 -1.54 -10.68
N THR C 131 9.51 -0.74 -10.02
CA THR C 131 8.05 -0.81 -10.20
C THR C 131 7.61 0.55 -10.68
N THR C 132 7.24 0.70 -11.95
CA THR C 132 6.95 2.01 -12.54
C THR C 132 5.47 2.19 -12.87
N THR C 133 4.80 3.16 -12.24
CA THR C 133 3.39 3.45 -12.61
C THR C 133 3.42 4.23 -13.91
N ALA C 134 3.58 3.56 -15.05
CA ALA C 134 3.74 4.26 -16.31
C ALA C 134 2.39 4.71 -16.85
N ALA C 135 2.37 5.93 -17.39
CA ALA C 135 1.15 6.51 -17.94
C ALA C 135 0.79 5.85 -19.27
N CYS C 136 -0.48 5.54 -19.44
CA CYS C 136 -0.99 4.92 -20.67
C CYS C 136 -2.31 5.59 -21.01
N MET C 137 -2.31 6.47 -22.01
CA MET C 137 -3.53 7.14 -22.43
C MET C 137 -4.40 6.17 -23.21
N MET C 138 -5.65 6.02 -22.77
CA MET C 138 -6.53 4.97 -23.26
C MET C 138 -7.71 5.55 -24.01
N ASP C 139 -8.14 4.86 -25.06
CA ASP C 139 -9.35 5.19 -25.80
C ASP C 139 -10.44 4.21 -25.37
N LEU C 140 -11.48 4.74 -24.72
CA LEU C 140 -12.54 3.92 -24.14
C LEU C 140 -13.81 3.96 -24.98
N ARG C 141 -13.68 4.11 -26.30
CA ARG C 141 -14.87 4.19 -27.14
C ARG C 141 -15.53 2.83 -27.33
N ARG C 142 -14.74 1.77 -27.48
CA ARG C 142 -15.27 0.41 -27.54
C ARG C 142 -15.18 -0.24 -26.16
N TYR C 143 -15.77 0.42 -25.18
CA TYR C 143 -15.74 -0.16 -23.84
C TYR C 143 -16.98 -1.03 -23.62
N PRO C 144 -16.83 -2.22 -23.03
CA PRO C 144 -15.61 -2.86 -22.56
C PRO C 144 -15.08 -3.91 -23.51
N LEU C 145 -15.04 -3.65 -24.81
CA LEU C 145 -14.57 -4.62 -25.79
C LEU C 145 -13.31 -4.14 -26.47
N ASP C 146 -12.59 -3.23 -25.83
CA ASP C 146 -11.46 -2.53 -26.41
C ASP C 146 -10.17 -3.29 -26.17
N GLU C 147 -9.12 -2.84 -26.87
CA GLU C 147 -7.75 -3.23 -26.56
C GLU C 147 -6.93 -1.95 -26.48
N GLN C 148 -6.08 -1.85 -25.48
CA GLN C 148 -5.30 -0.65 -25.22
C GLN C 148 -3.83 -0.93 -25.46
N ASN C 149 -3.17 0.03 -26.14
CA ASN C 149 -1.72 -0.09 -26.47
C ASN C 149 -0.93 0.70 -25.45
N CYS C 150 -0.43 0.02 -24.42
CA CYS C 150 0.32 0.65 -23.35
C CYS C 150 1.81 0.45 -23.58
N THR C 151 2.58 1.51 -23.32
CA THR C 151 3.98 1.58 -23.69
C THR C 151 4.84 1.96 -22.50
N LEU C 152 6.10 1.56 -22.55
CA LEU C 152 7.14 2.02 -21.64
C LEU C 152 8.24 2.65 -22.47
N GLU C 153 8.42 3.95 -22.33
CA GLU C 153 9.29 4.74 -23.19
C GLU C 153 10.57 5.04 -22.44
N ILE C 154 11.69 4.49 -22.90
CA ILE C 154 12.95 4.54 -22.16
C ILE C 154 13.94 5.43 -22.89
N GLU C 155 14.40 6.48 -22.22
CA GLU C 155 15.35 7.41 -22.82
C GLU C 155 16.55 7.62 -21.91
N SER C 156 17.48 8.45 -22.37
CA SER C 156 18.56 8.98 -21.56
C SER C 156 18.39 10.49 -21.48
N TYR C 157 18.40 11.04 -20.26
CA TYR C 157 18.01 12.43 -20.07
C TYR C 157 19.06 13.41 -20.56
N GLY C 158 20.31 13.21 -20.27
CA GLY C 158 21.22 14.28 -20.70
C GLY C 158 22.25 13.84 -21.71
N TYR C 159 22.18 12.60 -22.14
CA TYR C 159 23.24 12.11 -23.03
C TYR C 159 22.61 11.99 -24.41
N THR C 160 23.22 12.62 -25.41
CA THR C 160 22.64 12.65 -26.78
C THR C 160 23.26 11.52 -27.61
N THR C 161 22.75 11.29 -28.80
CA THR C 161 23.21 10.16 -29.60
C THR C 161 24.68 10.25 -29.99
N ASP C 162 25.32 11.33 -29.61
CA ASP C 162 26.78 11.36 -29.85
C ASP C 162 27.47 11.15 -28.51
N ASP C 163 26.74 10.60 -27.54
CA ASP C 163 27.32 10.35 -26.20
C ASP C 163 26.75 9.06 -25.64
N ILE C 164 25.73 8.49 -26.24
CA ILE C 164 25.21 7.22 -25.76
C ILE C 164 24.42 6.55 -26.87
N GLU C 165 24.31 5.22 -26.80
CA GLU C 165 23.61 4.44 -27.79
C GLU C 165 22.85 3.33 -27.08
N PHE C 166 21.57 3.15 -27.43
CA PHE C 166 20.73 2.14 -26.75
C PHE C 166 20.27 1.07 -27.74
N TYR C 167 20.03 -0.16 -27.27
CA TYR C 167 19.53 -1.24 -28.15
C TYR C 167 18.93 -2.37 -27.31
N TRP C 168 18.05 -3.18 -27.91
CA TRP C 168 17.47 -4.34 -27.18
C TRP C 168 18.43 -5.52 -27.27
N ARG C 169 18.97 -5.98 -26.14
CA ARG C 169 19.99 -7.05 -26.17
C ARG C 169 19.29 -8.38 -26.43
N GLY C 170 19.58 -9.03 -27.55
CA GLY C 170 18.88 -10.27 -27.89
C GLY C 170 17.68 -10.04 -28.79
N GLY C 171 17.56 -8.86 -29.40
CA GLY C 171 16.36 -8.60 -30.19
C GLY C 171 15.12 -8.95 -29.41
N ASP C 172 14.28 -9.87 -29.90
CA ASP C 172 13.01 -10.13 -29.19
C ASP C 172 13.32 -11.05 -28.00
N LYS C 173 14.59 -11.43 -27.86
CA LYS C 173 14.99 -12.23 -26.68
C LYS C 173 15.33 -11.24 -25.58
N ALA C 174 15.19 -9.94 -25.86
CA ALA C 174 15.56 -8.92 -24.87
C ALA C 174 14.52 -8.96 -23.76
N VAL C 175 13.25 -8.85 -24.09
CA VAL C 175 12.26 -8.80 -22.99
C VAL C 175 11.69 -10.19 -22.81
N THR C 176 11.70 -10.73 -21.60
CA THR C 176 11.19 -12.04 -21.24
C THR C 176 10.19 -11.89 -20.09
N GLY C 177 9.30 -12.88 -19.98
CA GLY C 177 8.38 -12.95 -18.85
C GLY C 177 7.00 -12.40 -19.10
N VAL C 178 6.67 -11.95 -20.32
CA VAL C 178 5.35 -11.41 -20.56
C VAL C 178 4.34 -12.50 -20.92
N GLU C 179 4.82 -13.70 -21.25
CA GLU C 179 3.93 -14.83 -21.51
C GLU C 179 3.54 -15.59 -20.25
N ARG C 180 4.04 -15.16 -19.08
CA ARG C 180 3.69 -15.79 -17.81
C ARG C 180 2.68 -15.01 -16.99
N ILE C 181 2.57 -13.69 -17.21
CA ILE C 181 1.73 -12.87 -16.35
C ILE C 181 0.27 -13.09 -16.70
N GLU C 182 -0.58 -13.02 -15.68
CA GLU C 182 -2.02 -13.27 -15.81
C GLU C 182 -2.76 -12.08 -15.21
N LEU C 183 -3.10 -11.12 -16.04
CA LEU C 183 -3.94 -10.01 -15.62
C LEU C 183 -5.36 -10.51 -15.39
N PRO C 184 -6.06 -10.00 -14.37
CA PRO C 184 -7.42 -10.50 -14.09
C PRO C 184 -8.45 -10.00 -15.08
N GLN C 185 -8.19 -8.85 -15.70
CA GLN C 185 -9.16 -8.24 -16.60
C GLN C 185 -8.68 -8.13 -18.05
N PHE C 186 -7.38 -8.11 -18.28
CA PHE C 186 -6.82 -8.00 -19.62
C PHE C 186 -6.05 -9.28 -19.95
N SER C 187 -5.68 -9.39 -21.22
CA SER C 187 -4.87 -10.55 -21.67
C SER C 187 -3.83 -10.05 -22.66
N ILE C 188 -2.55 -10.26 -22.38
CA ILE C 188 -1.46 -9.76 -23.27
C ILE C 188 -1.57 -10.48 -24.62
N VAL C 189 -2.18 -9.83 -25.61
CA VAL C 189 -2.26 -10.42 -26.99
C VAL C 189 -0.89 -10.38 -27.66
N GLU C 190 -0.18 -9.25 -27.60
CA GLU C 190 1.19 -9.19 -28.19
C GLU C 190 2.07 -8.14 -27.50
N HIS C 191 3.39 -8.23 -27.73
CA HIS C 191 4.38 -7.29 -27.14
C HIS C 191 5.33 -6.86 -28.25
N ARG C 192 5.82 -5.63 -28.26
CA ARG C 192 6.68 -5.26 -29.41
C ARG C 192 7.84 -4.39 -28.93
N LEU C 193 8.98 -4.49 -29.60
CA LEU C 193 10.18 -3.74 -29.20
C LEU C 193 10.61 -2.80 -30.33
N VAL C 194 10.87 -1.52 -30.08
CA VAL C 194 11.15 -0.46 -31.04
C VAL C 194 12.36 0.33 -30.58
N SER C 195 13.31 0.57 -31.49
CA SER C 195 14.46 1.44 -31.24
C SER C 195 14.31 2.70 -32.09
N ARG C 196 14.33 3.87 -31.46
CA ARG C 196 14.04 5.14 -32.12
C ARG C 196 15.13 6.17 -31.82
N ASN C 197 14.95 7.36 -32.41
CA ASN C 197 15.78 8.53 -32.15
C ASN C 197 14.82 9.72 -32.09
N VAL C 198 14.60 10.26 -30.93
CA VAL C 198 13.71 11.42 -30.79
C VAL C 198 14.52 12.69 -30.67
N VAL C 199 14.05 13.73 -31.35
CA VAL C 199 14.72 15.02 -31.42
C VAL C 199 13.96 15.99 -30.52
N PHE C 200 14.70 16.63 -29.61
CA PHE C 200 14.19 17.69 -28.76
C PHE C 200 14.92 18.98 -29.10
N ALA C 201 14.68 20.01 -28.29
CA ALA C 201 15.33 21.30 -28.53
C ALA C 201 16.83 21.25 -28.22
N THR C 202 17.26 20.35 -27.35
CA THR C 202 18.66 20.27 -26.93
C THR C 202 19.46 19.20 -27.66
N GLY C 203 18.84 18.45 -28.55
CA GLY C 203 19.54 17.46 -29.32
C GLY C 203 18.68 16.24 -29.58
N ALA C 204 19.31 15.21 -30.14
CA ALA C 204 18.65 13.96 -30.45
C ALA C 204 19.04 12.91 -29.42
N TYR C 205 18.04 12.30 -28.79
CA TYR C 205 18.26 11.31 -27.75
C TYR C 205 17.77 9.94 -28.23
N PRO C 206 18.46 8.86 -27.86
CA PRO C 206 17.97 7.54 -28.22
C PRO C 206 16.80 7.13 -27.34
N ARG C 207 15.88 6.35 -27.92
CA ARG C 207 14.72 5.91 -27.19
C ARG C 207 14.43 4.46 -27.55
N LEU C 208 14.16 3.65 -26.54
CA LEU C 208 13.68 2.29 -26.73
C LEU C 208 12.27 2.19 -26.17
N SER C 209 11.34 1.68 -26.99
CA SER C 209 9.94 1.62 -26.62
C SER C 209 9.53 0.16 -26.49
N LEU C 210 8.99 -0.25 -25.35
CA LEU C 210 8.43 -1.62 -25.26
C LEU C 210 6.93 -1.41 -25.25
N SER C 211 6.22 -1.98 -26.23
CA SER C 211 4.77 -1.73 -26.37
C SER C 211 4.06 -3.04 -26.11
N PHE C 212 3.00 -3.01 -25.31
CA PHE C 212 2.20 -4.23 -25.08
C PHE C 212 0.81 -3.97 -25.60
N ARG C 213 0.07 -5.00 -26.05
CA ARG C 213 -1.34 -4.80 -26.47
C ARG C 213 -2.20 -5.61 -25.52
N LEU C 214 -3.23 -5.01 -24.95
CA LEU C 214 -4.00 -5.74 -23.92
C LEU C 214 -5.48 -5.84 -24.26
N LYS C 215 -5.93 -7.01 -24.73
CA LYS C 215 -7.35 -7.22 -25.03
C LYS C 215 -8.13 -7.41 -23.73
N ARG C 216 -9.25 -6.70 -23.60
CA ARG C 216 -10.06 -6.78 -22.40
C ARG C 216 -10.99 -7.99 -22.46
N ASN C 217 -11.12 -8.70 -21.34
CA ASN C 217 -12.05 -9.81 -21.22
C ASN C 217 -13.48 -9.30 -21.11
N ILE C 218 -14.45 -10.20 -21.19
CA ILE C 218 -15.85 -9.77 -21.34
C ILE C 218 -16.76 -10.48 -20.33
N GLY C 219 -16.23 -11.52 -19.67
CA GLY C 219 -17.06 -12.32 -18.77
C GLY C 219 -17.51 -11.57 -17.53
N TYR C 220 -16.62 -10.75 -16.95
CA TYR C 220 -16.97 -9.94 -15.79
C TYR C 220 -18.05 -8.93 -16.14
N PHE C 221 -17.95 -8.32 -17.33
CA PHE C 221 -18.95 -7.33 -17.72
C PHE C 221 -20.27 -7.98 -18.11
N ILE C 222 -20.24 -9.22 -18.60
CA ILE C 222 -21.48 -9.97 -18.81
C ILE C 222 -22.16 -10.25 -17.47
N LEU C 223 -21.39 -10.69 -16.47
CA LEU C 223 -21.97 -10.95 -15.17
C LEU C 223 -22.37 -9.68 -14.42
N GLN C 224 -21.76 -8.54 -14.75
CA GLN C 224 -21.89 -7.31 -13.99
C GLN C 224 -22.88 -6.33 -14.56
N THR C 225 -22.83 -6.06 -15.87
CA THR C 225 -23.61 -4.97 -16.45
C THR C 225 -24.55 -5.43 -17.55
N TYR C 226 -24.13 -6.32 -18.44
CA TYR C 226 -24.90 -6.63 -19.64
C TYR C 226 -26.14 -7.44 -19.31
N MET C 227 -26.00 -8.46 -18.46
CA MET C 227 -27.16 -9.25 -18.05
C MET C 227 -28.09 -8.48 -17.10
N PRO C 228 -27.62 -7.64 -16.16
CA PRO C 228 -28.57 -6.70 -15.51
C PRO C 228 -29.23 -5.72 -16.48
N SER C 229 -28.55 -5.32 -17.55
CA SER C 229 -29.20 -4.45 -18.53
C SER C 229 -30.23 -5.21 -19.36
N ILE C 230 -30.06 -6.51 -19.53
CA ILE C 230 -31.01 -7.23 -20.38
C ILE C 230 -32.16 -7.83 -19.58
N LEU C 231 -31.97 -8.09 -18.27
CA LEU C 231 -33.08 -8.65 -17.49
C LEU C 231 -34.18 -7.62 -17.25
N ILE C 232 -33.82 -6.35 -17.18
CA ILE C 232 -34.82 -5.29 -17.08
C ILE C 232 -35.60 -5.17 -18.38
N THR C 233 -34.91 -5.37 -19.51
CA THR C 233 -35.58 -5.36 -20.81
C THR C 233 -36.54 -6.55 -20.94
N ILE C 234 -36.16 -7.71 -20.41
CA ILE C 234 -37.11 -8.83 -20.32
C ILE C 234 -38.26 -8.48 -19.37
N LEU C 235 -37.95 -7.74 -18.30
CA LEU C 235 -38.94 -7.45 -17.26
C LEU C 235 -40.05 -6.52 -17.75
N SER C 236 -39.73 -5.54 -18.59
CA SER C 236 -40.74 -4.59 -19.03
C SER C 236 -41.72 -5.21 -20.03
N TRP C 237 -41.36 -6.36 -20.61
CA TRP C 237 -42.22 -6.99 -21.59
C TRP C 237 -43.39 -7.72 -20.93
N VAL C 238 -43.31 -7.96 -19.63
CA VAL C 238 -44.38 -8.58 -18.86
C VAL C 238 -45.60 -7.67 -18.75
N SER C 239 -45.38 -6.35 -18.81
CA SER C 239 -46.49 -5.39 -18.67
C SER C 239 -47.44 -5.43 -19.87
N PHE C 240 -46.99 -5.97 -21.00
CA PHE C 240 -47.87 -6.15 -22.14
C PHE C 240 -48.87 -7.28 -21.90
N TRP C 241 -48.51 -8.28 -21.10
CA TRP C 241 -49.42 -9.35 -20.74
C TRP C 241 -50.46 -8.92 -19.71
N ILE C 242 -50.16 -7.88 -18.94
CA ILE C 242 -51.07 -7.36 -17.94
C ILE C 242 -52.17 -6.59 -18.66
N ASN C 243 -53.42 -6.79 -18.23
CA ASN C 243 -54.58 -6.21 -18.90
C ASN C 243 -54.65 -4.69 -18.67
N TYR C 244 -55.49 -4.05 -19.46
CA TYR C 244 -55.59 -2.58 -19.46
C TYR C 244 -56.18 -2.02 -18.18
N ASP C 245 -57.05 -2.77 -17.50
CA ASP C 245 -57.67 -2.28 -16.28
C ASP C 245 -56.69 -2.14 -15.11
N ALA C 246 -55.63 -2.95 -15.08
CA ALA C 246 -54.63 -2.87 -14.03
C ALA C 246 -53.63 -1.75 -14.37
N SER C 247 -54.06 -0.53 -14.06
CA SER C 247 -53.25 0.65 -14.38
C SER C 247 -52.02 0.74 -13.48
N ALA C 248 -52.21 0.48 -12.18
CA ALA C 248 -51.12 0.63 -11.22
C ALA C 248 -50.03 -0.42 -11.43
N ALA C 249 -50.42 -1.63 -11.84
CA ALA C 249 -49.46 -2.70 -12.08
C ALA C 249 -48.59 -2.40 -13.29
N ARG C 250 -49.20 -1.95 -14.39
CA ARG C 250 -48.44 -1.63 -15.59
C ARG C 250 -47.58 -0.39 -15.40
N VAL C 251 -48.09 0.60 -14.65
CA VAL C 251 -47.30 1.78 -14.35
C VAL C 251 -46.13 1.44 -13.42
N ALA C 252 -46.32 0.51 -12.49
CA ALA C 252 -45.20 0.05 -11.66
C ALA C 252 -44.16 -0.68 -12.50
N LEU C 253 -44.60 -1.58 -13.37
CA LEU C 253 -43.74 -2.29 -14.32
C LEU C 253 -43.01 -1.38 -15.30
N GLY C 254 -43.55 -0.20 -15.58
CA GLY C 254 -42.81 0.74 -16.41
C GLY C 254 -41.84 1.63 -15.64
N ILE C 255 -42.35 2.23 -14.55
CA ILE C 255 -41.59 3.21 -13.78
C ILE C 255 -40.40 2.56 -13.08
N THR C 256 -40.59 1.36 -12.52
CA THR C 256 -39.49 0.66 -11.86
C THR C 256 -38.40 0.25 -12.84
N THR C 257 -38.79 -0.15 -14.06
CA THR C 257 -37.79 -0.49 -15.07
C THR C 257 -37.03 0.75 -15.57
N VAL C 258 -37.73 1.87 -15.73
CA VAL C 258 -37.06 3.12 -16.12
C VAL C 258 -36.10 3.60 -15.04
N LEU C 259 -36.54 3.53 -13.77
CA LEU C 259 -35.68 3.96 -12.67
C LEU C 259 -34.50 3.00 -12.47
N THR C 260 -34.71 1.70 -12.70
CA THR C 260 -33.59 0.75 -12.63
C THR C 260 -32.60 0.99 -13.75
N MET C 261 -33.09 1.32 -14.95
CA MET C 261 -32.20 1.65 -16.07
C MET C 261 -31.37 2.89 -15.78
N THR C 262 -31.99 3.94 -15.24
CA THR C 262 -31.22 5.16 -14.98
C THR C 262 -30.30 5.01 -13.77
N THR C 263 -30.66 4.19 -12.77
CA THR C 263 -29.75 4.01 -11.65
C THR C 263 -28.60 3.06 -12.02
N ILE C 264 -28.81 2.15 -12.97
CA ILE C 264 -27.72 1.34 -13.48
C ILE C 264 -26.78 2.20 -14.34
N ASN C 265 -27.35 3.11 -15.13
CA ASN C 265 -26.55 4.01 -15.96
C ASN C 265 -25.73 4.97 -15.10
N THR C 266 -26.31 5.50 -14.02
CA THR C 266 -25.55 6.39 -13.15
C THR C 266 -24.57 5.62 -12.28
N HIS C 267 -24.90 4.39 -11.89
CA HIS C 267 -23.99 3.59 -11.06
C HIS C 267 -22.81 3.05 -11.85
N LEU C 268 -22.99 2.78 -13.14
CA LEU C 268 -21.89 2.23 -13.94
C LEU C 268 -20.85 3.28 -14.27
N ARG C 269 -21.27 4.52 -14.56
CA ARG C 269 -20.35 5.58 -14.96
C ARG C 269 -19.80 6.32 -13.74
N GLU C 270 -19.25 5.54 -12.82
CA GLU C 270 -18.56 6.08 -11.65
C GLU C 270 -17.26 5.32 -11.43
N THR C 271 -17.10 4.18 -12.11
CA THR C 271 -15.87 3.42 -12.09
C THR C 271 -14.94 3.80 -13.24
N LEU C 272 -15.33 4.77 -14.06
CA LEU C 272 -14.58 5.22 -15.23
C LEU C 272 -14.40 6.73 -15.15
N PRO C 273 -13.38 7.31 -15.81
CA PRO C 273 -13.19 8.76 -15.72
C PRO C 273 -14.22 9.55 -16.49
N LYS C 274 -14.14 10.86 -16.41
CA LYS C 274 -15.14 11.76 -16.99
C LYS C 274 -14.71 12.12 -18.40
N ILE C 275 -15.03 11.24 -19.34
CA ILE C 275 -14.65 11.34 -20.74
C ILE C 275 -15.78 12.00 -21.52
N PRO C 276 -15.49 12.74 -22.60
CA PRO C 276 -16.57 13.48 -23.28
C PRO C 276 -17.40 12.65 -24.26
N TYR C 277 -16.81 11.61 -24.85
CA TYR C 277 -17.49 10.85 -25.89
C TYR C 277 -18.38 9.78 -25.27
N VAL C 278 -19.08 9.03 -26.12
CA VAL C 278 -20.00 8.00 -25.69
C VAL C 278 -19.34 6.64 -25.90
N LYS C 279 -19.53 5.75 -24.93
CA LYS C 279 -18.90 4.44 -24.96
C LYS C 279 -19.81 3.42 -25.62
N ALA C 280 -19.27 2.23 -25.87
CA ALA C 280 -20.09 1.16 -26.43
C ALA C 280 -21.02 0.57 -25.38
N ILE C 281 -20.59 0.54 -24.12
CA ILE C 281 -21.48 0.07 -23.06
C ILE C 281 -22.50 1.15 -22.71
N ASP C 282 -22.17 2.42 -22.98
CA ASP C 282 -23.18 3.46 -22.89
C ASP C 282 -24.14 3.39 -24.06
N MET C 283 -23.69 2.90 -25.21
CA MET C 283 -24.57 2.72 -26.36
C MET C 283 -25.57 1.60 -26.10
N TYR C 284 -25.16 0.57 -25.36
CA TYR C 284 -26.07 -0.52 -25.01
C TYR C 284 -27.07 -0.08 -23.95
N LEU C 285 -26.62 0.71 -22.98
CA LEU C 285 -27.51 1.12 -21.89
C LEU C 285 -28.47 2.21 -22.35
N MET C 286 -28.02 3.09 -23.26
CA MET C 286 -28.95 4.05 -23.86
C MET C 286 -29.88 3.33 -24.84
N GLY C 287 -29.38 2.30 -25.51
CA GLY C 287 -30.24 1.51 -26.37
C GLY C 287 -31.28 0.72 -25.61
N CYS C 288 -30.91 0.20 -24.44
CA CYS C 288 -31.89 -0.50 -23.60
C CYS C 288 -32.87 0.48 -22.96
N PHE C 289 -32.43 1.71 -22.69
CA PHE C 289 -33.31 2.69 -22.07
C PHE C 289 -34.39 3.15 -23.04
N VAL C 290 -34.09 3.21 -24.33
CA VAL C 290 -35.06 3.64 -25.33
C VAL C 290 -36.16 2.59 -25.47
N PHE C 291 -35.79 1.31 -25.45
CA PHE C 291 -36.78 0.24 -25.54
C PHE C 291 -37.63 0.15 -24.28
N VAL C 292 -37.04 0.44 -23.12
CA VAL C 292 -37.80 0.48 -21.87
C VAL C 292 -38.72 1.71 -21.85
N PHE C 293 -38.22 2.86 -22.34
CA PHE C 293 -39.04 4.06 -22.42
C PHE C 293 -40.18 3.90 -23.42
N LEU C 294 -39.93 3.21 -24.53
CA LEU C 294 -40.99 2.95 -25.50
C LEU C 294 -42.00 1.94 -24.98
N ALA C 295 -41.58 1.06 -24.07
CA ALA C 295 -42.50 0.09 -23.48
C ALA C 295 -43.50 0.78 -22.55
N LEU C 296 -43.03 1.77 -21.78
CA LEU C 296 -43.94 2.54 -20.93
C LEU C 296 -44.78 3.50 -21.74
N LEU C 297 -44.22 4.06 -22.82
CA LEU C 297 -45.01 4.91 -23.71
C LEU C 297 -46.02 4.12 -24.53
N GLU C 298 -45.82 2.80 -24.67
CA GLU C 298 -46.81 1.96 -25.34
C GLU C 298 -48.09 1.88 -24.52
N TYR C 299 -47.96 1.77 -23.20
CA TYR C 299 -49.15 1.75 -22.34
C TYR C 299 -49.85 3.11 -22.35
N ALA C 300 -49.08 4.20 -22.44
CA ALA C 300 -49.67 5.53 -22.53
C ALA C 300 -50.41 5.70 -23.85
N PHE C 301 -49.96 5.03 -24.91
CA PHE C 301 -50.73 4.98 -26.14
C PHE C 301 -51.97 4.11 -25.98
N VAL C 302 -51.86 3.02 -25.21
CA VAL C 302 -53.00 2.16 -24.93
C VAL C 302 -54.02 2.88 -24.06
N ASN C 303 -53.53 3.63 -23.07
CA ASN C 303 -54.42 4.32 -22.14
C ASN C 303 -55.14 5.49 -22.80
N TYR C 304 -54.62 5.99 -23.91
CA TYR C 304 -55.29 7.07 -24.62
C TYR C 304 -56.36 6.53 -25.57
N ILE C 305 -56.17 5.32 -26.09
CA ILE C 305 -57.13 4.75 -27.03
C ILE C 305 -58.44 4.41 -26.34
N PHE C 306 -58.37 3.72 -25.19
CA PHE C 306 -59.56 3.16 -24.59
C PHE C 306 -60.17 4.04 -23.49
N PHE C 307 -59.38 4.85 -22.80
CA PHE C 307 -59.89 5.74 -21.77
C PHE C 307 -59.88 7.21 -22.17
N GLY C 308 -59.42 7.54 -23.37
CA GLY C 308 -59.38 8.93 -23.80
C GLY C 308 -60.12 9.16 -25.10
N ARG C 309 -60.68 8.09 -25.66
CA ARG C 309 -61.41 8.18 -26.92
C ARG C 309 -62.65 7.30 -26.91
N ALA C 422 -55.63 -5.20 -30.32
CA ALA C 422 -54.82 -5.37 -31.51
C ALA C 422 -53.47 -4.69 -31.34
N ILE C 423 -53.47 -3.56 -30.63
CA ILE C 423 -52.24 -2.85 -30.33
C ILE C 423 -51.39 -3.65 -29.36
N ASP C 424 -52.04 -4.31 -28.39
CA ASP C 424 -51.33 -5.10 -27.40
C ASP C 424 -50.68 -6.34 -28.00
N ARG C 425 -51.23 -6.87 -29.10
CA ARG C 425 -50.61 -8.00 -29.77
C ARG C 425 -49.40 -7.57 -30.59
N TRP C 426 -49.47 -6.40 -31.22
CA TRP C 426 -48.37 -5.92 -32.05
C TRP C 426 -47.15 -5.55 -31.20
N SER C 427 -47.40 -4.95 -30.03
CA SER C 427 -46.30 -4.59 -29.14
C SER C 427 -45.67 -5.83 -28.51
N ARG C 428 -46.45 -6.90 -28.34
CA ARG C 428 -45.95 -8.17 -27.84
C ARG C 428 -45.11 -8.91 -28.88
N ILE C 429 -45.12 -8.46 -30.14
CA ILE C 429 -44.37 -9.08 -31.22
C ILE C 429 -43.14 -8.25 -31.59
N VAL C 430 -43.32 -6.94 -31.75
CA VAL C 430 -42.28 -6.04 -32.25
C VAL C 430 -41.15 -5.89 -31.24
N PHE C 431 -41.48 -5.44 -30.02
CA PHE C 431 -40.51 -5.20 -28.95
C PHE C 431 -39.70 -6.42 -28.51
N PRO C 432 -40.26 -7.64 -28.39
CA PRO C 432 -39.37 -8.80 -28.16
C PRO C 432 -38.62 -9.27 -29.39
N PHE C 433 -38.79 -8.64 -30.55
CA PHE C 433 -38.03 -8.99 -31.75
C PHE C 433 -37.09 -7.88 -32.20
N THR C 434 -37.53 -6.62 -32.13
CA THR C 434 -36.68 -5.51 -32.57
C THR C 434 -35.53 -5.28 -31.60
N PHE C 435 -35.75 -5.53 -30.31
CA PHE C 435 -34.66 -5.50 -29.35
C PHE C 435 -33.67 -6.62 -29.63
N SER C 436 -34.17 -7.79 -30.03
CA SER C 436 -33.29 -8.91 -30.38
C SER C 436 -32.48 -8.61 -31.63
N LEU C 437 -33.05 -7.84 -32.57
CA LEU C 437 -32.30 -7.41 -33.74
C LEU C 437 -31.24 -6.40 -33.36
N PHE C 438 -31.50 -5.60 -32.32
CA PHE C 438 -30.52 -4.62 -31.86
C PHE C 438 -29.33 -5.29 -31.18
N ASN C 439 -29.51 -6.49 -30.65
CA ASN C 439 -28.39 -7.22 -30.06
C ASN C 439 -27.49 -7.81 -31.14
N LEU C 440 -28.07 -8.12 -32.31
CA LEU C 440 -27.29 -8.73 -33.39
C LEU C 440 -26.31 -7.73 -34.00
N VAL C 441 -26.76 -6.49 -34.17
CA VAL C 441 -25.87 -5.47 -34.75
C VAL C 441 -24.84 -5.01 -33.73
N TYR C 442 -25.19 -5.11 -32.43
CA TYR C 442 -24.29 -4.65 -31.38
C TYR C 442 -23.10 -5.58 -31.20
N TRP C 443 -23.36 -6.89 -31.17
CA TRP C 443 -22.30 -7.86 -30.94
C TRP C 443 -21.66 -8.37 -32.23
N LEU C 444 -21.99 -7.77 -33.37
CA LEU C 444 -21.25 -8.00 -34.61
C LEU C 444 -20.47 -6.80 -35.08
N TYR C 445 -20.66 -5.64 -34.45
CA TYR C 445 -19.91 -4.42 -34.75
C TYR C 445 -18.77 -4.19 -33.76
N TYR C 446 -19.04 -4.36 -32.47
CA TYR C 446 -18.05 -4.12 -31.43
C TYR C 446 -17.23 -5.36 -31.08
N VAL C 447 -17.53 -6.51 -31.69
CA VAL C 447 -16.71 -7.70 -31.50
C VAL C 447 -15.71 -7.79 -32.66
N ASN D 10 44.19 11.52 -22.23
CA ASN D 10 42.95 11.48 -23.07
C ASN D 10 41.76 11.91 -22.21
N ILE D 11 41.16 10.98 -21.48
CA ILE D 11 40.02 11.32 -20.57
C ILE D 11 40.59 11.99 -19.33
N THR D 12 41.85 11.67 -18.98
CA THR D 12 42.47 12.32 -17.83
C THR D 12 42.65 13.80 -18.04
N ILE D 13 42.57 14.26 -19.30
CA ILE D 13 42.61 15.69 -19.58
C ILE D 13 41.35 16.37 -19.05
N PHE D 14 40.20 15.74 -19.25
CA PHE D 14 38.94 16.29 -18.75
C PHE D 14 38.81 16.16 -17.24
N THR D 15 39.58 15.26 -16.61
CA THR D 15 39.59 15.18 -15.16
C THR D 15 40.34 16.36 -14.55
N ARG D 16 41.46 16.75 -15.17
CA ARG D 16 42.22 17.89 -14.70
C ARG D 16 41.45 19.20 -14.89
N ILE D 17 40.69 19.30 -15.98
CA ILE D 17 39.92 20.51 -16.27
C ILE D 17 38.76 20.65 -15.29
N LEU D 18 38.07 19.55 -14.98
CA LEU D 18 36.92 19.60 -14.10
C LEU D 18 37.33 19.85 -12.65
N ASP D 19 38.49 19.36 -12.25
CA ASP D 19 38.99 19.64 -10.90
C ASP D 19 39.50 21.07 -10.80
N ARG D 20 39.98 21.63 -11.91
CA ARG D 20 40.41 23.02 -11.92
C ARG D 20 39.23 23.98 -11.84
N LEU D 21 38.05 23.53 -12.30
CA LEU D 21 36.88 24.40 -12.28
C LEU D 21 36.37 24.60 -10.86
N LEU D 22 36.26 23.53 -10.09
CA LEU D 22 35.65 23.58 -8.76
C LEU D 22 36.66 23.84 -7.65
N ASP D 23 37.94 24.05 -7.98
CA ASP D 23 38.95 24.37 -6.99
C ASP D 23 38.97 25.89 -6.84
N GLY D 24 38.18 26.38 -5.88
CA GLY D 24 38.03 27.81 -5.70
C GLY D 24 36.62 28.26 -5.97
N TYR D 25 35.75 27.32 -6.33
CA TYR D 25 34.35 27.61 -6.58
C TYR D 25 33.60 27.63 -5.27
N ASP D 26 32.83 28.68 -5.03
CA ASP D 26 31.97 28.78 -3.85
C ASP D 26 30.53 28.72 -4.32
N ASN D 27 29.84 27.63 -4.00
CA ASN D 27 28.45 27.46 -4.38
C ASN D 27 27.49 28.29 -3.54
N ARG D 28 27.96 28.88 -2.44
CA ARG D 28 27.12 29.76 -1.63
C ARG D 28 26.90 31.12 -2.29
N LEU D 29 27.74 31.52 -3.23
CA LEU D 29 27.69 32.84 -3.83
C LEU D 29 27.26 32.74 -5.29
N ARG D 30 26.31 33.58 -5.68
CA ARG D 30 25.92 33.69 -7.08
C ARG D 30 27.06 34.31 -7.89
N PRO D 31 27.13 34.02 -9.19
CA PRO D 31 28.22 34.58 -10.01
C PRO D 31 28.11 36.08 -10.17
N GLY D 32 29.22 36.77 -9.89
CA GLY D 32 29.28 38.21 -10.01
C GLY D 32 28.48 38.96 -8.96
N LEU D 33 28.91 38.87 -7.70
CA LEU D 33 28.24 39.59 -6.63
C LEU D 33 28.45 41.11 -6.72
N GLY D 34 29.69 41.54 -6.89
CA GLY D 34 29.97 42.96 -7.01
C GLY D 34 30.07 43.40 -8.46
N ASP D 35 30.05 42.44 -9.38
CA ASP D 35 30.21 42.75 -10.78
C ASP D 35 28.93 43.32 -11.37
N SER D 36 27.85 42.53 -11.37
CA SER D 36 26.60 42.92 -12.01
C SER D 36 25.43 42.08 -11.51
N ILE D 37 24.32 42.15 -12.21
CA ILE D 37 23.16 41.33 -11.96
C ILE D 37 23.40 39.95 -12.58
N THR D 38 22.63 38.96 -12.14
CA THR D 38 22.68 37.62 -12.71
C THR D 38 21.39 37.37 -13.49
N GLU D 39 21.53 37.08 -14.78
CA GLU D 39 20.39 36.92 -15.67
C GLU D 39 20.21 35.44 -15.97
N VAL D 40 18.99 34.94 -15.77
CA VAL D 40 18.69 33.52 -15.97
C VAL D 40 17.70 33.40 -17.12
N PHE D 41 18.12 32.69 -18.16
CA PHE D 41 17.28 32.41 -19.33
C PHE D 41 16.48 31.15 -19.04
N THR D 42 15.18 31.22 -19.24
CA THR D 42 14.28 30.12 -18.86
C THR D 42 13.54 29.58 -20.07
N ASN D 43 13.35 28.26 -20.07
CA ASN D 43 12.66 27.57 -21.15
C ASN D 43 11.87 26.41 -20.57
N ILE D 44 10.63 26.23 -21.01
CA ILE D 44 9.76 25.17 -20.50
C ILE D 44 9.25 24.35 -21.67
N TYR D 45 9.44 23.03 -21.59
CA TYR D 45 8.92 22.10 -22.58
C TYR D 45 7.92 21.19 -21.89
N VAL D 46 6.63 21.46 -22.10
CA VAL D 46 5.57 20.67 -21.49
C VAL D 46 5.44 19.36 -22.23
N THR D 47 5.86 18.25 -21.60
CA THR D 47 5.76 16.95 -22.25
C THR D 47 4.33 16.44 -22.23
N SER D 48 3.61 16.68 -21.13
CA SER D 48 2.24 16.18 -21.01
C SER D 48 1.50 17.04 -20.00
N PHE D 49 0.51 17.80 -20.47
CA PHE D 49 -0.38 18.55 -19.60
C PHE D 49 -1.29 17.56 -18.89
N GLY D 50 -1.09 17.37 -17.59
CA GLY D 50 -1.79 16.34 -16.86
C GLY D 50 -3.22 16.72 -16.55
N PRO D 51 -3.91 15.84 -15.83
CA PRO D 51 -5.35 16.04 -15.57
C PRO D 51 -5.60 17.20 -14.61
N VAL D 52 -6.69 17.91 -14.85
CA VAL D 52 -7.09 19.04 -14.03
C VAL D 52 -8.12 18.56 -13.02
N SER D 53 -7.85 18.81 -11.75
CA SER D 53 -8.76 18.46 -10.66
C SER D 53 -9.67 19.64 -10.36
N ASP D 54 -10.99 19.38 -10.34
CA ASP D 54 -11.98 20.41 -10.02
C ASP D 54 -12.24 20.52 -8.53
N THR D 55 -12.27 19.39 -7.82
CA THR D 55 -12.52 19.35 -6.39
C THR D 55 -11.42 20.05 -5.61
N ASP D 56 -10.17 19.79 -5.97
CA ASP D 56 -9.04 20.41 -5.30
C ASP D 56 -8.59 21.69 -5.97
N MET D 57 -9.21 22.06 -7.10
CA MET D 57 -8.88 23.26 -7.90
C MET D 57 -7.41 23.30 -8.30
N GLU D 58 -6.88 22.13 -8.68
CA GLU D 58 -5.48 22.00 -9.03
C GLU D 58 -5.31 21.69 -10.51
N TYR D 59 -4.07 21.62 -10.97
CA TYR D 59 -3.78 21.04 -12.28
C TYR D 59 -2.36 20.47 -12.25
N THR D 60 -2.17 19.31 -12.88
CA THR D 60 -0.87 18.65 -12.92
C THR D 60 -0.22 18.94 -14.26
N ILE D 61 1.10 19.10 -14.27
CA ILE D 61 1.82 19.36 -15.51
C ILE D 61 3.23 18.80 -15.43
N ASP D 62 3.60 17.99 -16.41
CA ASP D 62 4.99 17.59 -16.58
C ASP D 62 5.71 18.58 -17.48
N VAL D 63 6.89 19.01 -17.05
CA VAL D 63 7.66 19.99 -17.80
C VAL D 63 9.08 19.49 -17.98
N PHE D 64 9.82 20.12 -18.90
CA PHE D 64 11.27 20.01 -18.97
C PHE D 64 11.76 21.42 -18.62
N PHE D 65 11.94 21.67 -17.32
CA PHE D 65 12.28 23.01 -16.86
C PHE D 65 13.74 23.33 -17.14
N ARG D 66 13.98 24.15 -18.16
CA ARG D 66 15.33 24.51 -18.58
C ARG D 66 15.68 25.89 -18.09
N GLN D 67 16.85 26.02 -17.48
CA GLN D 67 17.40 27.30 -17.05
C GLN D 67 18.77 27.49 -17.70
N LYS D 68 19.18 28.75 -17.82
CA LYS D 68 20.42 29.07 -18.51
C LYS D 68 20.96 30.39 -17.98
N TRP D 69 22.20 30.37 -17.50
CA TRP D 69 22.87 31.55 -16.97
C TRP D 69 24.35 31.44 -17.29
N LYS D 70 25.08 32.52 -17.02
CA LYS D 70 26.51 32.56 -17.32
C LYS D 70 27.30 32.70 -16.02
N ASP D 71 28.24 31.78 -15.81
CA ASP D 71 29.18 31.83 -14.71
C ASP D 71 30.58 31.94 -15.28
N GLU D 72 31.28 33.04 -14.94
CA GLU D 72 32.60 33.26 -15.49
C GLU D 72 33.67 32.41 -14.82
N ARG D 73 33.39 31.87 -13.63
CA ARG D 73 34.33 30.98 -12.98
C ARG D 73 34.36 29.60 -13.63
N LEU D 74 33.30 29.22 -14.33
CA LEU D 74 33.23 27.94 -15.02
C LEU D 74 33.65 28.11 -16.48
N LYS D 75 34.85 28.65 -16.66
CA LYS D 75 35.44 28.89 -17.97
C LYS D 75 36.60 27.91 -18.15
N PHE D 76 36.62 27.25 -19.31
CA PHE D 76 37.66 26.26 -19.58
C PHE D 76 38.09 26.35 -21.03
N LYS D 77 39.31 25.88 -21.29
CA LYS D 77 39.84 25.69 -22.63
C LYS D 77 40.29 24.25 -22.75
N GLY D 78 39.77 23.54 -23.76
CA GLY D 78 40.08 22.15 -23.93
C GLY D 78 39.69 21.62 -25.29
N PRO D 79 39.76 20.29 -25.45
CA PRO D 79 39.35 19.70 -26.74
C PRO D 79 37.86 19.82 -27.04
N MET D 80 37.05 19.49 -26.05
CA MET D 80 35.57 19.59 -26.23
C MET D 80 35.13 21.04 -26.16
N ASN D 81 34.01 21.35 -26.79
CA ASN D 81 33.44 22.68 -26.65
C ASN D 81 32.50 22.73 -25.45
N ILE D 82 31.47 21.87 -25.46
CA ILE D 82 30.53 21.79 -24.30
C ILE D 82 30.87 20.54 -23.51
N LEU D 83 31.07 20.65 -22.19
CA LEU D 83 31.28 19.41 -21.40
C LEU D 83 29.93 18.95 -20.89
N ARG D 84 29.29 18.02 -21.58
CA ARG D 84 28.02 17.44 -21.07
C ARG D 84 28.38 16.53 -19.90
N LEU D 85 27.96 16.88 -18.69
CA LEU D 85 28.35 16.16 -17.47
C LEU D 85 27.12 15.61 -16.76
N ASN D 86 27.29 14.66 -15.86
CA ASN D 86 26.21 14.00 -15.12
C ASN D 86 25.64 14.94 -14.07
N ASN D 87 24.87 14.37 -13.16
CA ASN D 87 23.91 15.15 -12.41
C ASN D 87 24.37 15.48 -11.01
N LEU D 88 25.54 14.98 -10.63
CA LEU D 88 26.06 15.21 -9.29
C LEU D 88 27.06 16.36 -9.23
N MET D 89 27.28 17.06 -10.35
CA MET D 89 27.97 18.33 -10.31
C MET D 89 27.02 19.50 -10.05
N ALA D 90 25.71 19.26 -10.19
CA ALA D 90 24.69 20.26 -9.89
C ALA D 90 24.60 20.57 -8.39
N SER D 91 25.17 19.70 -7.55
CA SER D 91 25.24 19.96 -6.11
C SER D 91 26.59 20.57 -5.74
N LYS D 92 27.45 20.84 -6.72
CA LYS D 92 28.72 21.49 -6.48
C LYS D 92 28.83 22.89 -7.07
N ILE D 93 27.94 23.26 -7.98
CA ILE D 93 27.97 24.56 -8.61
C ILE D 93 26.80 25.39 -8.12
N TRP D 94 26.81 26.68 -8.41
CA TRP D 94 25.69 27.53 -8.07
C TRP D 94 24.56 27.30 -9.05
N THR D 95 23.37 27.05 -8.53
CA THR D 95 22.16 26.98 -9.32
C THR D 95 21.12 27.94 -8.75
N PRO D 96 20.24 28.50 -9.57
CA PRO D 96 19.21 29.40 -9.03
C PRO D 96 18.19 28.65 -8.20
N ASP D 97 17.65 29.35 -7.21
CA ASP D 97 16.67 28.79 -6.28
C ASP D 97 15.24 29.10 -6.73
N THR D 98 14.95 28.67 -7.95
CA THR D 98 13.65 28.94 -8.55
C THR D 98 12.58 28.06 -7.93
N PHE D 99 11.50 28.68 -7.46
CA PHE D 99 10.38 27.99 -6.87
C PHE D 99 9.10 28.46 -7.55
N PHE D 100 8.09 27.60 -7.57
CA PHE D 100 6.82 27.91 -8.21
C PHE D 100 5.90 28.56 -7.18
N HIS D 101 5.39 29.75 -7.53
CA HIS D 101 4.69 30.59 -6.56
C HIS D 101 3.36 29.96 -6.13
N ASN D 102 2.64 29.35 -7.06
CA ASN D 102 1.37 28.70 -6.75
C ASN D 102 1.49 27.18 -6.67
N GLY D 103 2.72 26.66 -6.63
CA GLY D 103 2.89 25.21 -6.60
C GLY D 103 2.47 24.62 -5.28
N LYS D 104 2.02 23.36 -5.33
CA LYS D 104 1.52 22.67 -4.16
C LYS D 104 2.38 21.48 -3.76
N LYS D 105 2.59 20.53 -4.67
CA LYS D 105 3.37 19.32 -4.36
C LYS D 105 3.96 18.82 -5.67
N SER D 106 5.24 19.15 -5.91
CA SER D 106 5.93 18.68 -7.13
C SER D 106 7.10 17.78 -6.73
N VAL D 107 7.56 16.92 -7.63
CA VAL D 107 8.63 15.94 -7.25
C VAL D 107 9.79 16.03 -8.24
N ALA D 108 11.02 15.79 -7.76
CA ALA D 108 12.20 15.77 -8.67
C ALA D 108 12.47 14.32 -9.07
N HIS D 109 12.16 13.95 -10.32
CA HIS D 109 12.32 12.54 -10.76
C HIS D 109 13.74 12.06 -10.48
N ASN D 110 13.75 10.93 -9.77
CA ASN D 110 14.99 10.26 -9.40
C ASN D 110 14.83 8.82 -9.91
N MET D 111 14.63 8.62 -11.21
CA MET D 111 14.54 7.27 -11.75
C MET D 111 15.11 7.21 -13.16
N THR D 112 16.12 6.38 -13.41
CA THR D 112 16.86 5.52 -12.49
C THR D 112 17.98 6.30 -11.85
N MET D 113 18.17 7.51 -12.36
CA MET D 113 19.07 8.52 -11.83
C MET D 113 18.24 9.77 -11.62
N PRO D 114 18.73 10.75 -10.85
CA PRO D 114 18.00 12.03 -10.76
C PRO D 114 17.92 12.71 -12.12
N ASN D 115 16.69 12.92 -12.58
CA ASN D 115 16.45 13.39 -13.94
C ASN D 115 16.82 14.85 -14.08
N LYS D 116 18.09 15.11 -14.37
CA LYS D 116 18.60 16.46 -14.48
C LYS D 116 19.51 16.52 -15.69
N LEU D 117 20.07 17.69 -15.96
CA LEU D 117 20.97 17.89 -17.08
C LEU D 117 21.97 18.98 -16.71
N LEU D 118 23.18 18.91 -17.23
CA LEU D 118 24.08 20.05 -16.95
C LEU D 118 25.18 20.10 -18.00
N ARG D 119 25.08 21.05 -18.93
CA ARG D 119 26.14 21.22 -19.94
C ARG D 119 26.83 22.55 -19.77
N ILE D 120 28.15 22.53 -19.56
CA ILE D 120 28.97 23.73 -19.42
C ILE D 120 29.55 24.09 -20.78
N GLN D 121 29.03 25.12 -21.42
CA GLN D 121 29.58 25.55 -22.72
C GLN D 121 30.95 26.16 -22.47
N ASP D 122 31.73 26.40 -23.50
CA ASP D 122 33.12 26.87 -23.33
C ASP D 122 33.19 28.24 -22.64
N ASP D 123 32.38 29.19 -23.07
CA ASP D 123 32.44 30.60 -22.58
C ASP D 123 32.09 30.70 -21.10
N GLY D 124 31.37 29.72 -20.56
CA GLY D 124 30.91 29.76 -19.16
C GLY D 124 29.42 29.54 -19.14
N THR D 125 28.79 29.59 -20.30
CA THR D 125 27.34 29.47 -20.30
C THR D 125 26.94 28.12 -19.74
N LEU D 126 25.85 28.10 -18.97
CA LEU D 126 25.37 26.87 -18.35
C LEU D 126 23.96 26.56 -18.84
N LEU D 127 23.64 25.27 -18.86
CA LEU D 127 22.32 24.78 -19.20
C LEU D 127 21.91 23.76 -18.16
N TYR D 128 20.71 23.92 -17.61
CA TYR D 128 20.26 23.13 -16.46
C TYR D 128 18.80 22.77 -16.68
N THR D 129 18.56 21.52 -17.09
CA THR D 129 17.17 21.06 -17.35
C THR D 129 16.72 20.11 -16.23
N MET D 130 15.48 20.24 -15.78
CA MET D 130 14.97 19.38 -14.66
C MET D 130 13.60 18.80 -15.03
N ARG D 131 13.41 17.50 -14.85
CA ARG D 131 12.10 16.86 -15.11
C ARG D 131 11.28 16.91 -13.81
N LEU D 132 10.21 17.71 -13.77
CA LEU D 132 9.44 17.87 -12.51
C LEU D 132 7.95 17.66 -12.78
N THR D 133 7.25 16.96 -11.88
CA THR D 133 5.78 16.80 -12.02
C THR D 133 5.13 17.99 -11.31
N VAL D 134 5.16 19.18 -11.92
CA VAL D 134 4.62 20.39 -11.25
C VAL D 134 3.11 20.25 -11.06
N GLN D 135 2.62 20.51 -9.85
CA GLN D 135 1.15 20.50 -9.61
C GLN D 135 0.78 21.82 -8.95
N ALA D 136 0.40 22.82 -9.75
CA ALA D 136 0.17 24.17 -9.19
C ALA D 136 -1.32 24.45 -8.99
N GLU D 137 -1.65 25.50 -8.21
CA GLU D 137 -3.02 25.89 -7.97
C GLU D 137 -3.63 26.56 -9.20
N CYS D 138 -4.90 26.30 -9.42
CA CYS D 138 -5.65 26.95 -10.49
C CYS D 138 -6.96 27.49 -9.94
N PRO D 139 -7.05 28.80 -9.67
CA PRO D 139 -8.30 29.36 -9.13
C PRO D 139 -9.40 29.36 -10.17
N MET D 140 -10.55 28.82 -9.80
CA MET D 140 -11.66 28.64 -10.72
C MET D 140 -12.87 29.45 -10.27
N HIS D 141 -13.62 29.96 -11.25
CA HIS D 141 -14.92 30.57 -11.02
C HIS D 141 -15.93 29.70 -11.77
N LEU D 142 -16.59 28.81 -11.04
CA LEU D 142 -17.53 27.85 -11.64
C LEU D 142 -18.95 28.41 -11.65
N GLU D 143 -19.07 29.64 -12.14
CA GLU D 143 -20.35 30.29 -12.29
C GLU D 143 -20.98 30.04 -13.66
N ASP D 144 -20.21 29.48 -14.59
CA ASP D 144 -20.69 29.09 -15.91
C ASP D 144 -20.54 27.59 -16.14
N PHE D 145 -20.63 26.80 -15.08
CA PHE D 145 -20.40 25.37 -15.17
C PHE D 145 -21.54 24.69 -15.93
N PRO D 146 -21.27 23.83 -16.91
CA PRO D 146 -19.96 23.45 -17.43
C PRO D 146 -19.62 24.06 -18.80
N MET D 147 -20.07 25.27 -19.06
CA MET D 147 -19.64 25.93 -20.30
C MET D 147 -18.55 26.92 -19.88
N ASP D 148 -17.76 26.55 -18.87
CA ASP D 148 -16.75 27.46 -18.29
C ASP D 148 -15.39 27.30 -18.97
N ALA D 149 -14.59 28.38 -19.02
CA ALA D 149 -13.22 28.31 -19.57
C ALA D 149 -12.29 28.89 -18.51
N HIS D 150 -11.36 28.10 -17.98
CA HIS D 150 -10.49 28.55 -16.88
C HIS D 150 -9.10 28.88 -17.38
N SER D 151 -8.41 29.81 -16.75
CA SER D 151 -6.98 30.05 -17.08
C SER D 151 -6.18 29.53 -15.89
N CYS D 152 -5.40 28.47 -16.09
CA CYS D 152 -4.57 27.96 -15.02
C CYS D 152 -3.16 28.50 -15.17
N PRO D 153 -2.66 29.29 -14.22
CA PRO D 153 -1.34 29.91 -14.39
C PRO D 153 -0.21 29.07 -13.85
N LEU D 154 1.02 29.44 -14.19
CA LEU D 154 2.22 28.86 -13.63
C LEU D 154 3.20 29.99 -13.35
N LYS D 155 3.33 30.39 -12.09
CA LYS D 155 4.17 31.51 -11.69
C LYS D 155 5.39 30.96 -10.98
N PHE D 156 6.58 31.26 -11.50
CA PHE D 156 7.83 30.84 -10.89
C PHE D 156 8.76 32.03 -10.76
N GLY D 157 9.48 32.10 -9.64
CA GLY D 157 10.44 33.20 -9.42
C GLY D 157 11.53 32.81 -8.43
N SER D 158 12.48 33.71 -8.18
CA SER D 158 13.57 33.44 -7.19
C SER D 158 13.02 33.55 -5.77
N TYR D 159 13.71 32.97 -4.79
CA TYR D 159 13.21 32.97 -3.39
C TYR D 159 14.03 33.93 -2.52
N ALA D 160 15.35 33.76 -2.49
CA ALA D 160 16.20 34.59 -1.60
C ALA D 160 16.95 35.67 -2.39
N TYR D 161 16.80 35.69 -3.71
CA TYR D 161 17.54 36.67 -4.55
C TYR D 161 16.57 37.73 -5.07
N THR D 162 16.88 39.01 -4.84
CA THR D 162 15.96 40.11 -5.24
C THR D 162 16.22 40.53 -6.69
N THR D 163 15.46 41.51 -7.19
CA THR D 163 15.62 41.95 -8.58
C THR D 163 16.92 42.70 -8.82
N SER D 164 17.64 43.06 -7.76
CA SER D 164 18.97 43.62 -7.93
C SER D 164 20.04 42.54 -8.00
N GLU D 165 19.67 41.27 -7.82
CA GLU D 165 20.65 40.19 -7.83
C GLU D 165 20.35 39.14 -8.90
N VAL D 166 19.10 38.67 -8.97
CA VAL D 166 18.70 37.66 -9.94
C VAL D 166 17.41 38.10 -10.62
N THR D 167 17.44 38.21 -11.93
CA THR D 167 16.24 38.47 -12.74
C THR D 167 16.10 37.39 -13.80
N TYR D 168 14.87 36.93 -14.01
CA TYR D 168 14.60 35.89 -14.98
C TYR D 168 14.05 36.50 -16.27
N ILE D 169 14.25 35.78 -17.38
CA ILE D 169 13.85 36.21 -18.71
C ILE D 169 13.72 34.97 -19.58
N TRP D 170 12.89 35.05 -20.61
CA TRP D 170 12.67 33.95 -21.55
C TRP D 170 13.82 33.88 -22.54
N THR D 171 14.17 32.65 -22.95
CA THR D 171 15.37 32.45 -23.76
C THR D 171 15.10 32.62 -25.24
N TYR D 172 13.83 32.60 -25.64
CA TYR D 172 13.40 32.85 -27.01
C TYR D 172 12.52 34.09 -27.04
N ASN D 173 11.85 34.30 -28.17
CA ASN D 173 10.72 35.21 -28.22
C ASN D 173 9.64 34.71 -27.29
N ALA D 174 8.88 35.64 -26.69
CA ALA D 174 7.92 35.23 -25.68
C ALA D 174 6.59 34.78 -26.29
N SER D 175 6.64 33.96 -27.34
CA SER D 175 5.50 33.18 -27.79
C SER D 175 5.90 31.71 -27.82
N ASP D 176 7.04 31.43 -28.46
CA ASP D 176 7.59 30.08 -28.53
C ASP D 176 8.66 29.85 -27.47
N SER D 177 8.34 30.13 -26.21
CA SER D 177 9.27 29.88 -25.12
C SER D 177 8.70 28.83 -24.18
N VAL D 178 7.41 28.57 -24.30
CA VAL D 178 6.76 27.45 -23.64
C VAL D 178 6.17 26.59 -24.75
N GLN D 179 6.81 25.46 -25.04
CA GLN D 179 6.36 24.56 -26.09
C GLN D 179 5.63 23.37 -25.48
N VAL D 180 4.42 23.12 -25.95
CA VAL D 180 3.63 21.99 -25.52
C VAL D 180 3.77 20.88 -26.56
N ALA D 181 4.02 19.67 -26.08
CA ALA D 181 4.19 18.52 -26.98
C ALA D 181 2.86 18.19 -27.65
N PRO D 182 2.88 17.88 -28.96
CA PRO D 182 1.60 17.59 -29.65
C PRO D 182 0.97 16.28 -29.23
N ASP D 183 1.79 15.26 -28.95
CA ASP D 183 1.27 13.95 -28.61
C ASP D 183 1.16 13.78 -27.10
N GLY D 184 1.33 14.88 -26.35
CA GLY D 184 1.12 14.81 -24.92
C GLY D 184 0.04 15.76 -24.45
N SER D 185 -1.10 15.20 -24.07
CA SER D 185 -2.22 15.96 -23.51
C SER D 185 -3.06 14.97 -22.72
N ARG D 186 -2.90 14.99 -21.40
CA ARG D 186 -3.62 14.01 -20.53
C ARG D 186 -4.88 14.66 -20.02
N LEU D 187 -5.27 15.78 -20.61
CA LEU D 187 -6.50 16.51 -20.20
C LEU D 187 -7.65 15.79 -20.88
N ASN D 188 -8.63 15.30 -20.12
CA ASN D 188 -9.82 14.65 -20.72
C ASN D 188 -11.01 15.62 -20.69
N GLN D 189 -11.21 16.33 -19.58
CA GLN D 189 -12.38 17.24 -19.44
C GLN D 189 -12.17 18.53 -20.22
N TYR D 190 -10.93 19.03 -20.31
CA TYR D 190 -10.69 20.34 -20.96
C TYR D 190 -9.86 20.16 -22.24
N ASP D 191 -9.64 21.27 -22.97
CA ASP D 191 -8.78 21.20 -24.17
C ASP D 191 -7.82 22.38 -24.18
N LEU D 192 -6.52 22.15 -24.42
CA LEU D 192 -5.61 23.29 -24.33
C LEU D 192 -5.78 24.17 -25.57
N LEU D 193 -6.37 25.35 -25.40
CA LEU D 193 -6.50 26.28 -26.51
C LEU D 193 -5.16 26.92 -26.85
N GLY D 194 -4.43 27.35 -25.85
CA GLY D 194 -3.14 27.99 -26.08
C GLY D 194 -2.57 28.50 -24.78
N GLN D 195 -1.39 29.10 -24.88
CA GLN D 195 -0.69 29.65 -23.74
C GLN D 195 -0.31 31.10 -23.99
N SER D 196 -0.25 31.88 -22.92
CA SER D 196 0.27 33.24 -22.96
C SER D 196 1.18 33.43 -21.76
N ILE D 197 2.33 34.08 -21.97
CA ILE D 197 3.33 34.21 -20.93
C ILE D 197 3.66 35.69 -20.72
N GLY D 198 4.07 36.00 -19.50
CA GLY D 198 4.37 37.38 -19.14
C GLY D 198 5.38 37.45 -18.03
N LYS D 199 5.97 38.62 -17.86
CA LYS D 199 7.02 38.86 -16.87
C LYS D 199 6.61 40.04 -16.01
N GLU D 200 6.53 39.82 -14.70
CA GLU D 200 6.14 40.85 -13.76
C GLU D 200 7.28 41.09 -12.75
N THR D 201 6.99 41.91 -11.74
CA THR D 201 7.92 42.16 -10.64
C THR D 201 7.06 42.35 -9.39
N ILE D 202 7.02 41.33 -8.54
CA ILE D 202 6.16 41.32 -7.37
C ILE D 202 6.98 41.76 -6.17
N LYS D 203 6.51 42.80 -5.48
CA LYS D 203 7.14 43.32 -4.28
C LYS D 203 6.58 42.60 -3.06
N SER D 204 7.47 42.12 -2.19
CA SER D 204 7.05 41.56 -0.91
C SER D 204 7.78 42.29 0.22
N SER D 205 7.66 41.79 1.44
CA SER D 205 8.25 42.45 2.59
C SER D 205 9.77 42.33 2.64
N THR D 206 10.37 41.42 1.87
CA THR D 206 11.81 41.23 1.86
C THR D 206 12.48 41.84 0.63
N GLY D 207 11.71 42.49 -0.24
CA GLY D 207 12.23 43.15 -1.42
C GLY D 207 11.45 42.78 -2.66
N GLU D 208 11.92 43.28 -3.80
CA GLU D 208 11.31 43.02 -5.10
C GLU D 208 11.72 41.63 -5.59
N TYR D 209 10.88 41.03 -6.42
CA TYR D 209 11.15 39.70 -6.96
C TYR D 209 10.59 39.61 -8.36
N THR D 210 11.43 39.14 -9.30
CA THR D 210 10.99 38.94 -10.67
C THR D 210 10.20 37.65 -10.78
N VAL D 211 8.97 37.74 -11.29
CA VAL D 211 8.07 36.61 -11.41
C VAL D 211 7.76 36.41 -12.90
N MET D 212 7.93 35.19 -13.38
CA MET D 212 7.55 34.82 -14.74
C MET D 212 6.30 33.95 -14.68
N THR D 213 5.19 34.47 -15.18
CA THR D 213 3.95 33.72 -15.23
C THR D 213 3.79 33.06 -16.59
N ALA D 214 2.98 32.00 -16.62
CA ALA D 214 2.72 31.26 -17.85
C ALA D 214 1.30 30.69 -17.73
N HIS D 215 0.33 31.38 -18.32
CA HIS D 215 -1.06 30.97 -18.24
C HIS D 215 -1.36 29.94 -19.30
N PHE D 216 -2.14 28.93 -18.93
CA PHE D 216 -2.65 27.93 -19.87
C PHE D 216 -4.15 28.11 -19.98
N HIS D 217 -4.63 28.33 -21.21
CA HIS D 217 -6.03 28.64 -21.46
C HIS D 217 -6.80 27.35 -21.70
N LEU D 218 -7.74 27.06 -20.83
CA LEU D 218 -8.52 25.82 -20.90
C LEU D 218 -9.99 26.14 -21.15
N LYS D 219 -10.66 25.21 -21.82
CA LYS D 219 -12.08 25.27 -22.07
C LYS D 219 -12.66 23.89 -21.81
N ARG D 220 -13.74 23.82 -21.03
CA ARG D 220 -14.31 22.53 -20.67
C ARG D 220 -15.12 21.96 -21.84
N LYS D 221 -14.93 20.66 -22.07
CA LYS D 221 -15.70 19.91 -23.05
C LYS D 221 -17.06 19.57 -22.44
N ILE D 222 -18.13 19.92 -23.14
CA ILE D 222 -19.48 19.75 -22.63
C ILE D 222 -20.00 18.33 -22.79
N GLY D 223 -19.25 17.47 -23.49
CA GLY D 223 -19.80 16.20 -23.94
C GLY D 223 -20.06 15.19 -22.83
N TYR D 224 -19.34 15.32 -21.71
CA TYR D 224 -19.60 14.42 -20.59
C TYR D 224 -20.92 14.74 -19.90
N PHE D 225 -21.17 16.02 -19.65
CA PHE D 225 -22.32 16.45 -18.88
C PHE D 225 -23.62 16.47 -19.67
N VAL D 226 -23.55 16.46 -21.01
CA VAL D 226 -24.75 16.21 -21.80
C VAL D 226 -25.24 14.79 -21.61
N ILE D 227 -24.35 13.80 -21.66
CA ILE D 227 -24.70 12.40 -21.50
C ILE D 227 -25.10 12.14 -20.05
N GLN D 228 -24.34 12.70 -19.11
CA GLN D 228 -24.50 12.34 -17.70
C GLN D 228 -25.58 13.15 -17.00
N THR D 229 -25.59 14.47 -17.17
CA THR D 229 -26.45 15.33 -16.37
C THR D 229 -27.59 15.97 -17.15
N TYR D 230 -27.34 16.42 -18.37
CA TYR D 230 -28.33 17.21 -19.08
C TYR D 230 -29.44 16.34 -19.67
N LEU D 231 -29.07 15.32 -20.44
CA LEU D 231 -30.08 14.45 -21.06
C LEU D 231 -30.91 13.63 -20.07
N PRO D 232 -30.37 13.04 -18.98
CA PRO D 232 -31.29 12.44 -17.99
C PRO D 232 -32.20 13.44 -17.31
N CYS D 233 -31.82 14.71 -17.19
CA CYS D 233 -32.75 15.71 -16.68
C CYS D 233 -33.77 16.13 -17.73
N ILE D 234 -33.39 16.13 -19.01
CA ILE D 234 -34.33 16.48 -20.07
C ILE D 234 -35.38 15.38 -20.24
N MET D 235 -34.94 14.12 -20.25
CA MET D 235 -35.85 13.01 -20.53
C MET D 235 -36.84 12.76 -19.40
N THR D 236 -36.49 13.13 -18.16
CA THR D 236 -37.45 12.98 -17.07
C THR D 236 -38.42 14.15 -17.00
N VAL D 237 -38.13 15.27 -17.66
CA VAL D 237 -39.15 16.29 -17.86
C VAL D 237 -40.18 15.80 -18.87
N ILE D 238 -39.71 15.16 -19.95
CA ILE D 238 -40.61 14.53 -20.92
C ILE D 238 -41.36 13.37 -20.28
N LEU D 239 -40.69 12.63 -19.40
CA LEU D 239 -41.35 11.54 -18.67
C LEU D 239 -42.40 12.08 -17.71
N SER D 240 -42.18 13.26 -17.14
CA SER D 240 -43.18 13.87 -16.28
C SER D 240 -44.40 14.36 -17.06
N GLN D 241 -44.25 14.60 -18.36
CA GLN D 241 -45.34 15.09 -19.19
C GLN D 241 -46.16 13.97 -19.80
N VAL D 242 -45.78 12.70 -19.57
CA VAL D 242 -46.61 11.57 -19.97
C VAL D 242 -47.88 11.51 -19.13
N SER D 243 -47.84 12.05 -17.91
CA SER D 243 -48.99 12.02 -17.01
C SER D 243 -50.17 12.85 -17.53
N PHE D 244 -49.93 13.83 -18.40
CA PHE D 244 -51.03 14.60 -18.97
C PHE D 244 -51.82 13.82 -20.02
N TRP D 245 -51.24 12.79 -20.61
CA TRP D 245 -51.88 12.03 -21.67
C TRP D 245 -52.70 10.85 -21.15
N LEU D 246 -52.74 10.64 -19.85
CA LEU D 246 -53.39 9.48 -19.25
C LEU D 246 -54.86 9.81 -18.93
N ASN D 247 -55.53 8.85 -18.30
CA ASN D 247 -56.90 9.02 -17.87
C ASN D 247 -56.98 9.96 -16.68
N ARG D 248 -58.06 10.74 -16.62
CA ARG D 248 -58.32 11.60 -15.48
C ARG D 248 -58.58 10.78 -14.21
N GLU D 249 -59.35 9.70 -14.32
CA GLU D 249 -59.73 8.89 -13.18
C GLU D 249 -58.63 7.96 -12.70
N SER D 250 -57.53 7.85 -13.45
CA SER D 250 -56.43 6.96 -13.09
C SER D 250 -55.55 7.65 -12.05
N VAL D 251 -56.07 7.70 -10.83
CA VAL D 251 -55.44 8.41 -9.71
C VAL D 251 -54.10 7.83 -9.27
N PRO D 252 -53.92 6.51 -9.01
CA PRO D 252 -52.60 6.07 -8.53
C PRO D 252 -51.52 6.04 -9.60
N ALA D 253 -51.90 5.83 -10.87
CA ALA D 253 -50.94 5.74 -11.96
C ALA D 253 -50.24 7.07 -12.21
N ARG D 254 -50.99 8.17 -12.17
CA ARG D 254 -50.37 9.49 -12.31
C ARG D 254 -49.65 9.89 -11.04
N THR D 255 -49.99 9.27 -9.91
CA THR D 255 -49.26 9.53 -8.68
C THR D 255 -47.91 8.82 -8.69
N VAL D 256 -47.85 7.63 -9.29
CA VAL D 256 -46.57 6.94 -9.49
C VAL D 256 -45.67 7.74 -10.42
N PHE D 257 -46.28 8.33 -11.46
CA PHE D 257 -45.55 9.26 -12.32
C PHE D 257 -45.11 10.49 -11.55
N GLY D 258 -45.94 10.96 -10.62
CA GLY D 258 -45.65 12.14 -9.85
C GLY D 258 -44.49 12.03 -8.87
N VAL D 259 -44.46 10.98 -8.05
CA VAL D 259 -43.49 10.92 -6.97
C VAL D 259 -42.12 10.49 -7.48
N THR D 260 -42.08 9.75 -8.60
CA THR D 260 -40.80 9.23 -9.07
C THR D 260 -40.03 10.25 -9.90
N THR D 261 -40.75 11.13 -10.61
CA THR D 261 -40.08 12.17 -11.38
C THR D 261 -39.47 13.22 -10.45
N VAL D 262 -40.12 13.50 -9.32
CA VAL D 262 -39.56 14.41 -8.33
C VAL D 262 -38.35 13.79 -7.65
N LEU D 263 -38.44 12.51 -7.28
CA LEU D 263 -37.35 11.79 -6.63
C LEU D 263 -36.13 11.64 -7.53
N THR D 264 -36.34 11.35 -8.82
CA THR D 264 -35.21 11.21 -9.72
C THR D 264 -34.64 12.56 -10.13
N MET D 265 -35.36 13.66 -9.89
CA MET D 265 -34.78 14.97 -10.06
C MET D 265 -33.93 15.36 -8.85
N THR D 266 -34.40 15.02 -7.65
CA THR D 266 -33.63 15.28 -6.44
C THR D 266 -32.38 14.41 -6.38
N THR D 267 -32.49 13.18 -6.88
CA THR D 267 -31.33 12.29 -6.97
C THR D 267 -30.31 12.82 -7.96
N LEU D 268 -30.77 13.37 -9.08
CA LEU D 268 -29.85 13.92 -10.07
C LEU D 268 -29.27 15.26 -9.61
N SER D 269 -29.98 15.99 -8.77
CA SER D 269 -29.50 17.30 -8.31
C SER D 269 -28.34 17.16 -7.34
N ILE D 270 -28.44 16.19 -6.42
CA ILE D 270 -27.35 15.93 -5.48
C ILE D 270 -26.16 15.32 -6.20
N SER D 271 -26.42 14.43 -7.17
CA SER D 271 -25.35 13.75 -7.88
C SER D 271 -24.63 14.66 -8.86
N ALA D 272 -25.23 15.81 -9.20
CA ALA D 272 -24.59 16.72 -10.14
C ALA D 272 -23.43 17.47 -9.50
N ARG D 273 -23.50 17.71 -8.19
CA ARG D 273 -22.45 18.46 -7.50
C ARG D 273 -21.36 17.57 -6.95
N ASN D 274 -21.13 16.39 -7.53
CA ASN D 274 -20.02 15.54 -7.14
C ASN D 274 -18.83 15.77 -8.07
N SER D 275 -18.75 16.97 -8.63
CA SER D 275 -17.62 17.43 -9.41
C SER D 275 -17.32 18.87 -9.01
N LEU D 276 -18.00 19.33 -7.96
CA LEU D 276 -18.04 20.74 -7.62
C LEU D 276 -17.46 20.94 -6.23
N PRO D 277 -16.61 21.93 -6.02
CA PRO D 277 -16.35 22.40 -4.65
C PRO D 277 -17.61 22.95 -4.01
N LYS D 278 -17.71 22.88 -2.69
CA LYS D 278 -18.90 23.37 -2.00
C LYS D 278 -18.91 24.88 -1.95
N VAL D 279 -19.13 25.54 -3.10
CA VAL D 279 -19.03 26.98 -3.21
C VAL D 279 -20.34 27.62 -2.75
N ALA D 280 -20.30 28.93 -2.52
CA ALA D 280 -21.47 29.65 -2.03
C ALA D 280 -22.50 29.92 -3.12
N TYR D 281 -22.05 30.19 -4.35
CA TYR D 281 -22.97 30.55 -5.42
C TYR D 281 -23.59 29.31 -6.04
N ALA D 282 -24.44 29.54 -7.04
CA ALA D 282 -25.09 28.48 -7.79
C ALA D 282 -24.52 28.47 -9.22
N THR D 283 -24.14 27.30 -9.69
CA THR D 283 -23.58 27.15 -11.02
C THR D 283 -24.69 27.24 -12.09
N ALA D 284 -24.25 27.35 -13.34
CA ALA D 284 -25.20 27.32 -14.45
C ALA D 284 -25.82 25.95 -14.64
N MET D 285 -25.15 24.90 -14.17
CA MET D 285 -25.77 23.57 -14.09
C MET D 285 -26.94 23.57 -13.12
N ASP D 286 -26.78 24.24 -11.98
CA ASP D 286 -27.84 24.27 -10.97
C ASP D 286 -29.03 25.11 -11.41
N TRP D 287 -28.82 26.08 -12.30
CA TRP D 287 -29.93 26.86 -12.82
C TRP D 287 -30.70 26.14 -13.91
N PHE D 288 -30.18 25.02 -14.40
CA PHE D 288 -30.92 24.17 -15.34
C PHE D 288 -31.70 23.07 -14.62
N ILE D 289 -31.16 22.54 -13.53
CA ILE D 289 -31.87 21.51 -12.77
C ILE D 289 -33.07 22.11 -12.04
N ALA D 290 -32.91 23.33 -11.51
CA ALA D 290 -33.97 23.97 -10.74
C ALA D 290 -35.17 24.32 -11.60
N VAL D 291 -34.93 24.77 -12.84
CA VAL D 291 -36.03 24.97 -13.78
C VAL D 291 -36.64 23.63 -14.17
N CYS D 292 -35.80 22.62 -14.39
CA CYS D 292 -36.31 21.28 -14.68
C CYS D 292 -37.00 20.68 -13.47
N TYR D 293 -36.58 21.08 -12.26
CA TYR D 293 -37.31 20.69 -11.05
C TYR D 293 -38.70 21.33 -11.02
N ALA D 294 -38.78 22.58 -11.47
CA ALA D 294 -40.05 23.31 -11.44
C ALA D 294 -41.05 22.76 -12.44
N PHE D 295 -40.56 22.36 -13.62
CA PHE D 295 -41.44 21.77 -14.63
C PHE D 295 -41.93 20.39 -14.20
N VAL D 296 -41.09 19.64 -13.49
CA VAL D 296 -41.50 18.35 -12.94
C VAL D 296 -42.49 18.57 -11.80
N PHE D 297 -42.23 19.55 -10.93
CA PHE D 297 -43.11 19.83 -9.80
C PHE D 297 -44.46 20.38 -10.25
N SER D 298 -44.45 21.23 -11.28
CA SER D 298 -45.73 21.79 -11.75
C SER D 298 -46.58 20.78 -12.53
N ALA D 299 -46.03 19.63 -12.91
CA ALA D 299 -46.85 18.53 -13.39
C ALA D 299 -47.62 17.86 -12.28
N LEU D 300 -47.13 17.93 -11.04
CA LEU D 300 -47.87 17.41 -9.89
C LEU D 300 -48.98 18.38 -9.49
N ILE D 301 -48.73 19.68 -9.63
CA ILE D 301 -49.74 20.69 -9.32
C ILE D 301 -50.88 20.63 -10.34
N GLU D 302 -50.57 20.21 -11.57
CA GLU D 302 -51.59 20.03 -12.59
C GLU D 302 -52.55 18.91 -12.22
N PHE D 303 -52.02 17.74 -11.83
CA PHE D 303 -52.88 16.60 -11.51
C PHE D 303 -53.62 16.81 -10.20
N ALA D 304 -53.02 17.56 -9.27
CA ALA D 304 -53.70 17.91 -8.03
C ALA D 304 -54.90 18.82 -8.29
N THR D 305 -54.80 19.66 -9.32
CA THR D 305 -55.95 20.47 -9.73
C THR D 305 -57.02 19.61 -10.38
N VAL D 306 -56.60 18.63 -11.19
CA VAL D 306 -57.55 17.74 -11.88
C VAL D 306 -58.26 16.84 -10.87
N ASN D 307 -57.53 16.32 -9.90
CA ASN D 307 -58.15 15.50 -8.85
C ASN D 307 -59.04 16.33 -7.94
N TYR D 308 -58.77 17.64 -7.83
CA TYR D 308 -59.70 18.52 -7.13
C TYR D 308 -60.97 18.74 -7.93
N PHE D 309 -60.89 18.70 -9.25
CA PHE D 309 -62.03 18.95 -10.12
C PHE D 309 -62.68 17.70 -10.68
N THR D 310 -62.25 16.51 -10.25
CA THR D 310 -62.85 15.29 -10.76
C THR D 310 -64.05 14.89 -9.90
N LYS D 311 -64.89 14.03 -10.48
CA LYS D 311 -66.10 13.56 -9.82
C LYS D 311 -66.56 12.24 -10.40
N VAL D 386 -62.39 13.77 -20.01
CA VAL D 386 -61.07 14.38 -20.15
C VAL D 386 -61.14 15.83 -19.68
N SER D 387 -60.27 16.18 -18.73
CA SER D 387 -60.26 17.54 -18.20
C SER D 387 -59.65 18.51 -19.19
N LYS D 388 -60.19 19.73 -19.23
CA LYS D 388 -59.65 20.75 -20.11
C LYS D 388 -58.31 21.25 -19.62
N ILE D 389 -58.06 21.17 -18.31
CA ILE D 389 -56.73 21.48 -17.78
C ILE D 389 -55.72 20.42 -18.20
N ASP D 390 -56.16 19.16 -18.35
CA ASP D 390 -55.29 18.11 -18.83
C ASP D 390 -55.02 18.21 -20.34
N ARG D 391 -55.99 18.73 -21.09
CA ARG D 391 -55.77 18.92 -22.53
C ARG D 391 -54.86 20.11 -22.80
N MET D 392 -54.96 21.16 -21.99
CA MET D 392 -54.09 22.31 -22.16
C MET D 392 -52.67 22.05 -21.65
N SER D 393 -52.50 21.12 -20.72
CA SER D 393 -51.17 20.82 -20.18
C SER D 393 -50.34 19.95 -21.11
N ARG D 394 -50.95 19.32 -22.11
CA ARG D 394 -50.20 18.58 -23.11
C ARG D 394 -49.57 19.48 -24.16
N ILE D 395 -49.93 20.77 -24.18
CA ILE D 395 -49.44 21.70 -25.18
C ILE D 395 -48.52 22.75 -24.58
N VAL D 396 -48.93 23.37 -23.47
CA VAL D 396 -48.16 24.46 -22.87
C VAL D 396 -46.86 23.92 -22.26
N PHE D 397 -46.96 22.82 -21.51
CA PHE D 397 -45.78 22.24 -20.86
C PHE D 397 -44.66 21.79 -21.81
N PRO D 398 -44.92 21.16 -22.98
CA PRO D 398 -43.78 20.95 -23.89
C PRO D 398 -43.21 22.23 -24.48
N VAL D 399 -44.04 23.19 -24.87
CA VAL D 399 -43.50 24.37 -25.54
C VAL D 399 -42.92 25.39 -24.56
N LEU D 400 -43.27 25.32 -23.27
CA LEU D 400 -42.62 26.19 -22.30
C LEU D 400 -41.23 25.67 -21.95
N PHE D 401 -41.07 24.35 -21.89
CA PHE D 401 -39.74 23.78 -21.75
C PHE D 401 -38.93 23.90 -23.03
N GLY D 402 -39.62 23.90 -24.19
CA GLY D 402 -38.91 24.08 -25.45
C GLY D 402 -38.34 25.47 -25.62
N THR D 403 -39.07 26.49 -25.16
CA THR D 403 -38.55 27.85 -25.23
C THR D 403 -37.46 28.09 -24.20
N PHE D 404 -37.50 27.39 -23.06
CA PHE D 404 -36.48 27.55 -22.04
C PHE D 404 -35.15 27.00 -22.51
N ASN D 405 -35.16 25.88 -23.26
CA ASN D 405 -33.93 25.34 -23.80
C ASN D 405 -33.37 26.19 -24.93
N LEU D 406 -34.20 27.03 -25.57
CA LEU D 406 -33.67 27.94 -26.57
C LEU D 406 -32.96 29.13 -25.93
N VAL D 407 -33.36 29.49 -24.71
CA VAL D 407 -32.77 30.66 -24.05
C VAL D 407 -31.50 30.26 -23.30
N TYR D 408 -31.57 29.15 -22.55
CA TYR D 408 -30.44 28.72 -21.72
C TYR D 408 -29.27 28.24 -22.57
N TRP D 409 -29.56 27.53 -23.65
CA TRP D 409 -28.47 27.01 -24.47
C TRP D 409 -27.90 28.04 -25.44
N ALA D 410 -28.48 29.23 -25.54
CA ALA D 410 -27.93 30.29 -26.39
C ALA D 410 -27.28 31.39 -25.59
N THR D 411 -27.67 31.59 -24.33
CA THR D 411 -27.07 32.62 -23.50
C THR D 411 -25.68 32.21 -23.03
N TYR D 412 -25.52 30.95 -22.66
CA TYR D 412 -24.27 30.52 -22.02
C TYR D 412 -23.21 30.06 -23.03
N LEU D 413 -23.64 29.78 -24.26
CA LEU D 413 -22.71 29.33 -25.31
C LEU D 413 -22.69 30.36 -26.45
N ASN D 414 -21.67 31.22 -26.49
CA ASN D 414 -21.55 32.24 -27.57
C ASN D 414 -20.10 32.29 -28.05
N GLY E 25 35.46 36.19 -3.86
CA GLY E 25 36.78 36.48 -3.35
C GLY E 25 36.75 37.14 -1.99
N ASP E 26 36.15 38.32 -1.91
CA ASP E 26 36.06 39.03 -0.64
C ASP E 26 34.95 38.45 0.23
N VAL E 27 33.89 37.92 -0.37
CA VAL E 27 32.77 37.41 0.41
C VAL E 27 33.08 36.01 0.94
N THR E 28 33.81 35.20 0.16
CA THR E 28 34.11 33.84 0.58
C THR E 28 35.09 33.81 1.76
N VAL E 29 36.00 34.78 1.84
CA VAL E 29 36.86 34.81 3.01
C VAL E 29 36.11 35.34 4.23
N ILE E 30 35.06 36.14 4.02
CA ILE E 30 34.18 36.55 5.11
C ILE E 30 33.42 35.34 5.66
N LEU E 31 32.90 34.49 4.78
CA LEU E 31 32.16 33.31 5.22
C LEU E 31 33.10 32.29 5.87
N ASN E 32 34.32 32.15 5.35
CA ASN E 32 35.31 31.28 5.97
C ASN E 32 35.75 31.80 7.33
N ASN E 33 35.81 33.11 7.51
CA ASN E 33 36.13 33.65 8.84
C ASN E 33 34.95 33.52 9.79
N LEU E 34 33.72 33.57 9.28
CA LEU E 34 32.56 33.46 10.14
C LEU E 34 32.32 32.03 10.63
N LEU E 35 32.48 31.03 9.76
CA LEU E 35 32.14 29.66 10.13
C LEU E 35 33.30 28.89 10.74
N GLU E 36 34.44 29.55 10.97
CA GLU E 36 35.59 28.89 11.59
C GLU E 36 35.50 29.15 13.09
N GLY E 37 35.45 28.07 13.86
CA GLY E 37 35.19 28.15 15.28
C GLY E 37 33.72 28.21 15.66
N TYR E 38 32.82 27.92 14.73
CA TYR E 38 31.39 27.98 14.98
C TYR E 38 30.87 26.64 15.48
N ASP E 39 29.99 26.68 16.46
CA ASP E 39 29.27 25.50 16.93
C ASP E 39 27.82 25.59 16.48
N ASN E 40 27.39 24.60 15.70
CA ASN E 40 25.99 24.45 15.37
C ASN E 40 25.15 24.00 16.55
N LYS E 41 25.79 23.41 17.56
CA LYS E 41 25.09 22.76 18.65
C LYS E 41 24.69 23.72 19.76
N LEU E 42 25.35 24.86 19.86
CA LEU E 42 25.11 25.83 20.93
C LEU E 42 24.38 27.04 20.39
N ARG E 43 23.30 27.42 21.05
CA ARG E 43 22.60 28.65 20.75
C ARG E 43 23.45 29.85 21.15
N PRO E 44 23.23 31.02 20.53
CA PRO E 44 23.94 32.23 20.96
C PRO E 44 23.55 32.63 22.38
N ASP E 45 24.56 33.09 23.13
CA ASP E 45 24.46 33.41 24.56
C ASP E 45 23.93 32.21 25.34
N ILE E 46 24.72 31.12 25.31
CA ILE E 46 24.26 29.84 25.84
C ILE E 46 24.14 29.88 27.36
N GLY E 47 25.04 30.60 28.03
CA GLY E 47 24.97 30.69 29.48
C GLY E 47 24.97 32.12 29.97
N VAL E 48 24.41 33.04 29.17
CA VAL E 48 24.42 34.45 29.51
C VAL E 48 22.98 34.95 29.65
N LYS E 49 22.22 34.90 28.56
CA LYS E 49 20.87 35.43 28.53
C LYS E 49 20.06 34.63 27.52
N PRO E 50 18.74 34.59 27.65
CA PRO E 50 17.93 33.87 26.65
C PRO E 50 17.99 34.53 25.27
N THR E 51 17.87 33.70 24.24
CA THR E 51 17.91 34.17 22.86
C THR E 51 16.54 34.67 22.46
N LEU E 52 16.42 35.97 22.22
CA LEU E 52 15.17 36.59 21.84
C LEU E 52 15.00 36.47 20.33
N ILE E 53 13.93 35.79 19.90
CA ILE E 53 13.68 35.53 18.49
C ILE E 53 12.39 36.21 18.10
N HIS E 54 12.47 37.10 17.12
CA HIS E 54 11.32 37.83 16.61
C HIS E 54 10.74 37.08 15.42
N THR E 55 9.50 36.66 15.54
CA THR E 55 8.86 35.87 14.49
C THR E 55 7.90 36.72 13.67
N ASP E 56 7.65 36.27 12.46
CA ASP E 56 6.80 36.98 11.50
C ASP E 56 6.21 35.96 10.55
N MET E 57 4.98 36.20 10.13
CA MET E 57 4.24 35.26 9.29
C MET E 57 3.56 36.00 8.15
N TYR E 58 3.54 35.39 6.97
CA TYR E 58 2.86 35.92 5.81
C TYR E 58 2.04 34.79 5.19
N VAL E 59 0.74 34.81 5.40
CA VAL E 59 -0.12 33.72 4.97
C VAL E 59 -0.41 33.85 3.48
N ASN E 60 -0.06 32.82 2.72
CA ASN E 60 -0.35 32.79 1.29
C ASN E 60 -1.75 32.32 0.96
N SER E 61 -2.19 31.19 1.53
CA SER E 61 -3.51 30.66 1.25
C SER E 61 -3.97 29.74 2.38
N ILE E 62 -4.95 30.17 3.17
CA ILE E 62 -5.58 29.28 4.13
C ILE E 62 -6.41 28.28 3.35
N GLY E 63 -5.99 27.02 3.35
CA GLY E 63 -6.57 26.01 2.49
C GLY E 63 -7.91 25.51 2.96
N PRO E 64 -8.28 24.31 2.53
CA PRO E 64 -9.61 23.77 2.85
C PRO E 64 -9.71 23.39 4.32
N VAL E 65 -10.76 23.89 4.97
CA VAL E 65 -11.04 23.59 6.37
C VAL E 65 -11.80 22.27 6.38
N ASN E 66 -11.12 21.19 6.77
CA ASN E 66 -11.74 19.89 6.81
C ASN E 66 -12.56 19.72 8.09
N ALA E 67 -13.69 19.04 7.94
CA ALA E 67 -14.57 18.74 9.07
C ALA E 67 -14.63 17.27 9.44
N ILE E 68 -14.28 16.37 8.51
CA ILE E 68 -14.30 14.93 8.84
C ILE E 68 -13.06 14.56 9.63
N ASN E 69 -12.01 15.39 9.59
CA ASN E 69 -10.79 15.15 10.33
C ASN E 69 -10.47 16.22 11.36
N MET E 70 -11.28 17.29 11.38
CA MET E 70 -11.06 18.43 12.31
C MET E 70 -9.65 19.04 12.11
N GLU E 71 -9.39 19.59 10.92
CA GLU E 71 -8.09 20.17 10.61
C GLU E 71 -8.27 21.21 9.51
N TYR E 72 -7.23 22.04 9.35
CA TYR E 72 -7.24 23.11 8.32
C TYR E 72 -5.84 23.22 7.74
N THR E 73 -5.72 23.53 6.45
CA THR E 73 -4.44 23.68 5.78
C THR E 73 -4.09 25.16 5.66
N ILE E 74 -2.83 25.49 5.88
CA ILE E 74 -2.35 26.85 5.77
C ILE E 74 -0.96 26.85 5.13
N ASP E 75 -0.73 27.80 4.22
CA ASP E 75 0.54 27.97 3.54
C ASP E 75 1.10 29.33 3.89
N ILE E 76 2.25 29.36 4.55
CA ILE E 76 2.81 30.59 5.10
C ILE E 76 4.26 30.75 4.67
N PHE E 77 4.76 31.97 4.84
CA PHE E 77 6.18 32.29 4.78
C PHE E 77 6.59 32.60 6.22
N PHE E 78 7.05 31.57 6.94
CA PHE E 78 7.41 31.71 8.34
C PHE E 78 8.78 32.36 8.46
N ALA E 79 8.85 33.51 9.13
CA ALA E 79 10.09 34.28 9.24
C ALA E 79 10.49 34.40 10.71
N GLN E 80 11.77 34.23 10.98
CA GLN E 80 12.32 34.35 12.32
C GLN E 80 13.54 35.26 12.29
N THR E 81 13.67 36.09 13.31
CA THR E 81 14.76 37.04 13.39
C THR E 81 15.39 36.97 14.78
N TRP E 82 16.71 36.80 14.84
CA TRP E 82 17.41 36.79 16.11
C TRP E 82 18.80 37.40 15.90
N TYR E 83 19.61 37.37 16.96
CA TYR E 83 20.94 37.94 16.94
C TYR E 83 21.95 36.85 17.24
N ASP E 84 23.10 36.95 16.59
CA ASP E 84 24.21 36.02 16.86
C ASP E 84 25.49 36.83 16.85
N ARG E 85 26.18 36.87 17.98
CA ARG E 85 27.42 37.63 18.07
C ARG E 85 28.57 36.92 17.37
N ARG E 86 28.42 35.64 17.07
CA ARG E 86 29.44 34.92 16.29
C ARG E 86 29.39 35.29 14.81
N LEU E 87 28.21 35.69 14.32
CA LEU E 87 28.03 36.04 12.91
C LEU E 87 28.16 37.55 12.74
N LYS E 88 29.37 38.04 12.99
CA LYS E 88 29.68 39.47 12.92
C LYS E 88 30.86 39.67 11.98
N PHE E 89 30.68 40.49 10.96
CA PHE E 89 31.70 40.74 9.95
C PHE E 89 31.83 42.24 9.72
N ASN E 90 33.05 42.70 9.51
CA ASN E 90 33.32 44.11 9.21
C ASN E 90 33.74 44.20 7.74
N SER E 91 32.85 44.73 6.91
CA SER E 91 33.11 44.87 5.48
C SER E 91 32.23 45.98 4.92
N THR E 92 32.55 46.39 3.69
CA THR E 92 31.76 47.42 3.02
C THR E 92 30.38 46.90 2.65
N ILE E 93 30.25 45.61 2.37
CA ILE E 93 28.94 45.02 2.15
C ILE E 93 28.21 44.89 3.49
N LYS E 94 26.93 45.21 3.49
CA LYS E 94 26.15 45.27 4.73
C LYS E 94 25.28 44.04 4.97
N VAL E 95 24.73 43.46 3.91
CA VAL E 95 23.82 42.33 4.03
C VAL E 95 24.41 41.17 3.23
N LEU E 96 24.42 39.99 3.84
CA LEU E 96 24.83 38.77 3.17
C LEU E 96 23.59 37.97 2.77
N ARG E 97 23.06 38.27 1.59
CA ARG E 97 21.91 37.53 1.08
C ARG E 97 22.38 36.16 0.58
N LEU E 98 21.90 35.10 1.23
CA LEU E 98 22.40 33.76 1.01
C LEU E 98 21.25 32.81 0.73
N ASN E 99 21.59 31.66 0.16
CA ASN E 99 20.62 30.62 -0.16
C ASN E 99 20.57 29.60 0.97
N SER E 100 19.92 28.47 0.73
CA SER E 100 19.68 27.48 1.76
C SER E 100 20.87 26.56 2.00
N ASN E 101 21.95 26.69 1.23
CA ASN E 101 23.13 25.86 1.46
C ASN E 101 23.90 26.27 2.71
N MET E 102 23.70 27.49 3.22
CA MET E 102 24.33 27.92 4.45
C MET E 102 23.34 27.90 5.61
N VAL E 103 22.13 27.40 5.40
CA VAL E 103 21.17 27.26 6.49
C VAL E 103 21.65 26.21 7.49
N GLY E 104 22.05 25.04 7.01
CA GLY E 104 22.43 23.96 7.90
C GLY E 104 23.86 24.03 8.41
N LYS E 105 24.47 25.20 8.32
CA LYS E 105 25.81 25.40 8.86
C LYS E 105 25.84 26.49 9.94
N ILE E 106 24.69 27.02 10.36
CA ILE E 106 24.58 27.95 11.46
C ILE E 106 23.62 27.36 12.49
N TRP E 107 23.35 28.11 13.55
CA TRP E 107 22.35 27.71 14.53
C TRP E 107 20.96 28.15 14.07
N ILE E 108 19.98 27.26 14.20
CA ILE E 108 18.60 27.53 13.85
C ILE E 108 17.76 27.20 15.08
N PRO E 109 16.78 28.01 15.45
CA PRO E 109 15.87 27.60 16.52
C PRO E 109 15.00 26.42 16.11
N ASP E 110 14.69 25.58 17.08
CA ASP E 110 13.92 24.36 16.85
C ASP E 110 12.43 24.63 16.96
N THR E 111 11.96 25.57 16.13
CA THR E 111 10.56 25.96 16.15
C THR E 111 9.72 24.86 15.53
N PHE E 112 8.80 24.31 16.30
CA PHE E 112 7.84 23.33 15.80
C PHE E 112 6.45 23.85 16.08
N PHE E 113 5.48 23.34 15.33
CA PHE E 113 4.10 23.79 15.44
C PHE E 113 3.35 22.79 16.29
N ARG E 114 2.82 23.27 17.42
CA ARG E 114 2.37 22.38 18.49
C ARG E 114 1.07 21.66 18.17
N ASN E 115 0.28 22.15 17.22
CA ASN E 115 -0.99 21.51 16.91
C ASN E 115 -1.07 21.09 15.44
N SER E 116 0.07 20.94 14.78
CA SER E 116 0.11 20.50 13.39
C SER E 116 0.02 18.99 13.34
N LYS E 117 -0.90 18.47 12.54
CA LYS E 117 -0.97 17.02 12.36
C LYS E 117 0.14 16.52 11.46
N LYS E 118 0.42 17.24 10.37
CA LYS E 118 1.57 16.99 9.52
C LYS E 118 1.90 18.26 8.77
N ALA E 119 3.19 18.44 8.46
CA ALA E 119 3.64 19.61 7.75
C ALA E 119 4.90 19.26 6.97
N ASP E 120 5.20 20.08 5.96
CA ASP E 120 6.40 19.87 5.17
C ASP E 120 6.84 21.19 4.55
N ALA E 121 8.16 21.39 4.52
CA ALA E 121 8.73 22.46 3.71
C ALA E 121 8.75 22.03 2.25
N HIS E 122 9.07 22.98 1.38
CA HIS E 122 9.03 22.75 -0.06
C HIS E 122 10.45 22.71 -0.61
N TRP E 123 10.69 21.80 -1.55
CA TRP E 123 12.05 21.43 -1.94
C TRP E 123 12.27 21.49 -3.45
N ILE E 124 11.34 22.11 -4.19
CA ILE E 124 11.40 22.16 -5.64
C ILE E 124 11.52 23.62 -6.06
N THR E 125 12.53 23.94 -6.87
CA THR E 125 13.56 23.08 -7.43
C THR E 125 14.78 23.03 -6.52
N THR E 126 14.71 23.79 -5.45
CA THR E 126 15.71 23.96 -4.41
C THR E 126 14.92 24.03 -3.11
N PRO E 127 15.54 23.76 -1.96
CA PRO E 127 14.90 24.09 -0.69
C PRO E 127 14.49 25.56 -0.59
N ASN E 128 13.23 25.79 -0.26
CA ASN E 128 12.62 27.12 -0.28
C ASN E 128 12.92 27.82 1.05
N ARG E 129 14.18 28.18 1.24
CA ARG E 129 14.63 28.77 2.48
C ARG E 129 15.44 30.02 2.17
N MET E 130 15.44 30.96 3.11
CA MET E 130 16.10 32.25 2.98
C MET E 130 17.03 32.42 4.17
N LEU E 131 18.14 33.12 3.96
CA LEU E 131 19.12 33.35 5.01
C LEU E 131 19.88 34.64 4.73
N ARG E 132 19.59 35.69 5.48
CA ARG E 132 20.27 36.97 5.34
C ARG E 132 20.93 37.32 6.67
N ILE E 133 22.22 37.63 6.63
CA ILE E 133 22.99 37.93 7.83
C ILE E 133 23.52 39.35 7.71
N TRP E 134 23.07 40.23 8.61
CA TRP E 134 23.58 41.59 8.66
C TRP E 134 24.92 41.60 9.41
N ASN E 135 25.58 42.76 9.40
CA ASN E 135 26.92 42.86 9.96
C ASN E 135 26.91 43.10 11.47
N ASP E 136 25.75 43.25 12.10
CA ASP E 136 25.68 43.27 13.55
C ASP E 136 25.32 41.93 14.15
N GLY E 137 24.76 41.01 13.35
CA GLY E 137 24.42 39.68 13.80
C GLY E 137 22.99 39.27 13.54
N ARG E 138 22.21 40.17 12.92
CA ARG E 138 20.78 39.87 12.62
C ARG E 138 20.71 38.69 11.65
N VAL E 139 20.08 37.59 12.08
CA VAL E 139 19.94 36.40 11.19
C VAL E 139 18.47 36.30 10.76
N LEU E 140 18.18 36.58 9.49
CA LEU E 140 16.79 36.45 8.97
C LEU E 140 16.62 35.07 8.33
N TYR E 141 15.82 34.20 8.96
CA TYR E 141 15.57 32.85 8.39
C TYR E 141 14.10 32.76 7.97
N THR E 142 13.84 32.68 6.66
CA THR E 142 12.44 32.63 6.16
C THR E 142 12.26 31.36 5.31
N LEU E 143 11.34 30.49 5.72
CA LEU E 143 11.08 29.26 4.97
C LEU E 143 9.60 29.12 4.66
N ARG E 144 9.31 28.37 3.60
CA ARG E 144 7.95 28.18 3.11
C ARG E 144 7.40 26.87 3.62
N LEU E 145 6.25 26.92 4.29
CA LEU E 145 5.68 25.76 4.97
C LEU E 145 4.21 25.59 4.62
N THR E 146 3.79 24.33 4.54
CA THR E 146 2.38 23.97 4.40
C THR E 146 2.01 23.14 5.62
N ILE E 147 1.05 23.62 6.41
CA ILE E 147 0.77 23.09 7.73
C ILE E 147 -0.67 22.61 7.79
N ASP E 148 -0.86 21.36 8.21
CA ASP E 148 -2.19 20.82 8.53
C ASP E 148 -2.34 20.88 10.05
N ALA E 149 -3.11 21.87 10.52
CA ALA E 149 -3.32 22.10 11.97
C ALA E 149 -4.43 21.22 12.54
N GLU E 150 -5.22 21.74 13.49
CA GLU E 150 -6.37 20.98 14.03
C GLU E 150 -7.34 21.83 14.84
N CYS E 151 -8.40 22.38 14.25
CA CYS E 151 -9.39 23.10 15.09
C CYS E 151 -10.67 22.24 15.19
N GLN E 152 -10.98 21.72 16.39
CA GLN E 152 -12.13 20.82 16.56
C GLN E 152 -13.40 21.68 16.55
N LEU E 153 -13.80 22.13 15.37
CA LEU E 153 -14.94 23.07 15.30
C LEU E 153 -16.02 22.60 16.28
N GLN E 154 -16.32 23.38 17.32
CA GLN E 154 -17.46 23.01 18.19
C GLN E 154 -18.65 22.96 17.23
N LEU E 155 -19.05 21.77 16.80
CA LEU E 155 -20.03 21.77 15.71
C LEU E 155 -21.47 21.71 16.22
N HIS E 156 -21.78 22.58 17.16
CA HIS E 156 -23.15 22.96 17.44
C HIS E 156 -23.46 24.14 16.54
N ASN E 157 -24.76 24.43 16.40
CA ASN E 157 -25.30 25.48 15.54
C ASN E 157 -24.98 25.28 14.06
N PHE E 158 -24.54 24.08 13.67
CA PHE E 158 -24.17 23.81 12.29
C PHE E 158 -25.42 23.78 11.40
N PRO E 159 -25.39 24.42 10.22
CA PRO E 159 -24.29 25.12 9.56
C PRO E 159 -24.21 26.63 9.75
N MET E 160 -24.90 27.17 10.75
CA MET E 160 -24.80 28.58 11.08
C MET E 160 -23.78 28.81 12.19
N ASP E 161 -22.56 28.33 12.01
CA ASP E 161 -21.59 28.34 13.07
C ASP E 161 -20.42 29.25 12.73
N GLU E 162 -19.69 29.63 13.77
CA GLU E 162 -18.49 30.44 13.66
C GLU E 162 -17.41 29.79 14.50
N HIS E 163 -16.17 29.77 13.99
CA HIS E 163 -15.08 29.08 14.73
C HIS E 163 -13.78 29.89 14.71
N SER E 164 -12.91 29.66 15.71
CA SER E 164 -11.58 30.34 15.74
C SER E 164 -10.51 29.25 15.68
N CYS E 165 -9.92 29.03 14.50
CA CYS E 165 -8.89 27.97 14.32
C CYS E 165 -7.50 28.54 14.67
N PRO E 166 -6.78 27.97 15.67
CA PRO E 166 -5.49 28.53 16.10
C PRO E 166 -4.24 27.94 15.42
N LEU E 167 -3.11 28.64 15.53
CA LEU E 167 -1.83 28.11 14.99
C LEU E 167 -0.77 28.31 16.07
N GLU E 168 -0.47 27.27 16.85
CA GLU E 168 0.45 27.42 17.97
C GLU E 168 1.82 26.92 17.55
N PHE E 169 2.86 27.66 17.92
CA PHE E 169 4.22 27.20 17.71
C PHE E 169 5.10 27.62 18.87
N SER E 170 6.13 26.83 19.13
CA SER E 170 7.10 27.09 20.19
C SER E 170 8.36 26.31 19.87
N SER E 171 9.37 26.49 20.71
CA SER E 171 10.56 25.66 20.61
C SER E 171 10.28 24.29 21.21
N TYR E 172 11.11 23.31 20.84
CA TYR E 172 10.96 21.95 21.35
C TYR E 172 11.81 21.71 22.59
N GLY E 173 13.12 21.87 22.48
CA GLY E 173 14.01 21.52 23.56
C GLY E 173 14.36 22.67 24.47
N TYR E 174 14.40 23.88 23.91
CA TYR E 174 14.88 25.03 24.66
C TYR E 174 13.74 25.65 25.46
N PRO E 175 13.85 25.73 26.78
CA PRO E 175 12.77 26.31 27.58
C PRO E 175 12.75 27.84 27.57
N ARG E 176 11.91 28.41 28.43
CA ARG E 176 11.77 29.86 28.55
C ARG E 176 13.07 30.53 28.98
N GLU E 177 13.92 29.84 29.72
CA GLU E 177 15.19 30.42 30.14
C GLU E 177 16.27 30.34 29.07
N GLU E 178 15.98 29.78 27.90
CA GLU E 178 16.96 29.69 26.84
C GLU E 178 16.51 30.29 25.52
N ILE E 179 15.25 30.14 25.13
CA ILE E 179 14.67 30.85 24.00
C ILE E 179 13.37 31.51 24.44
N VAL E 180 13.28 32.83 24.21
CA VAL E 180 12.01 33.56 24.46
C VAL E 180 11.54 34.11 23.12
N TYR E 181 10.38 33.68 22.63
CA TYR E 181 9.90 34.13 21.30
C TYR E 181 9.24 35.50 21.41
N GLN E 182 9.05 36.19 20.28
CA GLN E 182 8.42 37.54 20.29
C GLN E 182 7.76 37.83 18.93
N TRP E 183 6.66 38.57 18.94
CA TRP E 183 5.99 38.97 17.67
C TRP E 183 6.42 40.40 17.29
N LYS E 184 6.61 40.68 16.00
CA LYS E 184 6.93 42.03 15.57
C LYS E 184 5.66 42.88 15.63
N ARG E 185 5.77 44.13 15.17
CA ARG E 185 4.60 45.01 15.15
C ARG E 185 3.75 44.77 13.91
N SER E 186 4.29 44.11 12.90
CA SER E 186 3.59 43.78 11.66
C SER E 186 3.67 42.28 11.46
N SER E 187 3.33 41.54 12.51
CA SER E 187 3.58 40.11 12.66
C SER E 187 2.89 39.24 11.60
N VAL E 188 1.56 39.21 11.61
CA VAL E 188 0.79 38.31 10.77
C VAL E 188 0.07 39.11 9.70
N GLU E 189 0.33 38.76 8.43
CA GLU E 189 -0.29 39.50 7.29
C GLU E 189 -0.90 38.49 6.33
N VAL E 190 -1.96 38.89 5.62
CA VAL E 190 -2.62 37.97 4.64
C VAL E 190 -2.28 38.46 3.23
N GLY E 191 -2.59 37.64 2.21
CA GLY E 191 -2.33 38.03 0.84
C GLY E 191 -3.44 38.81 0.16
N ASP E 192 -4.54 38.14 -0.17
CA ASP E 192 -5.68 38.83 -0.78
C ASP E 192 -7.04 38.38 -0.26
N THR E 193 -7.15 37.22 0.40
CA THR E 193 -8.39 36.65 0.95
C THR E 193 -9.48 36.47 -0.11
N ARG E 194 -9.09 36.32 -1.37
CA ARG E 194 -10.05 36.14 -2.46
C ARG E 194 -9.68 34.92 -3.29
N SER E 195 -8.38 34.69 -3.46
CA SER E 195 -7.86 33.51 -4.13
C SER E 195 -7.67 32.33 -3.18
N TRP E 196 -8.05 32.49 -1.92
CA TRP E 196 -7.89 31.44 -0.92
C TRP E 196 -8.84 30.28 -1.19
N ARG E 197 -8.51 29.14 -0.60
CA ARG E 197 -9.23 27.90 -0.85
C ARG E 197 -10.42 27.70 0.07
N LEU E 198 -10.86 28.73 0.77
CA LEU E 198 -12.07 28.63 1.57
C LEU E 198 -13.30 28.66 0.68
N TYR E 199 -14.12 27.63 0.75
CA TYR E 199 -15.36 27.57 -0.03
C TYR E 199 -16.57 27.90 0.83
N GLN E 200 -16.76 27.18 1.93
CA GLN E 200 -17.91 27.38 2.80
C GLN E 200 -17.62 28.31 3.97
N PHE E 201 -16.40 28.81 4.11
CA PHE E 201 -16.01 29.68 5.20
C PHE E 201 -15.53 31.02 4.65
N SER E 202 -15.56 32.03 5.52
CA SER E 202 -15.06 33.36 5.17
C SER E 202 -14.08 33.80 6.25
N PHE E 203 -12.97 34.40 5.82
CA PHE E 203 -11.93 34.84 6.75
C PHE E 203 -12.36 36.14 7.41
N VAL E 204 -12.73 36.07 8.69
CA VAL E 204 -13.25 37.24 9.39
C VAL E 204 -12.10 38.12 9.89
N GLY E 205 -11.18 37.53 10.63
CA GLY E 205 -10.08 38.30 11.20
C GLY E 205 -9.07 37.41 11.86
N LEU E 206 -8.00 38.04 12.36
CA LEU E 206 -6.89 37.35 12.98
C LEU E 206 -6.49 38.07 14.27
N ARG E 207 -5.76 37.36 15.13
CA ARG E 207 -5.24 37.98 16.38
C ARG E 207 -3.97 37.25 16.82
N ASN E 208 -2.95 37.97 17.27
CA ASN E 208 -1.73 37.28 17.79
C ASN E 208 -1.79 37.20 19.31
N THR E 209 -1.14 36.18 19.90
CA THR E 209 -1.22 35.97 21.37
C THR E 209 0.03 35.27 21.87
N THR E 210 0.39 35.50 23.14
CA THR E 210 1.56 34.89 23.75
C THR E 210 1.17 34.31 25.11
N GLU E 211 1.80 33.21 25.49
CA GLU E 211 1.54 32.56 26.77
C GLU E 211 2.70 31.62 27.09
N VAL E 212 2.74 31.17 28.34
CA VAL E 212 3.78 30.29 28.84
C VAL E 212 3.13 28.98 29.28
N VAL E 213 3.56 27.88 28.71
CA VAL E 213 3.01 26.56 29.03
C VAL E 213 3.98 25.89 29.99
N LYS E 214 3.46 24.98 30.81
CA LYS E 214 4.26 24.20 31.73
C LYS E 214 4.16 22.73 31.35
N THR E 215 5.28 22.15 30.95
CA THR E 215 5.34 20.74 30.54
C THR E 215 6.25 19.98 31.50
N THR E 216 6.53 18.72 31.16
CA THR E 216 7.36 17.88 32.00
C THR E 216 8.85 18.14 31.81
N SER E 217 9.25 18.93 30.82
CA SER E 217 10.65 19.21 30.56
C SER E 217 11.01 20.68 30.71
N GLY E 218 10.13 21.51 31.25
CA GLY E 218 10.44 22.91 31.47
C GLY E 218 9.25 23.78 31.15
N ASP E 219 9.51 25.08 31.10
CA ASP E 219 8.51 26.09 30.77
C ASP E 219 8.80 26.62 29.37
N TYR E 220 7.79 26.66 28.51
CA TYR E 220 7.98 27.07 27.13
C TYR E 220 7.05 28.24 26.79
N VAL E 221 7.59 29.21 26.07
CA VAL E 221 6.81 30.32 25.54
C VAL E 221 6.12 29.85 24.26
N VAL E 222 4.80 29.96 24.24
CA VAL E 222 4.00 29.48 23.12
C VAL E 222 3.37 30.68 22.42
N MET E 223 3.59 30.78 21.12
CA MET E 223 3.00 31.84 20.30
C MET E 223 1.81 31.28 19.54
N SER E 224 0.67 31.94 19.64
CA SER E 224 -0.56 31.49 19.03
C SER E 224 -1.09 32.53 18.06
N VAL E 225 -1.59 32.06 16.93
CA VAL E 225 -2.31 32.90 15.97
C VAL E 225 -3.69 32.32 15.78
N TYR E 226 -4.73 33.07 16.16
CA TYR E 226 -6.08 32.59 15.97
C TYR E 226 -6.66 33.17 14.68
N PHE E 227 -7.22 32.30 13.84
CA PHE E 227 -7.88 32.70 12.60
C PHE E 227 -9.38 32.56 12.77
N ASP E 228 -10.10 33.66 12.73
CA ASP E 228 -11.53 33.66 12.96
C ASP E 228 -12.26 33.36 11.66
N LEU E 229 -12.98 32.24 11.62
CA LEU E 229 -13.71 31.81 10.44
C LEU E 229 -15.18 31.64 10.76
N SER E 230 -16.03 32.20 9.91
CA SER E 230 -17.48 32.03 10.02
C SER E 230 -17.98 31.32 8.77
N ARG E 231 -19.01 30.49 8.93
CA ARG E 231 -19.54 29.73 7.81
C ARG E 231 -20.34 30.64 6.88
N ARG E 232 -20.22 30.40 5.58
CA ARG E 232 -20.92 31.20 4.58
C ARG E 232 -22.24 30.54 4.18
N ASN F 1 5.58 -39.26 13.37
CA ASN F 1 6.79 -39.01 12.59
C ASN F 1 6.48 -39.00 11.09
N ILE F 2 7.53 -39.04 10.28
CA ILE F 2 7.39 -39.19 8.84
C ILE F 2 7.86 -40.60 8.50
N VAL F 3 7.01 -41.40 7.88
CA VAL F 3 7.30 -42.81 7.61
C VAL F 3 7.68 -42.95 6.15
N MET F 4 8.91 -43.41 5.90
CA MET F 4 9.38 -43.69 4.56
C MET F 4 9.05 -45.13 4.21
N THR F 5 8.41 -45.32 3.06
CA THR F 5 7.90 -46.64 2.65
C THR F 5 8.42 -47.02 1.28
N GLN F 6 9.75 -46.99 1.10
CA GLN F 6 10.36 -47.29 -0.18
C GLN F 6 10.11 -48.75 -0.56
N SER F 7 9.83 -48.97 -1.85
CA SER F 7 9.50 -50.28 -2.41
C SER F 7 10.33 -50.47 -3.68
N PRO F 8 10.69 -51.72 -4.04
CA PRO F 8 10.46 -53.02 -3.38
C PRO F 8 11.59 -53.42 -2.47
N LYS F 9 11.63 -54.66 -1.96
CA LYS F 9 12.73 -55.04 -1.09
C LYS F 9 14.01 -55.33 -1.87
N SER F 10 13.88 -55.97 -3.02
CA SER F 10 15.07 -56.30 -3.81
C SER F 10 14.71 -56.39 -5.28
N MET F 11 15.69 -56.07 -6.12
CA MET F 11 15.56 -56.17 -7.57
C MET F 11 16.78 -56.92 -8.11
N SER F 12 16.53 -57.82 -9.06
CA SER F 12 17.56 -58.70 -9.62
C SER F 12 17.52 -58.59 -11.14
N MET F 13 18.33 -57.68 -11.70
CA MET F 13 18.46 -57.54 -13.14
C MET F 13 19.93 -57.49 -13.52
N SER F 14 20.19 -57.44 -14.82
CA SER F 14 21.53 -57.58 -15.37
C SER F 14 22.22 -56.20 -15.44
N VAL F 15 23.32 -56.15 -16.16
CA VAL F 15 24.18 -54.96 -16.24
C VAL F 15 23.96 -54.28 -17.58
N GLY F 16 23.61 -53.00 -17.54
CA GLY F 16 23.52 -52.19 -18.73
C GLY F 16 22.14 -51.69 -19.13
N GLU F 17 21.17 -51.69 -18.22
CA GLU F 17 19.80 -51.29 -18.53
C GLU F 17 19.30 -50.29 -17.50
N ARG F 18 18.05 -49.87 -17.67
CA ARG F 18 17.44 -48.87 -16.82
C ARG F 18 16.65 -49.53 -15.70
N VAL F 19 16.86 -49.06 -14.48
CA VAL F 19 16.11 -49.51 -13.32
C VAL F 19 15.79 -48.31 -12.44
N THR F 20 14.58 -48.30 -11.87
CA THR F 20 14.13 -47.19 -11.05
C THR F 20 13.57 -47.69 -9.73
N LEU F 21 13.73 -46.86 -8.70
CA LEU F 21 13.21 -47.10 -7.37
C LEU F 21 12.08 -46.12 -7.09
N SER F 22 11.43 -46.28 -5.94
CA SER F 22 10.31 -45.42 -5.59
C SER F 22 10.23 -45.26 -4.08
N CYS F 23 10.23 -44.01 -3.62
CA CYS F 23 10.14 -43.70 -2.20
C CYS F 23 8.87 -42.92 -1.96
N LYS F 24 8.06 -43.39 -1.03
CA LYS F 24 6.77 -42.79 -0.72
C LYS F 24 6.81 -42.24 0.71
N ALA F 25 6.25 -41.05 0.89
CA ALA F 25 6.22 -40.39 2.18
C ALA F 25 4.83 -40.40 2.77
N SER F 26 4.74 -40.64 4.08
CA SER F 26 3.44 -40.67 4.75
C SER F 26 2.86 -39.27 4.89
N GLU F 27 3.72 -38.27 5.08
CA GLU F 27 3.33 -36.87 5.23
C GLU F 27 4.09 -36.06 4.18
N TYR F 28 3.88 -34.74 4.20
CA TYR F 28 4.56 -33.86 3.26
C TYR F 28 6.03 -33.70 3.67
N VAL F 29 6.93 -34.03 2.75
CA VAL F 29 8.33 -33.63 2.83
C VAL F 29 8.68 -32.94 1.51
N GLY F 30 9.05 -31.68 1.57
CA GLY F 30 9.18 -30.95 0.33
C GLY F 30 10.59 -30.82 -0.20
N THR F 31 10.96 -31.72 -1.11
CA THR F 31 12.29 -31.80 -1.73
C THR F 31 13.40 -31.84 -0.68
N TYR F 32 13.21 -32.66 0.36
CA TYR F 32 14.19 -32.79 1.43
C TYR F 32 14.60 -34.24 1.66
N VAL F 33 14.40 -35.10 0.66
CA VAL F 33 14.81 -36.50 0.78
C VAL F 33 16.29 -36.63 0.47
N SER F 34 16.85 -37.81 0.74
CA SER F 34 18.23 -38.07 0.39
C SER F 34 18.37 -39.53 0.02
N TRP F 35 19.38 -39.84 -0.78
CA TRP F 35 19.59 -41.18 -1.28
C TRP F 35 21.03 -41.58 -1.00
N TYR F 36 21.21 -42.77 -0.42
CA TYR F 36 22.52 -43.27 -0.04
C TYR F 36 22.70 -44.69 -0.57
N GLN F 37 23.95 -45.07 -0.79
CA GLN F 37 24.28 -46.45 -1.11
C GLN F 37 24.92 -47.12 0.10
N GLN F 38 24.73 -48.44 0.19
CA GLN F 38 25.20 -49.21 1.34
C GLN F 38 25.84 -50.48 0.79
N LYS F 39 27.15 -50.43 0.58
CA LYS F 39 27.89 -51.63 0.20
C LYS F 39 28.05 -52.53 1.42
N PRO F 40 28.22 -53.83 1.20
CA PRO F 40 28.52 -54.73 2.33
C PRO F 40 29.86 -54.41 2.97
N GLU F 41 29.86 -54.39 4.32
CA GLU F 41 30.99 -53.99 5.14
C GLU F 41 31.52 -52.60 4.77
N GLN F 42 30.61 -51.63 4.68
CA GLN F 42 30.96 -50.30 4.24
C GLN F 42 29.95 -49.29 4.80
N SER F 43 30.45 -48.10 5.12
CA SER F 43 29.59 -47.03 5.61
C SER F 43 28.76 -46.46 4.47
N PRO F 44 27.61 -45.83 4.77
CA PRO F 44 26.83 -45.17 3.73
C PRO F 44 27.55 -43.95 3.16
N LYS F 45 27.34 -43.72 1.87
CA LYS F 45 27.81 -42.54 1.18
C LYS F 45 26.62 -41.85 0.53
N LEU F 46 26.64 -40.52 0.52
CA LEU F 46 25.52 -39.76 -0.02
C LEU F 46 25.56 -39.79 -1.54
N LEU F 47 24.38 -39.86 -2.16
CA LEU F 47 24.27 -39.79 -3.61
C LEU F 47 23.45 -38.59 -4.06
N ILE F 48 22.24 -38.44 -3.54
CA ILE F 48 21.31 -37.40 -3.96
C ILE F 48 20.92 -36.59 -2.73
N TYR F 49 20.96 -35.27 -2.84
CA TYR F 49 20.43 -34.39 -1.82
C TYR F 49 19.30 -33.55 -2.42
N GLY F 50 18.59 -32.83 -1.56
CA GLY F 50 17.44 -32.08 -2.00
C GLY F 50 16.30 -33.00 -2.41
N ALA F 51 15.94 -32.98 -3.70
CA ALA F 51 15.13 -34.03 -4.30
C ALA F 51 15.88 -34.68 -5.45
N SER F 52 16.38 -33.87 -6.38
CA SER F 52 17.23 -34.34 -7.49
C SER F 52 18.41 -33.38 -7.59
N ASN F 53 19.43 -33.61 -6.78
CA ASN F 53 20.69 -32.89 -6.87
C ASN F 53 21.81 -33.91 -6.81
N ARG F 54 22.70 -33.89 -7.79
CA ARG F 54 23.80 -34.84 -7.82
C ARG F 54 24.92 -34.35 -6.91
N TYR F 55 25.36 -35.22 -6.01
CA TYR F 55 26.48 -34.87 -5.16
C TYR F 55 27.79 -34.93 -5.95
N THR F 56 28.84 -34.31 -5.40
CA THR F 56 30.14 -34.29 -6.07
C THR F 56 30.78 -35.67 -6.04
N GLY F 57 31.28 -36.10 -7.20
CA GLY F 57 31.83 -37.42 -7.35
C GLY F 57 30.83 -38.48 -7.82
N VAL F 58 29.55 -38.16 -7.80
CA VAL F 58 28.52 -39.08 -8.30
C VAL F 58 28.55 -39.06 -9.83
N PRO F 59 28.52 -40.21 -10.49
CA PRO F 59 28.43 -40.22 -11.96
C PRO F 59 27.07 -39.71 -12.43
N ASP F 60 27.04 -39.33 -13.71
CA ASP F 60 25.85 -38.72 -14.29
C ASP F 60 24.72 -39.72 -14.52
N ARG F 61 24.99 -41.03 -14.39
CA ARG F 61 23.97 -42.04 -14.58
C ARG F 61 22.96 -42.06 -13.44
N PHE F 62 23.30 -41.50 -12.28
CA PHE F 62 22.43 -41.52 -11.10
C PHE F 62 21.56 -40.27 -11.12
N THR F 63 20.30 -40.44 -11.49
CA THR F 63 19.37 -39.32 -11.61
C THR F 63 18.16 -39.56 -10.74
N GLY F 64 17.88 -38.62 -9.84
CA GLY F 64 16.70 -38.66 -9.00
C GLY F 64 15.60 -37.77 -9.55
N SER F 65 14.46 -37.82 -8.88
CA SER F 65 13.31 -37.00 -9.22
C SER F 65 12.40 -36.91 -8.00
N GLY F 66 11.83 -35.73 -7.79
CA GLY F 66 11.12 -35.47 -6.56
C GLY F 66 9.83 -34.70 -6.76
N SER F 67 9.05 -34.64 -5.69
CA SER F 67 7.74 -33.99 -5.67
C SER F 67 7.42 -33.66 -4.22
N ALA F 68 6.15 -33.39 -3.93
CA ALA F 68 5.75 -33.10 -2.56
C ALA F 68 5.68 -34.39 -1.73
N THR F 69 5.26 -35.48 -2.32
CA THR F 69 5.10 -36.72 -1.57
C THR F 69 5.78 -37.92 -2.21
N ASP F 70 5.72 -38.03 -3.54
CA ASP F 70 6.26 -39.18 -4.25
C ASP F 70 7.68 -38.88 -4.75
N PHE F 71 8.60 -39.80 -4.48
CA PHE F 71 9.99 -39.64 -4.85
C PHE F 71 10.48 -40.89 -5.56
N THR F 72 11.43 -40.72 -6.48
CA THR F 72 11.96 -41.84 -7.23
C THR F 72 13.42 -41.58 -7.55
N LEU F 73 14.15 -42.68 -7.77
CA LEU F 73 15.56 -42.64 -8.14
C LEU F 73 15.77 -43.55 -9.33
N THR F 74 16.18 -42.98 -10.45
CA THR F 74 16.33 -43.70 -11.71
C THR F 74 17.80 -43.97 -11.96
N ILE F 75 18.11 -45.19 -12.40
CA ILE F 75 19.49 -45.61 -12.66
C ILE F 75 19.60 -45.89 -14.15
N GLY F 76 20.60 -45.31 -14.81
CA GLY F 76 20.79 -45.53 -16.22
C GLY F 76 22.02 -46.34 -16.55
N SER F 77 21.83 -47.53 -17.11
CA SER F 77 22.90 -48.47 -17.49
C SER F 77 23.76 -48.83 -16.28
N VAL F 78 23.12 -49.53 -15.34
CA VAL F 78 23.76 -49.95 -14.09
C VAL F 78 24.91 -50.91 -14.39
N GLN F 79 26.03 -50.71 -13.69
CA GLN F 79 27.21 -51.56 -13.85
C GLN F 79 27.33 -52.52 -12.68
N ALA F 80 28.42 -53.28 -12.68
CA ALA F 80 28.61 -54.31 -11.66
C ALA F 80 29.02 -53.72 -10.32
N GLU F 81 29.71 -52.58 -10.32
CA GLU F 81 30.15 -51.96 -9.08
C GLU F 81 29.04 -51.20 -8.37
N ASP F 82 27.88 -51.05 -8.99
CA ASP F 82 26.73 -50.39 -8.38
C ASP F 82 25.85 -51.37 -7.61
N LEU F 83 26.27 -52.64 -7.50
CA LEU F 83 25.47 -53.67 -6.85
C LEU F 83 25.55 -53.50 -5.33
N ALA F 84 24.74 -52.62 -4.77
CA ALA F 84 24.76 -52.33 -3.35
C ALA F 84 23.32 -52.15 -2.87
N ASP F 85 23.17 -51.61 -1.67
CA ASP F 85 21.88 -51.41 -1.04
C ASP F 85 21.58 -49.92 -0.96
N TYR F 86 20.37 -49.54 -1.33
CA TYR F 86 19.98 -48.14 -1.45
C TYR F 86 18.95 -47.78 -0.37
N HIS F 87 19.12 -46.61 0.23
CA HIS F 87 18.29 -46.13 1.33
C HIS F 87 17.71 -44.77 0.99
N CYS F 88 16.50 -44.51 1.48
CA CYS F 88 15.81 -43.24 1.32
C CYS F 88 15.62 -42.61 2.68
N GLY F 89 16.08 -41.36 2.83
CA GLY F 89 15.87 -40.60 4.04
C GLY F 89 14.97 -39.39 3.79
N GLN F 90 14.76 -38.63 4.86
CA GLN F 90 14.08 -37.35 4.76
C GLN F 90 14.60 -36.46 5.87
N SER F 91 14.50 -35.15 5.67
CA SER F 91 14.89 -34.24 6.75
C SER F 91 14.01 -33.00 6.81
N TYR F 92 12.79 -33.04 6.28
CA TYR F 92 11.87 -31.92 6.48
C TYR F 92 11.44 -31.82 7.93
N SER F 93 11.40 -32.94 8.63
CA SER F 93 11.18 -33.02 10.06
C SER F 93 12.43 -33.64 10.67
N TYR F 94 12.34 -34.10 11.91
CA TYR F 94 13.37 -34.97 12.47
C TYR F 94 13.54 -36.19 11.57
N PRO F 95 14.77 -36.59 11.26
CA PRO F 95 14.99 -37.52 10.14
C PRO F 95 14.56 -38.95 10.44
N THR F 96 14.00 -39.58 9.43
CA THR F 96 13.70 -41.01 9.41
C THR F 96 14.29 -41.63 8.15
N PHE F 97 14.15 -42.92 7.98
CA PHE F 97 14.67 -43.48 6.72
C PHE F 97 13.68 -44.54 6.24
N GLY F 98 14.11 -45.38 5.32
CA GLY F 98 13.25 -46.49 4.86
C GLY F 98 14.01 -47.79 4.99
N ALA F 99 13.32 -48.92 4.85
CA ALA F 99 13.97 -50.23 5.02
C ALA F 99 15.14 -50.36 4.05
N GLY F 100 14.95 -49.95 2.81
CA GLY F 100 16.04 -49.98 1.83
C GLY F 100 15.72 -50.89 0.66
N THR F 101 16.46 -50.76 -0.43
CA THR F 101 16.27 -51.70 -1.57
C THR F 101 17.61 -52.35 -1.82
N LYS F 102 17.64 -53.64 -2.13
CA LYS F 102 18.95 -54.26 -2.49
C LYS F 102 19.02 -54.45 -3.99
N LEU F 103 20.20 -54.72 -4.51
CA LEU F 103 20.31 -55.05 -5.92
C LEU F 103 20.99 -56.40 -6.08
N GLU F 104 20.53 -57.17 -7.04
CA GLU F 104 21.08 -58.49 -7.32
C GLU F 104 21.28 -58.62 -8.82
N LEU F 105 22.00 -59.68 -9.21
CA LEU F 105 22.31 -59.91 -10.62
C LEU F 105 21.11 -60.49 -11.37
N VAL G 2 37.00 -33.33 7.01
CA VAL G 2 36.52 -34.11 5.87
C VAL G 2 36.52 -35.58 6.20
N GLN G 3 37.07 -35.94 7.36
CA GLN G 3 37.18 -37.32 7.80
C GLN G 3 36.59 -37.46 9.18
N LEU G 4 35.80 -38.52 9.38
CA LEU G 4 35.18 -38.82 10.66
C LEU G 4 35.70 -40.17 11.14
N GLN G 5 36.52 -40.14 12.18
CA GLN G 5 37.16 -41.34 12.71
C GLN G 5 36.44 -41.76 13.99
N GLN G 6 36.05 -43.03 14.07
CA GLN G 6 35.31 -43.53 15.21
C GLN G 6 36.21 -44.40 16.08
N SER G 7 35.63 -44.97 17.14
CA SER G 7 36.35 -45.83 18.07
C SER G 7 36.35 -47.26 17.55
N GLY G 8 36.74 -48.21 18.40
CA GLY G 8 36.76 -49.61 18.03
C GLY G 8 35.47 -50.32 18.41
N ALA G 9 35.41 -51.59 18.03
CA ALA G 9 34.27 -52.43 18.36
C ALA G 9 34.26 -52.77 19.84
N GLU G 10 33.06 -52.95 20.39
CA GLU G 10 32.87 -53.21 21.81
C GLU G 10 32.21 -54.55 22.02
N LEU G 11 32.48 -55.16 23.18
CA LEU G 11 31.87 -56.43 23.57
C LEU G 11 31.72 -56.41 25.09
N VAL G 12 30.49 -56.15 25.56
CA VAL G 12 30.18 -56.08 26.97
C VAL G 12 28.96 -56.94 27.25
N LYS G 13 28.76 -57.25 28.54
CA LYS G 13 27.62 -58.05 28.95
C LYS G 13 26.33 -57.22 28.86
N PRO G 14 25.18 -57.88 28.68
CA PRO G 14 23.91 -57.17 28.72
C PRO G 14 23.62 -56.59 30.11
N GLY G 15 22.88 -55.49 30.12
CA GLY G 15 22.60 -54.77 31.35
C GLY G 15 23.67 -53.81 31.78
N ALA G 16 24.74 -53.67 31.02
CA ALA G 16 25.85 -52.79 31.34
C ALA G 16 25.69 -51.45 30.63
N SER G 17 26.75 -50.65 30.64
CA SER G 17 26.80 -49.39 29.92
C SER G 17 28.10 -49.33 29.12
N VAL G 18 28.03 -48.70 27.95
CA VAL G 18 29.17 -48.62 27.05
C VAL G 18 29.37 -47.16 26.63
N LYS G 19 30.64 -46.74 26.58
CA LYS G 19 31.03 -45.42 26.13
C LYS G 19 31.54 -45.51 24.69
N LEU G 20 30.95 -44.71 23.81
CA LEU G 20 31.24 -44.80 22.39
C LEU G 20 31.45 -43.40 21.84
N SER G 21 32.43 -43.25 20.95
CA SER G 21 32.93 -41.93 20.60
C SER G 21 33.32 -41.86 19.13
N CYS G 22 33.33 -40.65 18.60
CA CYS G 22 33.91 -40.38 17.29
C CYS G 22 34.45 -38.96 17.25
N THR G 23 35.65 -38.81 16.71
CA THR G 23 36.36 -37.54 16.66
C THR G 23 36.37 -37.02 15.23
N ALA G 24 35.97 -35.77 15.04
CA ALA G 24 35.87 -35.16 13.73
C ALA G 24 37.16 -34.42 13.39
N SER G 25 37.56 -34.51 12.12
CA SER G 25 38.75 -33.84 11.63
C SER G 25 38.43 -33.11 10.33
N GLY G 26 39.18 -32.04 10.07
CA GLY G 26 39.00 -31.25 8.87
C GLY G 26 38.02 -30.11 8.99
N PHE G 27 37.30 -30.01 10.10
CA PHE G 27 36.33 -28.94 10.32
C PHE G 27 36.12 -28.80 11.83
N ASN G 28 35.15 -27.98 12.21
CA ASN G 28 34.75 -27.85 13.61
C ASN G 28 33.29 -28.24 13.74
N ILE G 29 32.95 -28.87 14.87
CA ILE G 29 31.61 -29.41 15.07
C ILE G 29 30.61 -28.36 15.50
N LYS G 30 31.05 -27.14 15.79
CA LYS G 30 30.12 -26.08 16.18
C LYS G 30 29.32 -25.55 15.00
N ASP G 31 29.79 -25.78 13.78
CA ASP G 31 29.09 -25.28 12.59
C ASP G 31 27.95 -26.21 12.20
N THR G 32 28.25 -27.49 12.01
CA THR G 32 27.29 -28.45 11.50
C THR G 32 26.75 -29.33 12.62
N TYR G 33 25.50 -29.75 12.47
CA TYR G 33 24.85 -30.65 13.41
C TYR G 33 25.48 -32.03 13.34
N MET G 34 25.35 -32.78 14.43
CA MET G 34 25.84 -34.15 14.50
C MET G 34 24.65 -35.08 14.71
N TYR G 35 24.62 -36.15 13.92
CA TYR G 35 23.51 -37.10 13.92
C TYR G 35 24.04 -38.47 14.27
N TRP G 36 23.34 -39.20 15.12
CA TRP G 36 23.66 -40.59 15.43
C TRP G 36 22.60 -41.50 14.83
N VAL G 37 23.03 -42.63 14.29
CA VAL G 37 22.13 -43.55 13.60
C VAL G 37 22.52 -44.98 13.97
N LYS G 38 21.52 -45.87 13.94
CA LYS G 38 21.71 -47.27 14.31
C LYS G 38 21.40 -48.15 13.10
N GLN G 39 22.31 -49.06 12.78
CA GLN G 39 22.17 -50.01 11.68
C GLN G 39 22.17 -51.42 12.27
N ARG G 40 20.98 -52.00 12.45
CA ARG G 40 20.89 -53.40 12.79
C ARG G 40 21.30 -54.24 11.58
N PRO G 41 21.90 -55.41 11.79
CA PRO G 41 22.27 -56.27 10.65
C PRO G 41 21.06 -56.78 9.89
N GLU G 42 21.15 -56.69 8.55
CA GLU G 42 20.09 -57.03 7.60
C GLU G 42 18.80 -56.26 7.89
N GLN G 43 18.95 -54.98 8.26
CA GLN G 43 17.84 -54.11 8.55
C GLN G 43 18.15 -52.72 7.97
N GLY G 44 17.28 -51.77 8.27
CA GLY G 44 17.47 -50.40 7.80
C GLY G 44 18.03 -49.49 8.87
N LEU G 45 18.31 -48.25 8.46
CA LEU G 45 18.87 -47.26 9.36
C LEU G 45 17.80 -46.74 10.31
N GLU G 46 18.19 -46.53 11.57
CA GLU G 46 17.30 -45.98 12.59
C GLU G 46 18.00 -44.80 13.24
N TRP G 47 17.39 -43.62 13.13
CA TRP G 47 18.01 -42.41 13.65
C TRP G 47 17.94 -42.38 15.18
N ILE G 48 19.07 -42.11 15.82
CA ILE G 48 19.15 -42.14 17.28
C ILE G 48 18.75 -40.79 17.83
N GLY G 49 19.49 -39.74 17.48
CA GLY G 49 19.23 -38.45 18.09
C GLY G 49 20.00 -37.35 17.41
N ARG G 50 19.94 -36.17 18.02
CA ARG G 50 20.49 -34.94 17.47
C ARG G 50 21.28 -34.23 18.56
N ILE G 51 22.32 -33.50 18.17
CA ILE G 51 23.00 -32.57 19.07
C ILE G 51 23.48 -31.36 18.26
N ASP G 52 23.25 -30.17 18.82
CA ASP G 52 23.83 -28.94 18.30
C ASP G 52 24.93 -28.51 19.26
N PRO G 53 26.20 -28.72 18.91
CA PRO G 53 27.28 -28.45 19.87
C PRO G 53 27.48 -27.00 20.23
N ALA G 54 27.11 -26.06 19.34
CA ALA G 54 27.27 -24.65 19.66
C ALA G 54 26.23 -24.21 20.68
N ASN G 55 25.08 -24.86 20.71
CA ASN G 55 24.00 -24.51 21.62
C ASN G 55 23.86 -25.49 22.78
N GLY G 56 24.37 -26.71 22.64
CA GLY G 56 24.19 -27.73 23.64
C GLY G 56 22.86 -28.44 23.58
N ASP G 57 21.99 -28.07 22.64
CA ASP G 57 20.66 -28.66 22.53
C ASP G 57 20.74 -30.08 22.02
N THR G 58 19.90 -30.95 22.57
CA THR G 58 19.79 -32.33 22.12
C THR G 58 18.33 -32.69 21.93
N LYS G 59 18.06 -33.44 20.87
CA LYS G 59 16.73 -33.97 20.60
C LYS G 59 16.89 -35.45 20.24
N TYR G 60 16.01 -36.28 20.77
CA TYR G 60 16.15 -37.73 20.66
C TYR G 60 14.90 -38.34 20.05
N ASP G 61 15.10 -39.51 19.43
CA ASP G 61 14.01 -40.34 18.97
C ASP G 61 13.21 -40.82 20.19
N PRO G 62 11.87 -40.70 20.14
CA PRO G 62 11.06 -41.12 21.30
C PRO G 62 11.17 -42.60 21.68
N LYS G 63 11.56 -43.46 20.76
CA LYS G 63 11.87 -44.84 21.13
C LYS G 63 13.26 -44.99 21.72
N PHE G 64 14.11 -43.96 21.60
CA PHE G 64 15.46 -43.99 22.18
C PHE G 64 15.63 -42.99 23.30
N GLN G 65 14.54 -42.41 23.80
CA GLN G 65 14.63 -41.39 24.84
C GLN G 65 14.94 -42.04 26.19
N GLY G 66 15.93 -41.51 26.88
CA GLY G 66 16.34 -42.03 28.18
C GLY G 66 17.44 -43.07 28.12
N LYS G 67 17.33 -44.03 27.21
CA LYS G 67 18.32 -45.10 27.10
C LYS G 67 19.53 -44.71 26.28
N ALA G 68 19.55 -43.53 25.67
CA ALA G 68 20.71 -43.05 24.94
C ALA G 68 20.76 -41.53 24.99
N THR G 69 21.93 -41.00 25.32
CA THR G 69 22.11 -39.55 25.35
C THR G 69 23.44 -39.21 24.66
N ILE G 70 23.49 -37.99 24.14
CA ILE G 70 24.61 -37.53 23.32
C ILE G 70 25.23 -36.31 23.98
N THR G 71 26.55 -36.31 24.11
CA THR G 71 27.30 -35.20 24.67
C THR G 71 28.33 -34.71 23.66
N THR G 72 29.02 -33.63 24.03
CA THR G 72 30.05 -33.05 23.16
C THR G 72 31.04 -32.27 24.01
N ASP G 73 32.18 -31.95 23.41
CA ASP G 73 33.13 -31.03 24.00
C ASP G 73 33.82 -30.24 22.89
N THR G 74 34.19 -29.00 23.23
CA THR G 74 34.67 -28.05 22.23
C THR G 74 36.14 -28.24 21.88
N PHE G 75 36.99 -28.48 22.89
CA PHE G 75 38.43 -28.56 22.65
C PHE G 75 38.80 -29.81 21.87
N SER G 76 38.16 -30.93 22.17
CA SER G 76 38.53 -32.19 21.52
C SER G 76 37.89 -32.37 20.15
N ASN G 77 36.86 -31.57 19.82
CA ASN G 77 36.08 -31.66 18.58
C ASN G 77 35.52 -33.08 18.39
N THR G 78 34.82 -33.54 19.44
CA THR G 78 34.47 -34.95 19.56
C THR G 78 33.05 -35.07 20.06
N ALA G 79 32.29 -36.01 19.48
CA ALA G 79 30.93 -36.33 19.92
C ALA G 79 30.91 -37.73 20.53
N TYR G 80 30.03 -37.93 21.50
CA TYR G 80 30.02 -39.15 22.31
C TYR G 80 28.62 -39.75 22.37
N LEU G 81 28.56 -41.06 22.64
CA LEU G 81 27.33 -41.73 23.04
C LEU G 81 27.45 -42.30 24.44
N GLN G 82 26.31 -42.31 25.14
CA GLN G 82 26.15 -43.04 26.38
C GLN G 82 24.96 -43.98 26.22
N LEU G 83 25.24 -45.28 26.21
CA LEU G 83 24.20 -46.29 26.11
C LEU G 83 24.02 -46.93 27.49
N SER G 84 22.76 -47.13 27.89
CA SER G 84 22.45 -47.69 29.19
C SER G 84 21.42 -48.80 29.02
N SER G 85 21.52 -49.82 29.90
CA SER G 85 20.66 -51.00 29.94
C SER G 85 20.69 -51.73 28.58
N LEU G 86 21.89 -52.22 28.25
CA LEU G 86 22.10 -52.91 27.00
C LEU G 86 21.40 -54.26 27.00
N THR G 87 20.76 -54.58 25.87
CA THR G 87 19.99 -55.80 25.73
C THR G 87 20.41 -56.54 24.46
N SER G 88 19.66 -57.57 24.08
CA SER G 88 20.01 -58.34 22.89
C SER G 88 19.69 -57.59 21.60
N GLU G 89 18.67 -56.73 21.62
CA GLU G 89 18.29 -55.98 20.43
C GLU G 89 19.22 -54.81 20.14
N ASP G 90 20.12 -54.46 21.05
CA ASP G 90 21.04 -53.36 20.87
C ASP G 90 22.32 -53.77 20.14
N THR G 91 22.42 -55.02 19.72
CA THR G 91 23.57 -55.48 18.94
C THR G 91 23.45 -54.95 17.52
N ALA G 92 24.19 -53.90 17.21
CA ALA G 92 24.12 -53.26 15.90
C ALA G 92 25.45 -52.56 15.62
N VAL G 93 25.48 -51.75 14.57
CA VAL G 93 26.64 -50.94 14.23
C VAL G 93 26.19 -49.48 14.14
N TYR G 94 27.00 -48.59 14.70
CA TYR G 94 26.63 -47.19 14.89
C TYR G 94 27.48 -46.27 14.04
N TYR G 95 26.85 -45.24 13.49
CA TYR G 95 27.53 -44.20 12.73
C TYR G 95 27.16 -42.84 13.29
N CYS G 96 28.12 -41.92 13.27
CA CYS G 96 27.86 -40.52 13.57
C CYS G 96 27.91 -39.73 12.27
N ALA G 97 26.91 -38.89 12.03
CA ALA G 97 26.69 -38.26 10.74
C ALA G 97 26.80 -36.75 10.85
N ARG G 98 27.57 -36.16 9.94
CA ARG G 98 27.66 -34.71 9.80
C ARG G 98 26.51 -34.18 8.96
N LYS G 99 25.85 -33.14 9.45
CA LYS G 99 24.86 -32.45 8.64
C LYS G 99 25.55 -31.69 7.52
N GLY G 100 25.11 -31.93 6.28
CA GLY G 100 25.72 -31.37 5.11
C GLY G 100 24.84 -30.37 4.39
N LEU G 101 24.97 -30.34 3.07
CA LEU G 101 24.23 -29.38 2.26
C LEU G 101 22.78 -29.84 2.11
N ARG G 102 21.86 -28.92 2.42
CA ARG G 102 20.40 -29.15 2.41
C ARG G 102 20.00 -30.33 3.29
N TRP G 103 20.68 -30.47 4.43
CA TRP G 103 20.36 -31.41 5.51
C TRP G 103 20.33 -32.86 5.01
N ALA G 104 21.50 -33.32 4.60
CA ALA G 104 21.54 -34.56 3.83
C ALA G 104 22.42 -35.65 4.40
N MET G 105 23.05 -35.43 5.56
CA MET G 105 23.99 -36.35 6.21
C MET G 105 25.17 -36.69 5.27
N ASP G 106 25.96 -35.65 5.04
CA ASP G 106 27.13 -35.66 4.16
C ASP G 106 28.16 -36.74 4.51
N TYR G 107 28.79 -36.63 5.69
CA TYR G 107 29.91 -37.48 6.04
C TYR G 107 29.50 -38.50 7.09
N TRP G 108 30.00 -39.72 6.96
CA TRP G 108 29.64 -40.77 7.92
C TRP G 108 30.89 -41.36 8.56
N GLY G 109 30.85 -41.67 9.85
CA GLY G 109 32.00 -42.34 10.49
C GLY G 109 32.09 -43.77 10.00
N GLN G 110 33.24 -44.41 10.20
CA GLN G 110 33.45 -45.79 9.70
C GLN G 110 32.37 -46.74 10.24
N GLY G 111 31.98 -46.59 11.49
CA GLY G 111 31.01 -47.53 12.09
C GLY G 111 31.61 -48.28 13.27
N THR G 112 30.91 -48.29 14.41
CA THR G 112 31.42 -48.93 15.65
C THR G 112 30.49 -50.07 16.03
N SER G 113 30.98 -51.30 16.01
CA SER G 113 30.12 -52.47 16.27
C SER G 113 30.01 -52.76 17.76
N VAL G 114 28.79 -52.97 18.26
CA VAL G 114 28.63 -53.40 19.64
C VAL G 114 28.04 -54.80 19.64
N THR G 115 28.40 -55.59 20.64
CA THR G 115 27.94 -56.96 20.74
C THR G 115 27.71 -57.30 22.21
N VAL G 116 26.57 -57.91 22.50
CA VAL G 116 26.25 -58.36 23.85
C VAL G 116 26.33 -59.87 23.88
N SER G 117 26.40 -60.42 25.09
CA SER G 117 26.52 -61.86 25.27
C SER G 117 25.78 -62.32 26.51
C1 NAG H . 1.65 1.20 -29.90
C2 NAG H . 2.03 0.00 -30.75
C3 NAG H . 3.39 0.21 -31.38
C4 NAG H . 3.39 1.51 -32.19
C5 NAG H . 2.96 2.66 -31.28
C6 NAG H . 2.82 3.97 -32.02
C7 NAG H . 1.09 -2.14 -30.16
C8 NAG H . 1.38 -3.51 -29.61
N2 NAG H . 2.02 -1.22 -29.97
O3 NAG H . 3.72 -0.90 -32.19
O4 NAG H . 4.71 1.80 -32.64
O5 NAG H . 1.68 2.38 -30.68
O6 NAG H . 4.08 4.42 -32.51
O7 NAG H . 0.05 -1.89 -30.77
C1 NAG H . 4.93 1.50 -34.04
C2 NAG H . 6.32 2.06 -34.28
C3 NAG H . 6.85 1.65 -35.64
C4 NAG H . 6.74 0.15 -35.86
C5 NAG H . 5.32 -0.32 -35.56
C6 NAG H . 5.19 -1.83 -35.59
C7 NAG H . 6.88 4.21 -33.24
C8 NAG H . 7.38 3.44 -32.07
N2 NAG H . 6.28 3.50 -34.20
O3 NAG H . 8.20 2.08 -35.70
O4 NAG H . 6.96 -0.23 -37.22
O5 NAG H . 4.86 0.10 -34.26
O6 NAG H . 6.36 -2.46 -35.09
O7 NAG H . 6.96 5.44 -33.31
C1 BMA H . 8.01 0.34 -38.01
C2 BMA H . 8.15 -0.61 -39.19
C3 BMA H . 9.15 -0.08 -40.18
C4 BMA H . 8.74 1.30 -40.64
C5 BMA H . 8.59 2.22 -39.43
C6 BMA H . 8.08 3.59 -39.79
O2 BMA H . 6.88 -0.82 -39.80
O3 BMA H . 9.21 -0.97 -41.30
O4 BMA H . 9.72 1.85 -41.52
O5 BMA H . 7.65 1.64 -38.49
O6 BMA H . 8.98 4.24 -40.68
C1 NAG I . -5.72 -4.78 27.86
C2 NAG I . -5.95 -4.24 29.26
C3 NAG I . -4.66 -4.34 30.07
C4 NAG I . -4.14 -5.77 30.06
C5 NAG I . -3.98 -6.25 28.63
C6 NAG I . -3.60 -7.70 28.54
C7 NAG I . -6.87 -2.22 30.28
C8 NAG I . -6.46 -0.78 30.37
N2 NAG I . -6.43 -2.87 29.21
O3 NAG I . -4.88 -3.91 31.41
O4 NAG I . -2.85 -5.79 30.67
O5 NAG I . -5.21 -6.10 27.90
O6 NAG I . -4.32 -8.46 29.52
O7 NAG I . -7.55 -2.75 31.14
C1 NAG I . -2.88 -6.60 31.85
C2 NAG I . -1.54 -7.33 31.98
C3 NAG I . -1.55 -8.18 33.24
C4 NAG I . -1.89 -7.33 34.45
C5 NAG I . -3.21 -6.61 34.22
C6 NAG I . -3.58 -5.67 35.34
C7 NAG I . -0.09 -8.23 30.24
C8 NAG I . -0.10 -8.61 28.79
N2 NAG I . -1.26 -8.18 30.85
O3 NAG I . -0.28 -8.80 33.38
O4 NAG I . -2.05 -8.18 35.58
O5 NAG I . -3.16 -5.83 33.00
O6 NAG I . -2.50 -4.80 35.64
O7 NAG I . 0.96 -7.98 30.83
C1 BMA I . -0.83 -8.27 36.35
C2 BMA I . -0.98 -7.38 37.55
C3 BMA I . 0.19 -7.54 38.50
C4 BMA I . 0.34 -9.00 38.87
C5 BMA I . 0.45 -9.87 37.63
C6 BMA I . 0.44 -11.35 37.93
O2 BMA I . -2.20 -7.64 38.22
O3 BMA I . -0.04 -6.76 39.67
O4 BMA I . 1.50 -9.19 39.67
O5 BMA I . -0.67 -9.63 36.75
O6 BMA I . 1.56 -11.72 38.73
C1 NAG J . 13.64 6.00 8.48
C2 NAG J . 14.33 7.24 9.02
C3 NAG J . 13.90 8.47 8.23
C4 NAG J . 14.13 8.26 6.75
C5 NAG J . 13.44 6.98 6.28
C6 NAG J . 13.76 6.64 4.85
C7 NAG J . 15.00 7.37 11.33
C8 NAG J . 14.57 7.59 12.75
N2 NAG J . 14.04 7.42 10.42
O3 NAG J . 14.63 9.59 8.70
O4 NAG J . 13.56 9.35 6.04
O5 NAG J . 13.87 5.86 7.09
O6 NAG J . 15.16 6.48 4.68
O7 NAG J . 16.17 7.15 11.03
C1 NAG J . 14.60 10.13 5.45
C2 NAG J . 14.12 10.99 4.27
C3 NAG J . 15.33 11.66 3.64
C4 NAG J . 16.06 12.48 4.68
C5 NAG J . 16.46 11.57 5.83
C6 NAG J . 17.09 12.34 6.97
C7 NAG J . 12.17 9.73 3.51
C8 NAG J . 11.64 8.79 2.48
N2 NAG J . 13.39 10.24 3.29
O3 NAG J . 14.89 12.47 2.57
O4 NAG J . 17.26 13.00 4.11
O5 NAG J . 15.30 10.92 6.39
O6 NAG J . 16.12 13.20 7.55
O7 NAG J . 11.53 10.03 4.51
C1 BMA J . 17.15 14.40 3.85
C2 BMA J . 18.49 14.86 3.35
C3 BMA J . 18.46 16.31 2.99
C4 BMA J . 17.37 16.56 1.97
C5 BMA J . 16.04 16.07 2.52
C6 BMA J . 14.93 16.16 1.51
O2 BMA J . 18.85 14.08 2.21
O3 BMA J . 19.73 16.66 2.44
O4 BMA J . 17.26 17.95 1.70
O5 BMA J . 16.14 14.69 2.88
O6 BMA J . 13.74 15.62 2.04
C1 MAN J . 20.14 17.89 3.05
C2 MAN J . 21.39 18.39 2.38
C3 MAN J . 22.55 17.49 2.71
C4 MAN J . 22.71 17.41 4.23
C5 MAN J . 21.42 16.93 4.86
C6 MAN J . 21.46 16.97 6.36
O2 MAN J . 21.67 19.71 2.81
O3 MAN J . 23.74 17.98 2.11
O4 MAN J . 23.75 16.50 4.56
O5 MAN J . 20.34 17.81 4.47
O6 MAN J . 21.88 18.25 6.83
C1 MAN J . 20.97 20.68 2.02
C2 MAN J . 21.68 21.99 2.19
C3 MAN J . 21.58 22.43 3.64
C4 MAN J . 20.12 22.54 4.03
C5 MAN J . 19.45 21.20 3.80
C6 MAN J . 17.97 21.21 4.08
O2 MAN J . 21.11 22.97 1.33
O3 MAN J . 22.25 23.68 3.82
O4 MAN J . 19.99 22.91 5.40
O5 MAN J . 19.61 20.82 2.42
O6 MAN J . 17.43 19.90 3.92
C1 MAN J . 12.69 16.00 1.16
C2 MAN J . 11.37 15.82 1.87
C3 MAN J . 11.18 14.38 2.23
C4 MAN J . 11.26 13.54 0.98
C5 MAN J . 12.59 13.77 0.30
C6 MAN J . 12.73 13.03 -1.02
O2 MAN J . 10.30 16.27 1.04
O3 MAN J . 9.92 14.23 2.87
O4 MAN J . 11.16 12.15 1.30
O5 MAN J . 12.73 15.17 0.00
O6 MAN J . 14.02 13.27 -1.58
C1 MAN J . 10.18 13.59 4.11
C2 MAN J . 9.21 12.44 4.18
C3 MAN J . 7.80 12.96 4.21
C4 MAN J . 7.64 13.91 5.37
C5 MAN J . 8.65 15.04 5.26
C6 MAN J . 8.62 15.96 6.46
O2 MAN J . 9.49 11.65 5.34
O3 MAN J . 6.90 11.86 4.33
O4 MAN J . 6.32 14.47 5.35
O5 MAN J . 9.97 14.48 5.20
O6 MAN J . 7.28 16.24 6.85
C1 NAG K . 19.20 21.06 36.05
C2 NAG K . 18.20 21.97 36.76
C3 NAG K . 17.93 21.45 38.16
C4 NAG K . 17.45 20.01 38.11
C5 NAG K . 18.49 19.17 37.37
C6 NAG K . 18.04 17.75 37.16
C7 NAG K . 18.04 24.34 36.23
C8 NAG K . 18.58 25.70 36.50
N2 NAG K . 18.68 23.33 36.82
O3 NAG K . 16.95 22.29 38.78
O4 NAG K . 17.27 19.53 39.44
O5 NAG K . 18.73 19.72 36.05
O6 NAG K . 16.74 17.70 36.58
O7 NAG K . 17.07 24.15 35.51
C1 NAG K . 15.97 18.95 39.59
C2 NAG K . 15.75 18.47 41.04
C3 NAG K . 14.41 17.75 41.11
C4 NAG K . 13.29 18.67 40.63
C5 NAG K . 13.61 19.14 39.22
C6 NAG K . 12.61 20.14 38.70
C7 NAG K . 17.83 17.08 41.02
C8 NAG K . 17.66 15.70 40.47
N2 NAG K . 16.77 17.62 41.61
O3 NAG K . 14.19 17.31 42.44
O4 NAG K . 12.06 17.97 40.63
O5 NAG K . 14.89 19.79 39.20
O6 NAG K . 11.35 19.52 38.48
O7 NAG K . 18.91 17.68 40.95
C1 NAG L . 31.21 -14.92 -16.36
C2 NAG L . 31.71 -16.34 -16.14
C3 NAG L . 31.69 -17.08 -17.48
C4 NAG L . 30.30 -17.03 -18.08
C5 NAG L . 29.86 -15.58 -18.22
C6 NAG L . 28.44 -15.46 -18.71
C7 NAG L . 33.35 -17.00 -14.44
C8 NAG L . 32.25 -17.09 -13.43
N2 NAG L . 33.05 -16.38 -15.58
O3 NAG L . 32.12 -18.42 -17.27
O4 NAG L . 30.32 -17.64 -19.38
O5 NAG L . 29.93 -14.92 -16.94
O6 NAG L . 28.02 -14.09 -18.70
O7 NAG L . 34.45 -17.49 -14.24
C1 NAG M . 18.44 10.49 -5.78
C2 NAG M . 18.27 10.86 -4.30
C3 NAG M . 19.64 11.22 -3.72
C4 NAG M . 20.61 10.06 -3.93
C5 NAG M . 20.68 9.73 -5.42
C6 NAG M . 21.51 8.51 -5.71
C7 NAG M . 16.07 11.93 -4.42
C8 NAG M . 15.45 13.23 -4.84
N2 NAG M . 17.36 11.97 -4.09
O3 NAG M . 19.48 11.51 -2.34
O4 NAG M . 21.91 10.45 -3.48
O5 NAG M . 19.36 9.44 -5.92
O6 NAG M . 20.96 7.37 -5.04
O7 NAG M . 15.42 10.88 -4.38
C1 NAG N . 0.48 41.56 17.94
C2 NAG N . -0.68 42.29 18.62
C3 NAG N . -0.46 43.79 18.53
C4 NAG N . 0.90 44.15 19.12
C5 NAG N . 1.99 43.37 18.42
C6 NAG N . 3.35 43.59 19.04
C7 NAG N . -2.92 41.33 18.72
C8 NAG N . -2.84 41.42 20.22
N2 NAG N . -1.96 41.94 18.04
O3 NAG N . -1.51 44.47 19.19
O4 NAG N . 1.13 45.55 18.94
O5 NAG N . 1.72 41.95 18.51
O6 NAG N . 3.67 44.97 19.11
O7 NAG N . -3.82 40.70 18.15
#